data_1IY1
# 
_entry.id   1IY1 
# 
_audit_conform.dict_name       mmcif_pdbx.dic 
_audit_conform.dict_version    5.383 
_audit_conform.dict_location   http://mmcif.pdb.org/dictionaries/ascii/mmcif_pdbx.dic 
# 
loop_
_database_2.database_id 
_database_2.database_code 
_database_2.pdbx_database_accession 
_database_2.pdbx_DOI 
PDB   1IY1         pdb_00001iy1 10.2210/pdb1iy1/pdb 
RCSB  RCSB005391   ?            ?                   
WWPDB D_1000005391 ?            ?                   
# 
loop_
_pdbx_audit_revision_history.ordinal 
_pdbx_audit_revision_history.data_content_type 
_pdbx_audit_revision_history.major_revision 
_pdbx_audit_revision_history.minor_revision 
_pdbx_audit_revision_history.revision_date 
1 'Structure model' 1 0 2002-11-06 
2 'Structure model' 1 1 2008-04-27 
3 'Structure model' 1 2 2011-07-13 
4 'Structure model' 1 3 2023-12-27 
# 
_pdbx_audit_revision_details.ordinal             1 
_pdbx_audit_revision_details.revision_ordinal    1 
_pdbx_audit_revision_details.data_content_type   'Structure model' 
_pdbx_audit_revision_details.provider            repository 
_pdbx_audit_revision_details.type                'Initial release' 
_pdbx_audit_revision_details.description         ? 
_pdbx_audit_revision_details.details             ? 
# 
loop_
_pdbx_audit_revision_group.ordinal 
_pdbx_audit_revision_group.revision_ordinal 
_pdbx_audit_revision_group.data_content_type 
_pdbx_audit_revision_group.group 
1 2 'Structure model' 'Version format compliance' 
2 3 'Structure model' 'Version format compliance' 
3 4 'Structure model' 'Data collection'           
4 4 'Structure model' 'Database references'       
5 4 'Structure model' 'Derived calculations'      
# 
loop_
_pdbx_audit_revision_category.ordinal 
_pdbx_audit_revision_category.revision_ordinal 
_pdbx_audit_revision_category.data_content_type 
_pdbx_audit_revision_category.category 
1 4 'Structure model' chem_comp_atom     
2 4 'Structure model' chem_comp_bond     
3 4 'Structure model' database_2         
4 4 'Structure model' struct_ref_seq_dif 
5 4 'Structure model' struct_site        
# 
loop_
_pdbx_audit_revision_item.ordinal 
_pdbx_audit_revision_item.revision_ordinal 
_pdbx_audit_revision_item.data_content_type 
_pdbx_audit_revision_item.item 
1 4 'Structure model' '_database_2.pdbx_DOI'                
2 4 'Structure model' '_database_2.pdbx_database_accession' 
3 4 'Structure model' '_struct_ref_seq_dif.details'         
4 4 'Structure model' '_struct_site.pdbx_auth_asym_id'      
5 4 'Structure model' '_struct_site.pdbx_auth_comp_id'      
6 4 'Structure model' '_struct_site.pdbx_auth_seq_id'       
# 
_pdbx_database_status.status_code                     REL 
_pdbx_database_status.entry_id                        1IY1 
_pdbx_database_status.recvd_initial_deposition_date   2002-07-10 
_pdbx_database_status.deposit_site                    PDBJ 
_pdbx_database_status.process_site                    PDBJ 
_pdbx_database_status.status_code_sf                  REL 
_pdbx_database_status.SG_entry                        . 
_pdbx_database_status.pdb_format_compatible           Y 
_pdbx_database_status.status_code_mr                  ? 
_pdbx_database_status.status_code_cs                  ? 
_pdbx_database_status.status_code_nmr_data            ? 
_pdbx_database_status.methods_development_category    ? 
# 
loop_
_pdbx_database_related.db_name 
_pdbx_database_related.db_id 
_pdbx_database_related.details 
_pdbx_database_related.content_type 
PDB 1IXZ '1IXZ contains the F1 of FtsH ATPase domain'              unspecified 
PDB 1IY0 '1IY0 contains the F1 of FtsH ATPase domain with AMP-PNP' unspecified 
PDB 1IY2 '1IY2 contains the F2 of FtsH ATPase domain'              unspecified 
# 
loop_
_audit_author.name 
_audit_author.pdbx_ordinal 
'Niwa, H.'     1 
'Tsuchiya, D.' 2 
'Makyio, H.'   3 
'Yoshida, M.'  4 
'Morikawa, K.' 5 
# 
_citation.id                        primary 
_citation.title                     
'Hexameric ring structure of the ATPase domain of the membrane-integrated metalloprotease FtsH from Thermus thermophilus HB8' 
_citation.journal_abbrev            Structure 
_citation.journal_volume            10 
_citation.page_first                1415 
_citation.page_last                 1423 
_citation.year                      2002 
_citation.journal_id_ASTM           STRUE6 
_citation.country                   UK 
_citation.journal_id_ISSN           0969-2126 
_citation.journal_id_CSD            2005 
_citation.book_publisher            ? 
_citation.pdbx_database_id_PubMed   12377127 
_citation.pdbx_database_id_DOI      '10.1016/S0969-2126(02)00855-9' 
# 
loop_
_citation_author.citation_id 
_citation_author.name 
_citation_author.ordinal 
_citation_author.identifier_ORCID 
primary 'Niwa, H.'     1 ? 
primary 'Tsuchiya, D.' 2 ? 
primary 'Makyio, H.'   3 ? 
primary 'Yoshida, M.'  4 ? 
primary 'Morikawa, K.' 5 ? 
# 
loop_
_entity.id 
_entity.type 
_entity.src_method 
_entity.pdbx_description 
_entity.formula_weight 
_entity.pdbx_number_of_molecules 
_entity.pdbx_ec 
_entity.pdbx_mutation 
_entity.pdbx_fragment 
_entity.details 
1 polymer     man 'ATP-dependent metalloprotease FtsH' 27385.463 1  ? ? F1 ? 
2 non-polymer syn "ADENOSINE-5'-DIPHOSPHATE"           427.201   1  ? ? ?  ? 
3 water       nat water                                18.015    35 ? ? ?  ? 
# 
_entity_poly.entity_id                      1 
_entity_poly.type                           'polypeptide(L)' 
_entity_poly.nstd_linkage                   no 
_entity_poly.nstd_monomer                   no 
_entity_poly.pdbx_seq_one_letter_code       
;GPLGSVLTEAPKVTFKDVAGAEEAKEELKEIVEFLKNPSRFHEMGARIPKGVLLVGPPGVGKTHLARAVAGEARVPFITA
SGSDFVEMFVGVGAARVRDLFETAKRHAPCIVFIDEIDAVGRKRGSGVGGGNDEREQTLNQLLVEMDGFEKDTAIVVMAA
TNRPDILDPALLRPGRFDRQIAIDAPDVKGREQILRIHARGKPLAEDVDLALLAKRTPGFVGADLENLLNEAALLAAREG
RRKITMKDLEEAAS
;
_entity_poly.pdbx_seq_one_letter_code_can   
;GPLGSVLTEAPKVTFKDVAGAEEAKEELKEIVEFLKNPSRFHEMGARIPKGVLLVGPPGVGKTHLARAVAGEARVPFITA
SGSDFVEMFVGVGAARVRDLFETAKRHAPCIVFIDEIDAVGRKRGSGVGGGNDEREQTLNQLLVEMDGFEKDTAIVVMAA
TNRPDILDPALLRPGRFDRQIAIDAPDVKGREQILRIHARGKPLAEDVDLALLAKRTPGFVGADLENLLNEAALLAAREG
RRKITMKDLEEAAS
;
_entity_poly.pdbx_strand_id                 A 
_entity_poly.pdbx_target_identifier         ? 
# 
loop_
_pdbx_entity_nonpoly.entity_id 
_pdbx_entity_nonpoly.name 
_pdbx_entity_nonpoly.comp_id 
2 "ADENOSINE-5'-DIPHOSPHATE" ADP 
3 water                      HOH 
# 
loop_
_entity_poly_seq.entity_id 
_entity_poly_seq.num 
_entity_poly_seq.mon_id 
_entity_poly_seq.hetero 
1 1   GLY n 
1 2   PRO n 
1 3   LEU n 
1 4   GLY n 
1 5   SER n 
1 6   VAL n 
1 7   LEU n 
1 8   THR n 
1 9   GLU n 
1 10  ALA n 
1 11  PRO n 
1 12  LYS n 
1 13  VAL n 
1 14  THR n 
1 15  PHE n 
1 16  LYS n 
1 17  ASP n 
1 18  VAL n 
1 19  ALA n 
1 20  GLY n 
1 21  ALA n 
1 22  GLU n 
1 23  GLU n 
1 24  ALA n 
1 25  LYS n 
1 26  GLU n 
1 27  GLU n 
1 28  LEU n 
1 29  LYS n 
1 30  GLU n 
1 31  ILE n 
1 32  VAL n 
1 33  GLU n 
1 34  PHE n 
1 35  LEU n 
1 36  LYS n 
1 37  ASN n 
1 38  PRO n 
1 39  SER n 
1 40  ARG n 
1 41  PHE n 
1 42  HIS n 
1 43  GLU n 
1 44  MET n 
1 45  GLY n 
1 46  ALA n 
1 47  ARG n 
1 48  ILE n 
1 49  PRO n 
1 50  LYS n 
1 51  GLY n 
1 52  VAL n 
1 53  LEU n 
1 54  LEU n 
1 55  VAL n 
1 56  GLY n 
1 57  PRO n 
1 58  PRO n 
1 59  GLY n 
1 60  VAL n 
1 61  GLY n 
1 62  LYS n 
1 63  THR n 
1 64  HIS n 
1 65  LEU n 
1 66  ALA n 
1 67  ARG n 
1 68  ALA n 
1 69  VAL n 
1 70  ALA n 
1 71  GLY n 
1 72  GLU n 
1 73  ALA n 
1 74  ARG n 
1 75  VAL n 
1 76  PRO n 
1 77  PHE n 
1 78  ILE n 
1 79  THR n 
1 80  ALA n 
1 81  SER n 
1 82  GLY n 
1 83  SER n 
1 84  ASP n 
1 85  PHE n 
1 86  VAL n 
1 87  GLU n 
1 88  MET n 
1 89  PHE n 
1 90  VAL n 
1 91  GLY n 
1 92  VAL n 
1 93  GLY n 
1 94  ALA n 
1 95  ALA n 
1 96  ARG n 
1 97  VAL n 
1 98  ARG n 
1 99  ASP n 
1 100 LEU n 
1 101 PHE n 
1 102 GLU n 
1 103 THR n 
1 104 ALA n 
1 105 LYS n 
1 106 ARG n 
1 107 HIS n 
1 108 ALA n 
1 109 PRO n 
1 110 CYS n 
1 111 ILE n 
1 112 VAL n 
1 113 PHE n 
1 114 ILE n 
1 115 ASP n 
1 116 GLU n 
1 117 ILE n 
1 118 ASP n 
1 119 ALA n 
1 120 VAL n 
1 121 GLY n 
1 122 ARG n 
1 123 LYS n 
1 124 ARG n 
1 125 GLY n 
1 126 SER n 
1 127 GLY n 
1 128 VAL n 
1 129 GLY n 
1 130 GLY n 
1 131 GLY n 
1 132 ASN n 
1 133 ASP n 
1 134 GLU n 
1 135 ARG n 
1 136 GLU n 
1 137 GLN n 
1 138 THR n 
1 139 LEU n 
1 140 ASN n 
1 141 GLN n 
1 142 LEU n 
1 143 LEU n 
1 144 VAL n 
1 145 GLU n 
1 146 MET n 
1 147 ASP n 
1 148 GLY n 
1 149 PHE n 
1 150 GLU n 
1 151 LYS n 
1 152 ASP n 
1 153 THR n 
1 154 ALA n 
1 155 ILE n 
1 156 VAL n 
1 157 VAL n 
1 158 MET n 
1 159 ALA n 
1 160 ALA n 
1 161 THR n 
1 162 ASN n 
1 163 ARG n 
1 164 PRO n 
1 165 ASP n 
1 166 ILE n 
1 167 LEU n 
1 168 ASP n 
1 169 PRO n 
1 170 ALA n 
1 171 LEU n 
1 172 LEU n 
1 173 ARG n 
1 174 PRO n 
1 175 GLY n 
1 176 ARG n 
1 177 PHE n 
1 178 ASP n 
1 179 ARG n 
1 180 GLN n 
1 181 ILE n 
1 182 ALA n 
1 183 ILE n 
1 184 ASP n 
1 185 ALA n 
1 186 PRO n 
1 187 ASP n 
1 188 VAL n 
1 189 LYS n 
1 190 GLY n 
1 191 ARG n 
1 192 GLU n 
1 193 GLN n 
1 194 ILE n 
1 195 LEU n 
1 196 ARG n 
1 197 ILE n 
1 198 HIS n 
1 199 ALA n 
1 200 ARG n 
1 201 GLY n 
1 202 LYS n 
1 203 PRO n 
1 204 LEU n 
1 205 ALA n 
1 206 GLU n 
1 207 ASP n 
1 208 VAL n 
1 209 ASP n 
1 210 LEU n 
1 211 ALA n 
1 212 LEU n 
1 213 LEU n 
1 214 ALA n 
1 215 LYS n 
1 216 ARG n 
1 217 THR n 
1 218 PRO n 
1 219 GLY n 
1 220 PHE n 
1 221 VAL n 
1 222 GLY n 
1 223 ALA n 
1 224 ASP n 
1 225 LEU n 
1 226 GLU n 
1 227 ASN n 
1 228 LEU n 
1 229 LEU n 
1 230 ASN n 
1 231 GLU n 
1 232 ALA n 
1 233 ALA n 
1 234 LEU n 
1 235 LEU n 
1 236 ALA n 
1 237 ALA n 
1 238 ARG n 
1 239 GLU n 
1 240 GLY n 
1 241 ARG n 
1 242 ARG n 
1 243 LYS n 
1 244 ILE n 
1 245 THR n 
1 246 MET n 
1 247 LYS n 
1 248 ASP n 
1 249 LEU n 
1 250 GLU n 
1 251 GLU n 
1 252 ALA n 
1 253 ALA n 
1 254 SER n 
# 
_entity_src_gen.entity_id                          1 
_entity_src_gen.pdbx_src_id                        1 
_entity_src_gen.pdbx_alt_source_flag               sample 
_entity_src_gen.pdbx_seq_type                      ? 
_entity_src_gen.pdbx_beg_seq_num                   ? 
_entity_src_gen.pdbx_end_seq_num                   ? 
_entity_src_gen.gene_src_common_name               ? 
_entity_src_gen.gene_src_genus                     Thermus 
_entity_src_gen.pdbx_gene_src_gene                 FtsH 
_entity_src_gen.gene_src_species                   ? 
_entity_src_gen.gene_src_strain                    ? 
_entity_src_gen.gene_src_tissue                    ? 
_entity_src_gen.gene_src_tissue_fraction           ? 
_entity_src_gen.gene_src_details                   ? 
_entity_src_gen.pdbx_gene_src_fragment             ? 
_entity_src_gen.pdbx_gene_src_scientific_name      'Thermus thermophilus' 
_entity_src_gen.pdbx_gene_src_ncbi_taxonomy_id     274 
_entity_src_gen.pdbx_gene_src_variant              ? 
_entity_src_gen.pdbx_gene_src_cell_line            ? 
_entity_src_gen.pdbx_gene_src_atcc                 ? 
_entity_src_gen.pdbx_gene_src_organ                ? 
_entity_src_gen.pdbx_gene_src_organelle            ? 
_entity_src_gen.pdbx_gene_src_cell                 ? 
_entity_src_gen.pdbx_gene_src_cellular_location    ? 
_entity_src_gen.host_org_common_name               ? 
_entity_src_gen.pdbx_host_org_scientific_name      'Escherichia coli BL21(DE3)' 
_entity_src_gen.pdbx_host_org_ncbi_taxonomy_id     469008 
_entity_src_gen.host_org_genus                     Escherichia 
_entity_src_gen.pdbx_host_org_gene                 ? 
_entity_src_gen.pdbx_host_org_organ                ? 
_entity_src_gen.host_org_species                   'Escherichia coli' 
_entity_src_gen.pdbx_host_org_tissue               ? 
_entity_src_gen.pdbx_host_org_tissue_fraction      ? 
_entity_src_gen.pdbx_host_org_strain               'BL21(DE3)' 
_entity_src_gen.pdbx_host_org_variant              ? 
_entity_src_gen.pdbx_host_org_cell_line            ? 
_entity_src_gen.pdbx_host_org_atcc                 ? 
_entity_src_gen.pdbx_host_org_culture_collection   ? 
_entity_src_gen.pdbx_host_org_cell                 ? 
_entity_src_gen.pdbx_host_org_organelle            ? 
_entity_src_gen.pdbx_host_org_cellular_location    ? 
_entity_src_gen.pdbx_host_org_vector_type          PLASMID 
_entity_src_gen.pdbx_host_org_vector               ? 
_entity_src_gen.host_org_details                   ? 
_entity_src_gen.expression_system_id               ? 
_entity_src_gen.plasmid_name                       pGEX-6P-1 
_entity_src_gen.plasmid_details                    ? 
_entity_src_gen.pdbx_description                   ? 
# 
loop_
_chem_comp.id 
_chem_comp.type 
_chem_comp.mon_nstd_flag 
_chem_comp.name 
_chem_comp.pdbx_synonyms 
_chem_comp.formula 
_chem_comp.formula_weight 
ADP non-polymer         n "ADENOSINE-5'-DIPHOSPHATE" ? 'C10 H15 N5 O10 P2' 427.201 
ALA 'L-peptide linking' y ALANINE                    ? 'C3 H7 N O2'        89.093  
ARG 'L-peptide linking' y ARGININE                   ? 'C6 H15 N4 O2 1'    175.209 
ASN 'L-peptide linking' y ASPARAGINE                 ? 'C4 H8 N2 O3'       132.118 
ASP 'L-peptide linking' y 'ASPARTIC ACID'            ? 'C4 H7 N O4'        133.103 
CYS 'L-peptide linking' y CYSTEINE                   ? 'C3 H7 N O2 S'      121.158 
GLN 'L-peptide linking' y GLUTAMINE                  ? 'C5 H10 N2 O3'      146.144 
GLU 'L-peptide linking' y 'GLUTAMIC ACID'            ? 'C5 H9 N O4'        147.129 
GLY 'peptide linking'   y GLYCINE                    ? 'C2 H5 N O2'        75.067  
HIS 'L-peptide linking' y HISTIDINE                  ? 'C6 H10 N3 O2 1'    156.162 
HOH non-polymer         . WATER                      ? 'H2 O'              18.015  
ILE 'L-peptide linking' y ISOLEUCINE                 ? 'C6 H13 N O2'       131.173 
LEU 'L-peptide linking' y LEUCINE                    ? 'C6 H13 N O2'       131.173 
LYS 'L-peptide linking' y LYSINE                     ? 'C6 H15 N2 O2 1'    147.195 
MET 'L-peptide linking' y METHIONINE                 ? 'C5 H11 N O2 S'     149.211 
PHE 'L-peptide linking' y PHENYLALANINE              ? 'C9 H11 N O2'       165.189 
PRO 'L-peptide linking' y PROLINE                    ? 'C5 H9 N O2'        115.130 
SER 'L-peptide linking' y SERINE                     ? 'C3 H7 N O3'        105.093 
THR 'L-peptide linking' y THREONINE                  ? 'C4 H9 N O3'        119.119 
VAL 'L-peptide linking' y VALINE                     ? 'C5 H11 N O2'       117.146 
# 
loop_
_pdbx_poly_seq_scheme.asym_id 
_pdbx_poly_seq_scheme.entity_id 
_pdbx_poly_seq_scheme.seq_id 
_pdbx_poly_seq_scheme.mon_id 
_pdbx_poly_seq_scheme.ndb_seq_num 
_pdbx_poly_seq_scheme.pdb_seq_num 
_pdbx_poly_seq_scheme.auth_seq_num 
_pdbx_poly_seq_scheme.pdb_mon_id 
_pdbx_poly_seq_scheme.auth_mon_id 
_pdbx_poly_seq_scheme.pdb_strand_id 
_pdbx_poly_seq_scheme.pdb_ins_code 
_pdbx_poly_seq_scheme.hetero 
A 1 1   GLY 1   141 ?   ?   ?   A . n 
A 1 2   PRO 2   142 ?   ?   ?   A . n 
A 1 3   LEU 3   143 ?   ?   ?   A . n 
A 1 4   GLY 4   144 ?   ?   ?   A . n 
A 1 5   SER 5   145 ?   ?   ?   A . n 
A 1 6   VAL 6   146 ?   ?   ?   A . n 
A 1 7   LEU 7   147 ?   ?   ?   A . n 
A 1 8   THR 8   148 ?   ?   ?   A . n 
A 1 9   GLU 9   149 ?   ?   ?   A . n 
A 1 10  ALA 10  150 ?   ?   ?   A . n 
A 1 11  PRO 11  151 ?   ?   ?   A . n 
A 1 12  LYS 12  152 152 LYS LYS A . n 
A 1 13  VAL 13  153 153 VAL VAL A . n 
A 1 14  THR 14  154 154 THR THR A . n 
A 1 15  PHE 15  155 155 PHE PHE A . n 
A 1 16  LYS 16  156 156 LYS LYS A . n 
A 1 17  ASP 17  157 157 ASP ASP A . n 
A 1 18  VAL 18  158 158 VAL VAL A . n 
A 1 19  ALA 19  159 159 ALA ALA A . n 
A 1 20  GLY 20  160 160 GLY GLY A . n 
A 1 21  ALA 21  161 161 ALA ALA A . n 
A 1 22  GLU 22  162 162 GLU GLU A . n 
A 1 23  GLU 23  163 163 GLU GLU A . n 
A 1 24  ALA 24  164 164 ALA ALA A . n 
A 1 25  LYS 25  165 165 LYS LYS A . n 
A 1 26  GLU 26  166 166 GLU ALA A . n 
A 1 27  GLU 27  167 167 GLU GLU A . n 
A 1 28  LEU 28  168 168 LEU LEU A . n 
A 1 29  LYS 29  169 169 LYS LYS A . n 
A 1 30  GLU 30  170 170 GLU GLU A . n 
A 1 31  ILE 31  171 171 ILE ILE A . n 
A 1 32  VAL 32  172 172 VAL VAL A . n 
A 1 33  GLU 33  173 173 GLU GLU A . n 
A 1 34  PHE 34  174 174 PHE PHE A . n 
A 1 35  LEU 35  175 175 LEU LEU A . n 
A 1 36  LYS 36  176 176 LYS LYS A . n 
A 1 37  ASN 37  177 177 ASN ASN A . n 
A 1 38  PRO 38  178 178 PRO PRO A . n 
A 1 39  SER 39  179 179 SER SER A . n 
A 1 40  ARG 40  180 180 ARG ARG A . n 
A 1 41  PHE 41  181 181 PHE PHE A . n 
A 1 42  HIS 42  182 182 HIS HIS A . n 
A 1 43  GLU 43  183 183 GLU GLU A . n 
A 1 44  MET 44  184 184 MET MET A . n 
A 1 45  GLY 45  185 185 GLY GLY A . n 
A 1 46  ALA 46  186 186 ALA ALA A . n 
A 1 47  ARG 47  187 187 ARG ARG A . n 
A 1 48  ILE 48  188 188 ILE ILE A . n 
A 1 49  PRO 49  189 189 PRO PRO A . n 
A 1 50  LYS 50  190 190 LYS LYS A . n 
A 1 51  GLY 51  191 191 GLY GLY A . n 
A 1 52  VAL 52  192 192 VAL VAL A . n 
A 1 53  LEU 53  193 193 LEU LEU A . n 
A 1 54  LEU 54  194 194 LEU LEU A . n 
A 1 55  VAL 55  195 195 VAL VAL A . n 
A 1 56  GLY 56  196 196 GLY GLY A . n 
A 1 57  PRO 57  197 197 PRO PRO A . n 
A 1 58  PRO 58  198 198 PRO PRO A . n 
A 1 59  GLY 59  199 199 GLY GLY A . n 
A 1 60  VAL 60  200 200 VAL VAL A . n 
A 1 61  GLY 61  201 201 GLY GLY A . n 
A 1 62  LYS 62  202 202 LYS LYS A . n 
A 1 63  THR 63  203 203 THR THR A . n 
A 1 64  HIS 64  204 204 HIS HIS A . n 
A 1 65  LEU 65  205 205 LEU LEU A . n 
A 1 66  ALA 66  206 206 ALA ALA A . n 
A 1 67  ARG 67  207 207 ARG ARG A . n 
A 1 68  ALA 68  208 208 ALA ALA A . n 
A 1 69  VAL 69  209 209 VAL VAL A . n 
A 1 70  ALA 70  210 210 ALA ALA A . n 
A 1 71  GLY 71  211 211 GLY GLY A . n 
A 1 72  GLU 72  212 212 GLU GLU A . n 
A 1 73  ALA 73  213 213 ALA ALA A . n 
A 1 74  ARG 74  214 214 ARG ARG A . n 
A 1 75  VAL 75  215 215 VAL VAL A . n 
A 1 76  PRO 76  216 216 PRO PRO A . n 
A 1 77  PHE 77  217 217 PHE PHE A . n 
A 1 78  ILE 78  218 218 ILE ILE A . n 
A 1 79  THR 79  219 219 THR THR A . n 
A 1 80  ALA 80  220 220 ALA ALA A . n 
A 1 81  SER 81  221 221 SER SER A . n 
A 1 82  GLY 82  222 222 GLY GLY A . n 
A 1 83  SER 83  223 223 SER SER A . n 
A 1 84  ASP 84  224 224 ASP ASP A . n 
A 1 85  PHE 85  225 225 PHE PHE A . n 
A 1 86  VAL 86  226 226 VAL VAL A . n 
A 1 87  GLU 87  227 227 GLU GLU A . n 
A 1 88  MET 88  228 228 MET MET A . n 
A 1 89  PHE 89  229 229 PHE PHE A . n 
A 1 90  VAL 90  230 230 VAL VAL A . n 
A 1 91  GLY 91  231 231 GLY GLY A . n 
A 1 92  VAL 92  232 232 VAL VAL A . n 
A 1 93  GLY 93  233 233 GLY GLY A . n 
A 1 94  ALA 94  234 234 ALA ALA A . n 
A 1 95  ALA 95  235 235 ALA ALA A . n 
A 1 96  ARG 96  236 236 ARG ARG A . n 
A 1 97  VAL 97  237 237 VAL VAL A . n 
A 1 98  ARG 98  238 238 ARG ARG A . n 
A 1 99  ASP 99  239 239 ASP ASP A . n 
A 1 100 LEU 100 240 240 LEU LEU A . n 
A 1 101 PHE 101 241 241 PHE PHE A . n 
A 1 102 GLU 102 242 242 GLU GLU A . n 
A 1 103 THR 103 243 243 THR THR A . n 
A 1 104 ALA 104 244 244 ALA ALA A . n 
A 1 105 LYS 105 245 245 LYS LYS A . n 
A 1 106 ARG 106 246 246 ARG ALA A . n 
A 1 107 HIS 107 247 247 HIS HIS A . n 
A 1 108 ALA 108 248 248 ALA ALA A . n 
A 1 109 PRO 109 249 249 PRO PRO A . n 
A 1 110 CYS 110 250 250 CYS CYS A . n 
A 1 111 ILE 111 251 251 ILE ILE A . n 
A 1 112 VAL 112 252 252 VAL VAL A . n 
A 1 113 PHE 113 253 253 PHE PHE A . n 
A 1 114 ILE 114 254 254 ILE ILE A . n 
A 1 115 ASP 115 255 255 ASP ASP A . n 
A 1 116 GLU 116 256 256 GLU GLU A . n 
A 1 117 ILE 117 257 257 ILE ILE A . n 
A 1 118 ASP 118 258 258 ASP ASP A . n 
A 1 119 ALA 119 259 259 ALA ALA A . n 
A 1 120 VAL 120 260 260 VAL VAL A . n 
A 1 121 GLY 121 261 261 GLY GLY A . n 
A 1 122 ARG 122 262 262 ARG ARG A . n 
A 1 123 LYS 123 263 ?   ?   ?   A . n 
A 1 124 ARG 124 264 ?   ?   ?   A . n 
A 1 125 GLY 125 265 ?   ?   ?   A . n 
A 1 126 SER 126 266 ?   ?   ?   A . n 
A 1 127 GLY 127 267 ?   ?   ?   A . n 
A 1 128 VAL 128 268 ?   ?   ?   A . n 
A 1 129 GLY 129 269 ?   ?   ?   A . n 
A 1 130 GLY 130 270 ?   ?   ?   A . n 
A 1 131 GLY 131 271 ?   ?   ?   A . n 
A 1 132 ASN 132 272 272 ASN ASN A . n 
A 1 133 ASP 133 273 273 ASP ASP A . n 
A 1 134 GLU 134 274 274 GLU GLU A . n 
A 1 135 ARG 135 275 275 ARG ARG A . n 
A 1 136 GLU 136 276 276 GLU GLU A . n 
A 1 137 GLN 137 277 277 GLN GLN A . n 
A 1 138 THR 138 278 278 THR THR A . n 
A 1 139 LEU 139 279 279 LEU LEU A . n 
A 1 140 ASN 140 280 280 ASN ASN A . n 
A 1 141 GLN 141 281 281 GLN GLN A . n 
A 1 142 LEU 142 282 282 LEU LEU A . n 
A 1 143 LEU 143 283 283 LEU LEU A . n 
A 1 144 VAL 144 284 284 VAL VAL A . n 
A 1 145 GLU 145 285 285 GLU GLU A . n 
A 1 146 MET 146 286 286 MET MET A . n 
A 1 147 ASP 147 287 287 ASP ASP A . n 
A 1 148 GLY 148 288 288 GLY GLY A . n 
A 1 149 PHE 149 289 289 PHE PHE A . n 
A 1 150 GLU 150 290 290 GLU GLU A . n 
A 1 151 LYS 151 291 291 LYS LYS A . n 
A 1 152 ASP 152 292 292 ASP ASP A . n 
A 1 153 THR 153 293 293 THR THR A . n 
A 1 154 ALA 154 294 294 ALA ALA A . n 
A 1 155 ILE 155 295 295 ILE ILE A . n 
A 1 156 VAL 156 296 296 VAL VAL A . n 
A 1 157 VAL 157 297 297 VAL VAL A . n 
A 1 158 MET 158 298 298 MET MET A . n 
A 1 159 ALA 159 299 299 ALA ALA A . n 
A 1 160 ALA 160 300 300 ALA ALA A . n 
A 1 161 THR 161 301 301 THR THR A . n 
A 1 162 ASN 162 302 302 ASN ASN A . n 
A 1 163 ARG 163 303 303 ARG LYS A . n 
A 1 164 PRO 164 304 304 PRO PRO A . n 
A 1 165 ASP 165 305 305 ASP ASP A . n 
A 1 166 ILE 166 306 306 ILE ILE A . n 
A 1 167 LEU 167 307 307 LEU LEU A . n 
A 1 168 ASP 168 308 308 ASP ASP A . n 
A 1 169 PRO 169 309 309 PRO PRO A . n 
A 1 170 ALA 170 310 310 ALA ALA A . n 
A 1 171 LEU 171 311 311 LEU LEU A . n 
A 1 172 LEU 172 312 312 LEU LEU A . n 
A 1 173 ARG 173 313 313 ARG ARG A . n 
A 1 174 PRO 174 314 314 PRO PRO A . n 
A 1 175 GLY 175 315 315 GLY GLY A . n 
A 1 176 ARG 176 316 316 ARG ARG A . n 
A 1 177 PHE 177 317 317 PHE PHE A . n 
A 1 178 ASP 178 318 318 ASP ASP A . n 
A 1 179 ARG 179 319 319 ARG ARG A . n 
A 1 180 GLN 180 320 320 GLN GLN A . n 
A 1 181 ILE 181 321 321 ILE ILE A . n 
A 1 182 ALA 182 322 322 ALA ALA A . n 
A 1 183 ILE 183 323 323 ILE ILE A . n 
A 1 184 ASP 184 324 324 ASP ASP A . n 
A 1 185 ALA 185 325 325 ALA ALA A . n 
A 1 186 PRO 186 326 326 PRO PRO A . n 
A 1 187 ASP 187 327 327 ASP ASP A . n 
A 1 188 VAL 188 328 328 VAL VAL A . n 
A 1 189 LYS 189 329 329 LYS LYS A . n 
A 1 190 GLY 190 330 330 GLY GLY A . n 
A 1 191 ARG 191 331 331 ARG ARG A . n 
A 1 192 GLU 192 332 332 GLU GLU A . n 
A 1 193 GLN 193 333 333 GLN GLN A . n 
A 1 194 ILE 194 334 334 ILE ILE A . n 
A 1 195 LEU 195 335 335 LEU LEU A . n 
A 1 196 ARG 196 336 336 ARG ARG A . n 
A 1 197 ILE 197 337 337 ILE ILE A . n 
A 1 198 HIS 198 338 338 HIS HIS A . n 
A 1 199 ALA 199 339 339 ALA ALA A . n 
A 1 200 ARG 200 340 340 ARG ARG A . n 
A 1 201 GLY 201 341 341 GLY GLY A . n 
A 1 202 LYS 202 342 342 LYS LYS A . n 
A 1 203 PRO 203 343 343 PRO PRO A . n 
A 1 204 LEU 204 344 344 LEU LEU A . n 
A 1 205 ALA 205 345 345 ALA ALA A . n 
A 1 206 GLU 206 346 346 GLU GLU A . n 
A 1 207 ASP 207 347 347 ASP ASP A . n 
A 1 208 VAL 208 348 348 VAL VAL A . n 
A 1 209 ASP 209 349 349 ASP ASP A . n 
A 1 210 LEU 210 350 350 LEU LEU A . n 
A 1 211 ALA 211 351 351 ALA ALA A . n 
A 1 212 LEU 212 352 352 LEU LEU A . n 
A 1 213 LEU 213 353 353 LEU LEU A . n 
A 1 214 ALA 214 354 354 ALA ALA A . n 
A 1 215 LYS 215 355 355 LYS LYS A . n 
A 1 216 ARG 216 356 356 ARG ARG A . n 
A 1 217 THR 217 357 357 THR THR A . n 
A 1 218 PRO 218 358 358 PRO PRO A . n 
A 1 219 GLY 219 359 359 GLY GLY A . n 
A 1 220 PHE 220 360 360 PHE PHE A . n 
A 1 221 VAL 221 361 361 VAL VAL A . n 
A 1 222 GLY 222 362 362 GLY GLY A . n 
A 1 223 ALA 223 363 363 ALA ALA A . n 
A 1 224 ASP 224 364 364 ASP ASP A . n 
A 1 225 LEU 225 365 365 LEU LEU A . n 
A 1 226 GLU 226 366 366 GLU GLU A . n 
A 1 227 ASN 227 367 367 ASN ASN A . n 
A 1 228 LEU 228 368 368 LEU LEU A . n 
A 1 229 LEU 229 369 369 LEU LEU A . n 
A 1 230 ASN 230 370 370 ASN ASN A . n 
A 1 231 GLU 231 371 371 GLU GLU A . n 
A 1 232 ALA 232 372 372 ALA ALA A . n 
A 1 233 ALA 233 373 373 ALA ALA A . n 
A 1 234 LEU 234 374 374 LEU LEU A . n 
A 1 235 LEU 235 375 375 LEU LEU A . n 
A 1 236 ALA 236 376 376 ALA ALA A . n 
A 1 237 ALA 237 377 377 ALA ALA A . n 
A 1 238 ARG 238 378 378 ARG ARG A . n 
A 1 239 GLU 239 379 379 GLU GLU A . n 
A 1 240 GLY 240 380 380 GLY GLY A . n 
A 1 241 ARG 241 381 381 ARG ARG A . n 
A 1 242 ARG 242 382 382 ARG ARG A . n 
A 1 243 LYS 243 383 383 LYS LYS A . n 
A 1 244 ILE 244 384 384 ILE ILE A . n 
A 1 245 THR 245 385 385 THR THR A . n 
A 1 246 MET 246 386 386 MET MET A . n 
A 1 247 LYS 247 387 387 LYS LYS A . n 
A 1 248 ASP 248 388 388 ASP ASP A . n 
A 1 249 LEU 249 389 389 LEU LEU A . n 
A 1 250 GLU 250 390 390 GLU GLU A . n 
A 1 251 GLU 251 391 391 GLU GLU A . n 
A 1 252 ALA 252 392 392 ALA ALA A . n 
A 1 253 ALA 253 393 393 ALA ALA A . n 
A 1 254 SER 254 393 393 SER SER A A n 
# 
loop_
_pdbx_nonpoly_scheme.asym_id 
_pdbx_nonpoly_scheme.entity_id 
_pdbx_nonpoly_scheme.mon_id 
_pdbx_nonpoly_scheme.ndb_seq_num 
_pdbx_nonpoly_scheme.pdb_seq_num 
_pdbx_nonpoly_scheme.auth_seq_num 
_pdbx_nonpoly_scheme.pdb_mon_id 
_pdbx_nonpoly_scheme.auth_mon_id 
_pdbx_nonpoly_scheme.pdb_strand_id 
_pdbx_nonpoly_scheme.pdb_ins_code 
B 2 ADP 1  1   1   ADP ADP A . 
C 3 HOH 1  401 401 HOH HOH A . 
C 3 HOH 2  402 402 HOH HOH A . 
C 3 HOH 3  403 403 HOH HOH A . 
C 3 HOH 4  404 404 HOH HOH A . 
C 3 HOH 5  405 405 HOH HOH A . 
C 3 HOH 6  406 406 HOH HOH A . 
C 3 HOH 7  407 407 HOH HOH A . 
C 3 HOH 8  408 408 HOH HOH A . 
C 3 HOH 9  409 409 HOH HOH A . 
C 3 HOH 10 410 410 HOH HOH A . 
C 3 HOH 11 411 411 HOH HOH A . 
C 3 HOH 12 412 412 HOH HOH A . 
C 3 HOH 13 413 413 HOH HOH A . 
C 3 HOH 14 414 414 HOH HOH A . 
C 3 HOH 15 415 415 HOH HOH A . 
C 3 HOH 16 416 416 HOH HOH A . 
C 3 HOH 17 417 417 HOH HOH A . 
C 3 HOH 18 418 418 HOH HOH A . 
C 3 HOH 19 419 419 HOH HOH A . 
C 3 HOH 20 420 420 HOH HOH A . 
C 3 HOH 21 421 421 HOH HOH A . 
C 3 HOH 22 422 422 HOH HOH A . 
C 3 HOH 23 423 423 HOH HOH A . 
C 3 HOH 24 424 424 HOH HOH A . 
C 3 HOH 25 425 425 HOH HOH A . 
C 3 HOH 26 426 426 HOH HOH A . 
C 3 HOH 27 427 427 HOH HOH A . 
C 3 HOH 28 428 428 HOH HOH A . 
C 3 HOH 29 429 429 HOH HOH A . 
C 3 HOH 30 430 430 HOH HOH A . 
C 3 HOH 31 431 431 HOH HOH A . 
C 3 HOH 32 432 432 HOH HOH A . 
C 3 HOH 33 433 433 HOH HOH A . 
C 3 HOH 34 434 434 HOH HOH A . 
C 3 HOH 35 435 435 HOH HOH A . 
# 
loop_
_pdbx_unobs_or_zero_occ_atoms.id 
_pdbx_unobs_or_zero_occ_atoms.PDB_model_num 
_pdbx_unobs_or_zero_occ_atoms.polymer_flag 
_pdbx_unobs_or_zero_occ_atoms.occupancy_flag 
_pdbx_unobs_or_zero_occ_atoms.auth_asym_id 
_pdbx_unobs_or_zero_occ_atoms.auth_comp_id 
_pdbx_unobs_or_zero_occ_atoms.auth_seq_id 
_pdbx_unobs_or_zero_occ_atoms.PDB_ins_code 
_pdbx_unobs_or_zero_occ_atoms.auth_atom_id 
_pdbx_unobs_or_zero_occ_atoms.label_alt_id 
_pdbx_unobs_or_zero_occ_atoms.label_asym_id 
_pdbx_unobs_or_zero_occ_atoms.label_comp_id 
_pdbx_unobs_or_zero_occ_atoms.label_seq_id 
_pdbx_unobs_or_zero_occ_atoms.label_atom_id 
1   1 Y 1 A LYS 152 ? CG  ? A LYS 12  CG  
2   1 Y 1 A LYS 152 ? CD  ? A LYS 12  CD  
3   1 Y 1 A LYS 152 ? CE  ? A LYS 12  CE  
4   1 Y 1 A LYS 152 ? NZ  ? A LYS 12  NZ  
5   1 Y 1 A LYS 156 ? CG  ? A LYS 16  CG  
6   1 Y 1 A LYS 156 ? CD  ? A LYS 16  CD  
7   1 Y 1 A LYS 156 ? CE  ? A LYS 16  CE  
8   1 Y 1 A LYS 156 ? NZ  ? A LYS 16  NZ  
9   1 Y 1 A GLU 162 ? CG  ? A GLU 22  CG  
10  1 Y 1 A GLU 162 ? CD  ? A GLU 22  CD  
11  1 Y 1 A GLU 162 ? OE1 ? A GLU 22  OE1 
12  1 Y 1 A GLU 162 ? OE2 ? A GLU 22  OE2 
13  1 Y 1 A GLU 166 ? CG  ? A GLU 26  CG  
14  1 Y 1 A GLU 166 ? CD  ? A GLU 26  CD  
15  1 Y 1 A GLU 166 ? OE1 ? A GLU 26  OE1 
16  1 Y 1 A GLU 166 ? OE2 ? A GLU 26  OE2 
17  1 Y 1 A LYS 169 ? CG  ? A LYS 29  CG  
18  1 Y 1 A LYS 169 ? CD  ? A LYS 29  CD  
19  1 Y 1 A LYS 169 ? CE  ? A LYS 29  CE  
20  1 Y 1 A LYS 169 ? NZ  ? A LYS 29  NZ  
21  1 Y 1 A GLU 173 ? CG  ? A GLU 33  CG  
22  1 Y 1 A GLU 173 ? CD  ? A GLU 33  CD  
23  1 Y 1 A GLU 173 ? OE1 ? A GLU 33  OE1 
24  1 Y 1 A GLU 173 ? OE2 ? A GLU 33  OE2 
25  1 Y 1 A ASN 177 ? CG  ? A ASN 37  CG  
26  1 Y 1 A ASN 177 ? OD1 ? A ASN 37  OD1 
27  1 Y 1 A ASN 177 ? ND2 ? A ASN 37  ND2 
28  1 Y 1 A ARG 180 ? CG  ? A ARG 40  CG  
29  1 Y 1 A ARG 180 ? CD  ? A ARG 40  CD  
30  1 Y 1 A ARG 180 ? NE  ? A ARG 40  NE  
31  1 Y 1 A ARG 180 ? CZ  ? A ARG 40  CZ  
32  1 Y 1 A ARG 180 ? NH1 ? A ARG 40  NH1 
33  1 Y 1 A ARG 180 ? NH2 ? A ARG 40  NH2 
34  1 Y 1 A HIS 182 ? CG  ? A HIS 42  CG  
35  1 Y 1 A HIS 182 ? ND1 ? A HIS 42  ND1 
36  1 Y 1 A HIS 182 ? CD2 ? A HIS 42  CD2 
37  1 Y 1 A HIS 182 ? CE1 ? A HIS 42  CE1 
38  1 Y 1 A HIS 182 ? NE2 ? A HIS 42  NE2 
39  1 Y 1 A ARG 187 ? CG  ? A ARG 47  CG  
40  1 Y 1 A ARG 187 ? CD  ? A ARG 47  CD  
41  1 Y 1 A ARG 187 ? NE  ? A ARG 47  NE  
42  1 Y 1 A ARG 187 ? CZ  ? A ARG 47  CZ  
43  1 Y 1 A ARG 187 ? NH1 ? A ARG 47  NH1 
44  1 Y 1 A ARG 187 ? NH2 ? A ARG 47  NH2 
45  1 Y 1 A ARG 246 ? CG  ? A ARG 106 CG  
46  1 Y 1 A ARG 246 ? CD  ? A ARG 106 CD  
47  1 Y 1 A ARG 246 ? NE  ? A ARG 106 NE  
48  1 Y 1 A ARG 246 ? CZ  ? A ARG 106 CZ  
49  1 Y 1 A ARG 246 ? NH1 ? A ARG 106 NH1 
50  1 Y 1 A ARG 246 ? NH2 ? A ARG 106 NH2 
51  1 Y 1 A ARG 262 ? CG  ? A ARG 122 CG  
52  1 Y 1 A ARG 262 ? CD  ? A ARG 122 CD  
53  1 Y 1 A ARG 262 ? NE  ? A ARG 122 NE  
54  1 Y 1 A ARG 262 ? CZ  ? A ARG 122 CZ  
55  1 Y 1 A ARG 262 ? NH1 ? A ARG 122 NH1 
56  1 Y 1 A ARG 262 ? NH2 ? A ARG 122 NH2 
57  1 Y 1 A GLU 290 ? CG  ? A GLU 150 CG  
58  1 Y 1 A GLU 290 ? CD  ? A GLU 150 CD  
59  1 Y 1 A GLU 290 ? OE1 ? A GLU 150 OE1 
60  1 Y 1 A GLU 290 ? OE2 ? A GLU 150 OE2 
61  1 Y 1 A LYS 291 ? CG  ? A LYS 151 CG  
62  1 Y 1 A LYS 291 ? CD  ? A LYS 151 CD  
63  1 Y 1 A LYS 291 ? CE  ? A LYS 151 CE  
64  1 Y 1 A LYS 291 ? NZ  ? A LYS 151 NZ  
65  1 Y 1 A ASP 292 ? CG  ? A ASP 152 CG  
66  1 Y 1 A ASP 292 ? OD1 ? A ASP 152 OD1 
67  1 Y 1 A ASP 292 ? OD2 ? A ASP 152 OD2 
68  1 Y 1 A ARG 303 ? CG  ? A ARG 163 CG  
69  1 Y 1 A ARG 303 ? CD  ? A ARG 163 CD  
70  1 Y 1 A ARG 303 ? NE  ? A ARG 163 NE  
71  1 Y 1 A ARG 303 ? CZ  ? A ARG 163 CZ  
72  1 Y 1 A ARG 303 ? NH1 ? A ARG 163 NH1 
73  1 Y 1 A ARG 303 ? NH2 ? A ARG 163 NH2 
74  1 Y 1 A ARG 319 ? CG  ? A ARG 179 CG  
75  1 Y 1 A ARG 319 ? CD  ? A ARG 179 CD  
76  1 Y 1 A ARG 319 ? NE  ? A ARG 179 NE  
77  1 Y 1 A ARG 319 ? CZ  ? A ARG 179 CZ  
78  1 Y 1 A ARG 319 ? NH1 ? A ARG 179 NH1 
79  1 Y 1 A ARG 319 ? NH2 ? A ARG 179 NH2 
80  1 Y 1 A ARG 340 ? CG  ? A ARG 200 CG  
81  1 Y 1 A ARG 340 ? CD  ? A ARG 200 CD  
82  1 Y 1 A ARG 340 ? NE  ? A ARG 200 NE  
83  1 Y 1 A ARG 340 ? CZ  ? A ARG 200 CZ  
84  1 Y 1 A ARG 340 ? NH1 ? A ARG 200 NH1 
85  1 Y 1 A ARG 340 ? NH2 ? A ARG 200 NH2 
86  1 Y 1 A GLU 346 ? CG  ? A GLU 206 CG  
87  1 Y 1 A GLU 346 ? CD  ? A GLU 206 CD  
88  1 Y 1 A GLU 346 ? OE1 ? A GLU 206 OE1 
89  1 Y 1 A GLU 346 ? OE2 ? A GLU 206 OE2 
90  1 Y 1 A GLU 366 ? CG  ? A GLU 226 CG  
91  1 Y 1 A GLU 366 ? CD  ? A GLU 226 CD  
92  1 Y 1 A GLU 366 ? OE1 ? A GLU 226 OE1 
93  1 Y 1 A GLU 366 ? OE2 ? A GLU 226 OE2 
94  1 Y 1 A LEU 375 ? CG  ? A LEU 235 CG  
95  1 Y 1 A LEU 375 ? CD1 ? A LEU 235 CD1 
96  1 Y 1 A LEU 375 ? CD2 ? A LEU 235 CD2 
97  1 Y 1 A ARG 381 ? CG  ? A ARG 241 CG  
98  1 Y 1 A ARG 381 ? CD  ? A ARG 241 CD  
99  1 Y 1 A ARG 381 ? NE  ? A ARG 241 NE  
100 1 Y 1 A ARG 381 ? CZ  ? A ARG 241 CZ  
101 1 Y 1 A ARG 381 ? NH1 ? A ARG 241 NH1 
102 1 Y 1 A ARG 381 ? NH2 ? A ARG 241 NH2 
103 1 Y 1 A ARG 382 ? CG  ? A ARG 242 CG  
104 1 Y 1 A ARG 382 ? CD  ? A ARG 242 CD  
105 1 Y 1 A ARG 382 ? NE  ? A ARG 242 NE  
106 1 Y 1 A ARG 382 ? CZ  ? A ARG 242 CZ  
107 1 Y 1 A ARG 382 ? NH1 ? A ARG 242 NH1 
108 1 Y 1 A ARG 382 ? NH2 ? A ARG 242 NH2 
109 1 Y 1 A GLU 391 ? CG  ? A GLU 251 CG  
110 1 Y 1 A GLU 391 ? CD  ? A GLU 251 CD  
111 1 Y 1 A GLU 391 ? OE1 ? A GLU 251 OE1 
112 1 Y 1 A GLU 391 ? OE2 ? A GLU 251 OE2 
# 
loop_
_software.name 
_software.classification 
_software.version 
_software.citation_id 
_software.pdbx_ordinal 
DENZO     'data reduction' . ? 1 
SCALEPACK 'data scaling'   . ? 2 
AMoRE     phasing          . ? 3 
CNS       refinement       . ? 4 
# 
_cell.entry_id           1IY1 
_cell.length_a           73.875 
_cell.length_b           73.875 
_cell.length_c           84.611 
_cell.angle_alpha        90.00 
_cell.angle_beta         90.00 
_cell.angle_gamma        120.00 
_cell.Z_PDB              6 
_cell.pdbx_unique_axis   ? 
# 
_symmetry.entry_id                         1IY1 
_symmetry.space_group_name_H-M             'P 65' 
_symmetry.pdbx_full_space_group_name_H-M   ? 
_symmetry.cell_setting                     ? 
_symmetry.Int_Tables_number                170 
# 
_exptl.entry_id          1IY1 
_exptl.method            'X-RAY DIFFRACTION' 
_exptl.crystals_number   1 
# 
_exptl_crystal.id                    1 
_exptl_crystal.density_meas          ? 
_exptl_crystal.density_percent_sol   49.43 
_exptl_crystal.density_Matthews      2.43 
_exptl_crystal.description           ? 
# 
_exptl_crystal_grow.crystal_id      1 
_exptl_crystal_grow.method          'VAPOR DIFFUSION, HANGING DROP' 
_exptl_crystal_grow.temp            298 
_exptl_crystal_grow.temp_details    ? 
_exptl_crystal_grow.pH              8.0 
_exptl_crystal_grow.pdbx_details    
'Ammonium sulfate, Tris-HCl, ADP, magnesium chloride, pH 8.0, VAPOR DIFFUSION, HANGING DROP, temperature 298K' 
_exptl_crystal_grow.pdbx_pH_range   . 
# 
_diffrn.id                     1 
_diffrn.ambient_temp           100 
_diffrn.ambient_temp_details   ? 
_diffrn.crystal_id             1 
# 
_diffrn_detector.diffrn_id              1 
_diffrn_detector.detector               'IMAGE PLATE' 
_diffrn_detector.type                   MACSCIENCE 
_diffrn_detector.pdbx_collection_date   2001-06-06 
_diffrn_detector.details                ? 
# 
_diffrn_radiation.diffrn_id                        1 
_diffrn_radiation.wavelength_id                    1 
_diffrn_radiation.pdbx_monochromatic_or_laue_m_l   M 
_diffrn_radiation.monochromator                    OSMIC 
_diffrn_radiation.pdbx_diffrn_protocol             'SINGLE WAVELENGTH' 
_diffrn_radiation.pdbx_scattering_type             x-ray 
# 
_diffrn_radiation_wavelength.id           1 
_diffrn_radiation_wavelength.wavelength   1.5418 
_diffrn_radiation_wavelength.wt           1.0 
# 
_diffrn_source.diffrn_id                   1 
_diffrn_source.source                      'ROTATING ANODE' 
_diffrn_source.type                        MACSCIENCE 
_diffrn_source.pdbx_synchrotron_site       ? 
_diffrn_source.pdbx_synchrotron_beamline   ? 
_diffrn_source.pdbx_wavelength             ? 
_diffrn_source.pdbx_wavelength_list        1.5418 
# 
_reflns.entry_id                     1IY1 
_reflns.observed_criterion_sigma_F   0 
_reflns.observed_criterion_sigma_I   0 
_reflns.d_resolution_high            2.8 
_reflns.d_resolution_low             50 
_reflns.number_all                   6477 
_reflns.number_obs                   6399 
_reflns.percent_possible_obs         98.8 
_reflns.pdbx_Rmerge_I_obs            ? 
_reflns.pdbx_Rsym_value              ? 
_reflns.pdbx_netI_over_sigmaI        ? 
_reflns.B_iso_Wilson_estimate        ? 
_reflns.pdbx_redundancy              ? 
_reflns.R_free_details               ? 
_reflns.limit_h_max                  ? 
_reflns.limit_h_min                  ? 
_reflns.limit_k_max                  ? 
_reflns.limit_k_min                  ? 
_reflns.limit_l_max                  ? 
_reflns.limit_l_min                  ? 
_reflns.observed_criterion_F_max     ? 
_reflns.observed_criterion_F_min     ? 
_reflns.pdbx_diffrn_id               1 
_reflns.pdbx_ordinal                 1 
# 
_reflns_shell.d_res_high             2.8 
_reflns_shell.d_res_low              2.9 
_reflns_shell.percent_possible_all   99.1 
_reflns_shell.Rmerge_I_obs           ? 
_reflns_shell.pdbx_Rsym_value        ? 
_reflns_shell.meanI_over_sigI_obs    ? 
_reflns_shell.pdbx_redundancy        ? 
_reflns_shell.percent_possible_obs   ? 
_reflns_shell.number_unique_all      ? 
_reflns_shell.pdbx_diffrn_id         ? 
_reflns_shell.pdbx_ordinal           1 
# 
_refine.entry_id                                 1IY1 
_refine.ls_d_res_high                            2.8 
_refine.ls_d_res_low                             12 
_refine.pdbx_ls_sigma_F                          0 
_refine.pdbx_ls_sigma_I                          ? 
_refine.ls_number_reflns_all                     6424 
_refine.ls_number_reflns_obs                     6300 
_refine.ls_number_reflns_R_free                  465 
_refine.ls_percent_reflns_obs                    ? 
_refine.ls_R_factor_all                          ? 
_refine.ls_R_factor_obs                          ? 
_refine.ls_R_factor_R_work                       0.2070000 
_refine.ls_R_factor_R_free                       0.2780000 
_refine.ls_redundancy_reflns_obs                 ? 
_refine.pdbx_data_cutoff_high_absF               ? 
_refine.pdbx_data_cutoff_low_absF                ? 
_refine.ls_number_parameters                     ? 
_refine.ls_number_restraints                     ? 
_refine.ls_percent_reflns_R_free                 ? 
_refine.ls_R_factor_R_free_error                 ? 
_refine.ls_R_factor_R_free_error_details         ? 
_refine.pdbx_method_to_determine_struct          'MOLECULAR REPLACEMENT' 
_refine.pdbx_starting_model                      ? 
_refine.pdbx_ls_cross_valid_method               ? 
_refine.pdbx_R_Free_selection_details            RANDOM 
_refine.pdbx_stereochem_target_val_spec_case     ? 
_refine.pdbx_stereochemistry_target_values       'Engh & Huber' 
_refine.solvent_model_details                    ? 
_refine.solvent_model_param_bsol                 ? 
_refine.solvent_model_param_ksol                 ? 
_refine.occupancy_max                            ? 
_refine.occupancy_min                            ? 
_refine.pdbx_isotropic_thermal_model             ? 
_refine.B_iso_mean                               ? 
_refine.aniso_B[1][1]                            ? 
_refine.aniso_B[1][2]                            ? 
_refine.aniso_B[1][3]                            ? 
_refine.aniso_B[2][2]                            ? 
_refine.aniso_B[2][3]                            ? 
_refine.aniso_B[3][3]                            ? 
_refine.details                                  ? 
_refine.B_iso_min                                ? 
_refine.B_iso_max                                ? 
_refine.correlation_coeff_Fo_to_Fc               ? 
_refine.correlation_coeff_Fo_to_Fc_free          ? 
_refine.pdbx_solvent_vdw_probe_radii             ? 
_refine.pdbx_solvent_ion_probe_radii             ? 
_refine.pdbx_solvent_shrinkage_radii             ? 
_refine.overall_SU_R_Cruickshank_DPI             ? 
_refine.overall_SU_R_free                        ? 
_refine.overall_SU_B                             ? 
_refine.overall_SU_ML                            ? 
_refine.pdbx_overall_ESU_R                       ? 
_refine.pdbx_overall_ESU_R_Free                  ? 
_refine.pdbx_data_cutoff_high_rms_absF           ? 
_refine.pdbx_refine_id                           'X-RAY DIFFRACTION' 
_refine.pdbx_diffrn_id                           1 
_refine.pdbx_TLS_residual_ADP_flag               ? 
_refine.pdbx_overall_phase_error                 ? 
_refine.pdbx_overall_SU_R_free_Cruickshank_DPI   ? 
_refine.pdbx_overall_SU_R_Blow_DPI               ? 
_refine.pdbx_overall_SU_R_free_Blow_DPI          ? 
# 
_refine_analyze.entry_id                        1IY1 
_refine_analyze.Luzzati_coordinate_error_obs    0.334 
_refine_analyze.Luzzati_sigma_a_obs             0.3838 
_refine_analyze.Luzzati_d_res_low_obs           5.0 
_refine_analyze.Luzzati_coordinate_error_free   0.503 
_refine_analyze.Luzzati_sigma_a_free            0.505 
_refine_analyze.Luzzati_d_res_low_free          ? 
_refine_analyze.number_disordered_residues      ? 
_refine_analyze.occupancy_sum_non_hydrogen      ? 
_refine_analyze.occupancy_sum_hydrogen          ? 
_refine_analyze.pdbx_Luzzati_d_res_high_obs     ? 
_refine_analyze.pdbx_refine_id                  'X-RAY DIFFRACTION' 
# 
_refine_hist.pdbx_refine_id                   'X-RAY DIFFRACTION' 
_refine_hist.cycle_id                         LAST 
_refine_hist.pdbx_number_atoms_protein        1686 
_refine_hist.pdbx_number_atoms_nucleic_acid   0 
_refine_hist.pdbx_number_atoms_ligand         27 
_refine_hist.number_atoms_solvent             35 
_refine_hist.number_atoms_total               1748 
_refine_hist.d_res_high                       2.8 
_refine_hist.d_res_low                        12 
# 
loop_
_refine_ls_restr.type 
_refine_ls_restr.dev_ideal 
_refine_ls_restr.dev_ideal_target 
_refine_ls_restr.weight 
_refine_ls_restr.number 
_refine_ls_restr.pdbx_refine_id 
_refine_ls_restr.pdbx_restraint_function 
c_angle_deg 1.22   ? ? ? 'X-RAY DIFFRACTION' ? 
c_bond_d    0.0071 ? ? ? 'X-RAY DIFFRACTION' ? 
# 
_struct.entry_id                  1IY1 
_struct.title                     'Crystal structure of the FtsH ATPase domain with ADP from Thermus thermophilus' 
_struct.pdbx_model_details        ? 
_struct.pdbx_CASP_flag            ? 
_struct.pdbx_model_type_details   ? 
# 
_struct_keywords.entry_id        1IY1 
_struct_keywords.pdbx_keywords   HYDROLASE 
_struct_keywords.text            'AAA domain fold, HYDROLASE' 
# 
loop_
_struct_asym.id 
_struct_asym.pdbx_blank_PDB_chainid_flag 
_struct_asym.pdbx_modified 
_struct_asym.entity_id 
_struct_asym.details 
A N N 1 ? 
B N N 2 ? 
C N N 3 ? 
# 
_struct_ref.id                         1 
_struct_ref.db_code                    Q9LCZ4_THETH 
_struct_ref.db_name                    UNP 
_struct_ref.entity_id                  1 
_struct_ref.pdbx_db_accession          Q9LCZ4 
_struct_ref.pdbx_align_begin           141 
_struct_ref.pdbx_seq_one_letter_code   
;KSRARVLTEAPKVTFKDVAGAEEAKEELKEIVEFLKNPSRFHEMGARIPKGVLLVGPPGVGKTHLARAVAGEARVPFITA
SGSDFVEMFVGVGAARVRDLFETAKRHAPCIVFIDEIDAVGRKRGSGVGGGNDEREQTLNQLLVEMDGFEKDTAIVVMAA
TNRPDILDPALLRPGRFDRQIAIDAPDVKGREQILRIHARGKPLAEDVDLALLAKRTPGFVGADLENLLNEAALLAAREG
RRKITMKDLEEAAD
;
_struct_ref.pdbx_db_isoform            ? 
# 
_struct_ref_seq.align_id                      1 
_struct_ref_seq.ref_id                        1 
_struct_ref_seq.pdbx_PDB_id_code              1IY1 
_struct_ref_seq.pdbx_strand_id                A 
_struct_ref_seq.seq_align_beg                 6 
_struct_ref_seq.pdbx_seq_align_beg_ins_code   ? 
_struct_ref_seq.seq_align_end                 253 
_struct_ref_seq.pdbx_seq_align_end_ins_code   ? 
_struct_ref_seq.pdbx_db_accession             Q9LCZ4 
_struct_ref_seq.db_align_beg                  146 
_struct_ref_seq.pdbx_db_align_beg_ins_code    ? 
_struct_ref_seq.db_align_end                  393 
_struct_ref_seq.pdbx_db_align_end_ins_code    ? 
_struct_ref_seq.pdbx_auth_seq_align_beg       146 
_struct_ref_seq.pdbx_auth_seq_align_end       393 
# 
loop_
_struct_ref_seq_dif.align_id 
_struct_ref_seq_dif.pdbx_pdb_id_code 
_struct_ref_seq_dif.mon_id 
_struct_ref_seq_dif.pdbx_pdb_strand_id 
_struct_ref_seq_dif.seq_num 
_struct_ref_seq_dif.pdbx_pdb_ins_code 
_struct_ref_seq_dif.pdbx_seq_db_name 
_struct_ref_seq_dif.pdbx_seq_db_accession_code 
_struct_ref_seq_dif.db_mon_id 
_struct_ref_seq_dif.pdbx_seq_db_seq_num 
_struct_ref_seq_dif.details 
_struct_ref_seq_dif.pdbx_auth_seq_num 
_struct_ref_seq_dif.pdbx_ordinal 
1 1IY1 GLY A 1   ? UNP Q9LCZ4 ? ? linker             141 1 
1 1IY1 PRO A 2   ? UNP Q9LCZ4 ? ? linker             142 2 
1 1IY1 LEU A 3   ? UNP Q9LCZ4 ? ? linker             143 3 
1 1IY1 GLY A 4   ? UNP Q9LCZ4 ? ? linker             144 4 
1 1IY1 SER A 5   ? UNP Q9LCZ4 ? ? linker             145 5 
1 1IY1 SER A 254 A UNP Q9LCZ4 ? ? 'cloning artifact' 393 6 
# 
_pdbx_struct_assembly.id                   1 
_pdbx_struct_assembly.details              author_defined_assembly 
_pdbx_struct_assembly.method_details       ? 
_pdbx_struct_assembly.oligomeric_details   monomeric 
_pdbx_struct_assembly.oligomeric_count     1 
# 
_pdbx_struct_assembly_gen.assembly_id       1 
_pdbx_struct_assembly_gen.oper_expression   1 
_pdbx_struct_assembly_gen.asym_id_list      A,B,C 
# 
_pdbx_struct_oper_list.id                   1 
_pdbx_struct_oper_list.type                 'identity operation' 
_pdbx_struct_oper_list.name                 1_555 
_pdbx_struct_oper_list.symmetry_operation   x,y,z 
_pdbx_struct_oper_list.matrix[1][1]         1.0000000000 
_pdbx_struct_oper_list.matrix[1][2]         0.0000000000 
_pdbx_struct_oper_list.matrix[1][3]         0.0000000000 
_pdbx_struct_oper_list.vector[1]            0.0000000000 
_pdbx_struct_oper_list.matrix[2][1]         0.0000000000 
_pdbx_struct_oper_list.matrix[2][2]         1.0000000000 
_pdbx_struct_oper_list.matrix[2][3]         0.0000000000 
_pdbx_struct_oper_list.vector[2]            0.0000000000 
_pdbx_struct_oper_list.matrix[3][1]         0.0000000000 
_pdbx_struct_oper_list.matrix[3][2]         0.0000000000 
_pdbx_struct_oper_list.matrix[3][3]         1.0000000000 
_pdbx_struct_oper_list.vector[3]            0.0000000000 
# 
_struct_biol.id                    1 
_struct_biol.pdbx_parent_biol_id   ? 
_struct_biol.details               ? 
# 
loop_
_struct_conf.conf_type_id 
_struct_conf.id 
_struct_conf.pdbx_PDB_helix_id 
_struct_conf.beg_label_comp_id 
_struct_conf.beg_label_asym_id 
_struct_conf.beg_label_seq_id 
_struct_conf.pdbx_beg_PDB_ins_code 
_struct_conf.end_label_comp_id 
_struct_conf.end_label_asym_id 
_struct_conf.end_label_seq_id 
_struct_conf.pdbx_end_PDB_ins_code 
_struct_conf.beg_auth_comp_id 
_struct_conf.beg_auth_asym_id 
_struct_conf.beg_auth_seq_id 
_struct_conf.end_auth_comp_id 
_struct_conf.end_auth_asym_id 
_struct_conf.end_auth_seq_id 
_struct_conf.pdbx_PDB_helix_class 
_struct_conf.details 
_struct_conf.pdbx_PDB_helix_length 
HELX_P HELX_P1  1  ALA A 21  ? LEU A 28  ? ALA A 161 LEU A 168 1 ? 8  
HELX_P HELX_P2  2  LEU A 28  ? ASN A 37  ? LEU A 168 ASN A 177 1 ? 10 
HELX_P HELX_P3  3  ASN A 37  ? MET A 44  ? ASN A 177 MET A 184 1 ? 8  
HELX_P HELX_P4  4  GLY A 61  ? ALA A 73  ? GLY A 201 ALA A 213 1 ? 13 
HELX_P HELX_P5  5  GLY A 82  ? MET A 88  ? GLY A 222 MET A 228 1 ? 7  
HELX_P HELX_P6  6  GLY A 91  ? HIS A 107 ? GLY A 231 HIS A 247 1 ? 17 
HELX_P HELX_P7  7  ILE A 117 ? ARG A 122 ? ILE A 257 ARG A 262 1 ? 6  
HELX_P HELX_P8  8  ASN A 132 ? GLY A 148 ? ASN A 272 GLY A 288 1 ? 17 
HELX_P HELX_P9  9  ASP A 168 ? ARG A 173 ? ASP A 308 ARG A 313 5 ? 6  
HELX_P HELX_P10 10 ASP A 187 ? ARG A 200 ? ASP A 327 ARG A 340 1 ? 14 
HELX_P HELX_P11 11 ASP A 209 ? ARG A 216 ? ASP A 349 ARG A 356 1 ? 8  
HELX_P HELX_P12 12 VAL A 221 ? GLU A 239 ? VAL A 361 GLU A 379 1 ? 19 
HELX_P HELX_P13 13 THR A 245 ? SER A 254 A THR A 385 SER A 393 1 ? 10 
# 
_struct_conf_type.id          HELX_P 
_struct_conf_type.criteria    ? 
_struct_conf_type.reference   ? 
# 
_struct_mon_prot_cis.pdbx_id                1 
_struct_mon_prot_cis.label_comp_id          ALA 
_struct_mon_prot_cis.label_seq_id           108 
_struct_mon_prot_cis.label_asym_id          A 
_struct_mon_prot_cis.label_alt_id           . 
_struct_mon_prot_cis.pdbx_PDB_ins_code      ? 
_struct_mon_prot_cis.auth_comp_id           ALA 
_struct_mon_prot_cis.auth_seq_id            248 
_struct_mon_prot_cis.auth_asym_id           A 
_struct_mon_prot_cis.pdbx_label_comp_id_2   PRO 
_struct_mon_prot_cis.pdbx_label_seq_id_2    109 
_struct_mon_prot_cis.pdbx_label_asym_id_2   A 
_struct_mon_prot_cis.pdbx_PDB_ins_code_2    ? 
_struct_mon_prot_cis.pdbx_auth_comp_id_2    PRO 
_struct_mon_prot_cis.pdbx_auth_seq_id_2     249 
_struct_mon_prot_cis.pdbx_auth_asym_id_2    A 
_struct_mon_prot_cis.pdbx_PDB_model_num     1 
_struct_mon_prot_cis.pdbx_omega_angle       -0.44 
# 
_struct_sheet.id               A 
_struct_sheet.type             ? 
_struct_sheet.number_strands   5 
_struct_sheet.details          ? 
# 
loop_
_struct_sheet_order.sheet_id 
_struct_sheet_order.range_id_1 
_struct_sheet_order.range_id_2 
_struct_sheet_order.offset 
_struct_sheet_order.sense 
A 1 2 ? parallel 
A 2 3 ? parallel 
A 3 4 ? parallel 
A 4 5 ? parallel 
# 
loop_
_struct_sheet_range.sheet_id 
_struct_sheet_range.id 
_struct_sheet_range.beg_label_comp_id 
_struct_sheet_range.beg_label_asym_id 
_struct_sheet_range.beg_label_seq_id 
_struct_sheet_range.pdbx_beg_PDB_ins_code 
_struct_sheet_range.end_label_comp_id 
_struct_sheet_range.end_label_asym_id 
_struct_sheet_range.end_label_seq_id 
_struct_sheet_range.pdbx_end_PDB_ins_code 
_struct_sheet_range.beg_auth_comp_id 
_struct_sheet_range.beg_auth_asym_id 
_struct_sheet_range.beg_auth_seq_id 
_struct_sheet_range.end_auth_comp_id 
_struct_sheet_range.end_auth_asym_id 
_struct_sheet_range.end_auth_seq_id 
A 1 PHE A 77  ? SER A 81  ? PHE A 217 SER A 221 
A 2 CYS A 110 ? ASP A 115 ? CYS A 250 ASP A 255 
A 3 ILE A 155 ? THR A 161 ? ILE A 295 THR A 301 
A 4 GLY A 51  ? VAL A 55  ? GLY A 191 VAL A 195 
A 5 GLN A 180 ? ALA A 182 ? GLN A 320 ALA A 322 
# 
loop_
_pdbx_struct_sheet_hbond.sheet_id 
_pdbx_struct_sheet_hbond.range_id_1 
_pdbx_struct_sheet_hbond.range_id_2 
_pdbx_struct_sheet_hbond.range_1_label_atom_id 
_pdbx_struct_sheet_hbond.range_1_label_comp_id 
_pdbx_struct_sheet_hbond.range_1_label_asym_id 
_pdbx_struct_sheet_hbond.range_1_label_seq_id 
_pdbx_struct_sheet_hbond.range_1_PDB_ins_code 
_pdbx_struct_sheet_hbond.range_1_auth_atom_id 
_pdbx_struct_sheet_hbond.range_1_auth_comp_id 
_pdbx_struct_sheet_hbond.range_1_auth_asym_id 
_pdbx_struct_sheet_hbond.range_1_auth_seq_id 
_pdbx_struct_sheet_hbond.range_2_label_atom_id 
_pdbx_struct_sheet_hbond.range_2_label_comp_id 
_pdbx_struct_sheet_hbond.range_2_label_asym_id 
_pdbx_struct_sheet_hbond.range_2_label_seq_id 
_pdbx_struct_sheet_hbond.range_2_PDB_ins_code 
_pdbx_struct_sheet_hbond.range_2_auth_atom_id 
_pdbx_struct_sheet_hbond.range_2_auth_comp_id 
_pdbx_struct_sheet_hbond.range_2_auth_asym_id 
_pdbx_struct_sheet_hbond.range_2_auth_seq_id 
A 1 2 N ILE A 78  ? N ILE A 218 O PHE A 113 ? O PHE A 253 
A 2 3 N VAL A 112 ? N VAL A 252 O MET A 158 ? O MET A 298 
A 3 4 O ALA A 159 ? O ALA A 299 N LEU A 54  ? N LEU A 194 
A 4 5 N LEU A 53  ? N LEU A 193 O ILE A 181 ? O ILE A 321 
# 
_struct_site.id                   AC1 
_struct_site.pdbx_evidence_code   Software 
_struct_site.pdbx_auth_asym_id    A 
_struct_site.pdbx_auth_comp_id    ADP 
_struct_site.pdbx_auth_seq_id     1 
_struct_site.pdbx_auth_ins_code   ? 
_struct_site.pdbx_num_residues    14 
_struct_site.details              'BINDING SITE FOR RESIDUE ADP A 1' 
# 
loop_
_struct_site_gen.id 
_struct_site_gen.site_id 
_struct_site_gen.pdbx_num_res 
_struct_site_gen.label_comp_id 
_struct_site_gen.label_asym_id 
_struct_site_gen.label_seq_id 
_struct_site_gen.pdbx_auth_ins_code 
_struct_site_gen.auth_comp_id 
_struct_site_gen.auth_asym_id 
_struct_site_gen.auth_seq_id 
_struct_site_gen.label_atom_id 
_struct_site_gen.label_alt_id 
_struct_site_gen.symmetry 
_struct_site_gen.details 
1  AC1 14 ASP A 17  ? ASP A 157 . ? 1_555 ? 
2  AC1 14 ALA A 19  ? ALA A 159 . ? 1_555 ? 
3  AC1 14 PRO A 57  ? PRO A 197 . ? 1_555 ? 
4  AC1 14 PRO A 58  ? PRO A 198 . ? 1_555 ? 
5  AC1 14 GLY A 59  ? GLY A 199 . ? 1_555 ? 
6  AC1 14 VAL A 60  ? VAL A 200 . ? 1_555 ? 
7  AC1 14 GLY A 61  ? GLY A 201 . ? 1_555 ? 
8  AC1 14 LYS A 62  ? LYS A 202 . ? 1_555 ? 
9  AC1 14 THR A 63  ? THR A 203 . ? 1_555 ? 
10 AC1 14 HIS A 64  ? HIS A 204 . ? 1_555 ? 
11 AC1 14 GLN A 193 ? GLN A 333 . ? 1_555 ? 
12 AC1 14 ILE A 194 ? ILE A 334 . ? 1_555 ? 
13 AC1 14 ILE A 197 ? ILE A 337 . ? 1_555 ? 
14 AC1 14 HOH C .   ? HOH A 435 . ? 1_555 ? 
# 
loop_
_pdbx_validate_torsion.id 
_pdbx_validate_torsion.PDB_model_num 
_pdbx_validate_torsion.auth_comp_id 
_pdbx_validate_torsion.auth_asym_id 
_pdbx_validate_torsion.auth_seq_id 
_pdbx_validate_torsion.PDB_ins_code 
_pdbx_validate_torsion.label_alt_id 
_pdbx_validate_torsion.phi 
_pdbx_validate_torsion.psi 
1  1 LYS A 190 ? ? 48.94   24.68   
2  1 ALA A 220 ? ? -170.94 -179.19 
3  1 HIS A 247 ? ? -107.91 44.49   
4  1 CYS A 250 ? ? 172.44  177.37  
5  1 ASP A 292 ? ? -64.96  2.09    
6  1 ALA A 294 ? ? -92.34  51.97   
7  1 ARG A 303 ? ? -115.97 72.87   
8  1 ARG A 316 ? ? -111.71 -122.80 
9  1 ASP A 318 ? ? -102.63 59.16   
10 1 ARG A 319 ? ? 178.86  128.64  
# 
loop_
_pdbx_unobs_or_zero_occ_residues.id 
_pdbx_unobs_or_zero_occ_residues.PDB_model_num 
_pdbx_unobs_or_zero_occ_residues.polymer_flag 
_pdbx_unobs_or_zero_occ_residues.occupancy_flag 
_pdbx_unobs_or_zero_occ_residues.auth_asym_id 
_pdbx_unobs_or_zero_occ_residues.auth_comp_id 
_pdbx_unobs_or_zero_occ_residues.auth_seq_id 
_pdbx_unobs_or_zero_occ_residues.PDB_ins_code 
_pdbx_unobs_or_zero_occ_residues.label_asym_id 
_pdbx_unobs_or_zero_occ_residues.label_comp_id 
_pdbx_unobs_or_zero_occ_residues.label_seq_id 
1  1 Y 1 A GLY 141 ? A GLY 1   
2  1 Y 1 A PRO 142 ? A PRO 2   
3  1 Y 1 A LEU 143 ? A LEU 3   
4  1 Y 1 A GLY 144 ? A GLY 4   
5  1 Y 1 A SER 145 ? A SER 5   
6  1 Y 1 A VAL 146 ? A VAL 6   
7  1 Y 1 A LEU 147 ? A LEU 7   
8  1 Y 1 A THR 148 ? A THR 8   
9  1 Y 1 A GLU 149 ? A GLU 9   
10 1 Y 1 A ALA 150 ? A ALA 10  
11 1 Y 1 A PRO 151 ? A PRO 11  
12 1 Y 1 A LYS 263 ? A LYS 123 
13 1 Y 1 A ARG 264 ? A ARG 124 
14 1 Y 1 A GLY 265 ? A GLY 125 
15 1 Y 1 A SER 266 ? A SER 126 
16 1 Y 1 A GLY 267 ? A GLY 127 
17 1 Y 1 A VAL 268 ? A VAL 128 
18 1 Y 1 A GLY 269 ? A GLY 129 
19 1 Y 1 A GLY 270 ? A GLY 130 
20 1 Y 1 A GLY 271 ? A GLY 131 
# 
loop_
_chem_comp_atom.comp_id 
_chem_comp_atom.atom_id 
_chem_comp_atom.type_symbol 
_chem_comp_atom.pdbx_aromatic_flag 
_chem_comp_atom.pdbx_stereo_config 
_chem_comp_atom.pdbx_ordinal 
ADP PB     P N N 1   
ADP O1B    O N N 2   
ADP O2B    O N N 3   
ADP O3B    O N N 4   
ADP PA     P N S 5   
ADP O1A    O N N 6   
ADP O2A    O N N 7   
ADP O3A    O N N 8   
ADP "O5'"  O N N 9   
ADP "C5'"  C N N 10  
ADP "C4'"  C N R 11  
ADP "O4'"  O N N 12  
ADP "C3'"  C N S 13  
ADP "O3'"  O N N 14  
ADP "C2'"  C N R 15  
ADP "O2'"  O N N 16  
ADP "C1'"  C N R 17  
ADP N9     N Y N 18  
ADP C8     C Y N 19  
ADP N7     N Y N 20  
ADP C5     C Y N 21  
ADP C6     C Y N 22  
ADP N6     N N N 23  
ADP N1     N Y N 24  
ADP C2     C Y N 25  
ADP N3     N Y N 26  
ADP C4     C Y N 27  
ADP HOB2   H N N 28  
ADP HOB3   H N N 29  
ADP HOA2   H N N 30  
ADP "H5'1" H N N 31  
ADP "H5'2" H N N 32  
ADP "H4'"  H N N 33  
ADP "H3'"  H N N 34  
ADP "HO3'" H N N 35  
ADP "H2'"  H N N 36  
ADP "HO2'" H N N 37  
ADP "H1'"  H N N 38  
ADP H8     H N N 39  
ADP HN61   H N N 40  
ADP HN62   H N N 41  
ADP H2     H N N 42  
ALA N      N N N 43  
ALA CA     C N S 44  
ALA C      C N N 45  
ALA O      O N N 46  
ALA CB     C N N 47  
ALA OXT    O N N 48  
ALA H      H N N 49  
ALA H2     H N N 50  
ALA HA     H N N 51  
ALA HB1    H N N 52  
ALA HB2    H N N 53  
ALA HB3    H N N 54  
ALA HXT    H N N 55  
ARG N      N N N 56  
ARG CA     C N S 57  
ARG C      C N N 58  
ARG O      O N N 59  
ARG CB     C N N 60  
ARG CG     C N N 61  
ARG CD     C N N 62  
ARG NE     N N N 63  
ARG CZ     C N N 64  
ARG NH1    N N N 65  
ARG NH2    N N N 66  
ARG OXT    O N N 67  
ARG H      H N N 68  
ARG H2     H N N 69  
ARG HA     H N N 70  
ARG HB2    H N N 71  
ARG HB3    H N N 72  
ARG HG2    H N N 73  
ARG HG3    H N N 74  
ARG HD2    H N N 75  
ARG HD3    H N N 76  
ARG HE     H N N 77  
ARG HH11   H N N 78  
ARG HH12   H N N 79  
ARG HH21   H N N 80  
ARG HH22   H N N 81  
ARG HXT    H N N 82  
ASN N      N N N 83  
ASN CA     C N S 84  
ASN C      C N N 85  
ASN O      O N N 86  
ASN CB     C N N 87  
ASN CG     C N N 88  
ASN OD1    O N N 89  
ASN ND2    N N N 90  
ASN OXT    O N N 91  
ASN H      H N N 92  
ASN H2     H N N 93  
ASN HA     H N N 94  
ASN HB2    H N N 95  
ASN HB3    H N N 96  
ASN HD21   H N N 97  
ASN HD22   H N N 98  
ASN HXT    H N N 99  
ASP N      N N N 100 
ASP CA     C N S 101 
ASP C      C N N 102 
ASP O      O N N 103 
ASP CB     C N N 104 
ASP CG     C N N 105 
ASP OD1    O N N 106 
ASP OD2    O N N 107 
ASP OXT    O N N 108 
ASP H      H N N 109 
ASP H2     H N N 110 
ASP HA     H N N 111 
ASP HB2    H N N 112 
ASP HB3    H N N 113 
ASP HD2    H N N 114 
ASP HXT    H N N 115 
CYS N      N N N 116 
CYS CA     C N R 117 
CYS C      C N N 118 
CYS O      O N N 119 
CYS CB     C N N 120 
CYS SG     S N N 121 
CYS OXT    O N N 122 
CYS H      H N N 123 
CYS H2     H N N 124 
CYS HA     H N N 125 
CYS HB2    H N N 126 
CYS HB3    H N N 127 
CYS HG     H N N 128 
CYS HXT    H N N 129 
GLN N      N N N 130 
GLN CA     C N S 131 
GLN C      C N N 132 
GLN O      O N N 133 
GLN CB     C N N 134 
GLN CG     C N N 135 
GLN CD     C N N 136 
GLN OE1    O N N 137 
GLN NE2    N N N 138 
GLN OXT    O N N 139 
GLN H      H N N 140 
GLN H2     H N N 141 
GLN HA     H N N 142 
GLN HB2    H N N 143 
GLN HB3    H N N 144 
GLN HG2    H N N 145 
GLN HG3    H N N 146 
GLN HE21   H N N 147 
GLN HE22   H N N 148 
GLN HXT    H N N 149 
GLU N      N N N 150 
GLU CA     C N S 151 
GLU C      C N N 152 
GLU O      O N N 153 
GLU CB     C N N 154 
GLU CG     C N N 155 
GLU CD     C N N 156 
GLU OE1    O N N 157 
GLU OE2    O N N 158 
GLU OXT    O N N 159 
GLU H      H N N 160 
GLU H2     H N N 161 
GLU HA     H N N 162 
GLU HB2    H N N 163 
GLU HB3    H N N 164 
GLU HG2    H N N 165 
GLU HG3    H N N 166 
GLU HE2    H N N 167 
GLU HXT    H N N 168 
GLY N      N N N 169 
GLY CA     C N N 170 
GLY C      C N N 171 
GLY O      O N N 172 
GLY OXT    O N N 173 
GLY H      H N N 174 
GLY H2     H N N 175 
GLY HA2    H N N 176 
GLY HA3    H N N 177 
GLY HXT    H N N 178 
HIS N      N N N 179 
HIS CA     C N S 180 
HIS C      C N N 181 
HIS O      O N N 182 
HIS CB     C N N 183 
HIS CG     C Y N 184 
HIS ND1    N Y N 185 
HIS CD2    C Y N 186 
HIS CE1    C Y N 187 
HIS NE2    N Y N 188 
HIS OXT    O N N 189 
HIS H      H N N 190 
HIS H2     H N N 191 
HIS HA     H N N 192 
HIS HB2    H N N 193 
HIS HB3    H N N 194 
HIS HD1    H N N 195 
HIS HD2    H N N 196 
HIS HE1    H N N 197 
HIS HE2    H N N 198 
HIS HXT    H N N 199 
HOH O      O N N 200 
HOH H1     H N N 201 
HOH H2     H N N 202 
ILE N      N N N 203 
ILE CA     C N S 204 
ILE C      C N N 205 
ILE O      O N N 206 
ILE CB     C N S 207 
ILE CG1    C N N 208 
ILE CG2    C N N 209 
ILE CD1    C N N 210 
ILE OXT    O N N 211 
ILE H      H N N 212 
ILE H2     H N N 213 
ILE HA     H N N 214 
ILE HB     H N N 215 
ILE HG12   H N N 216 
ILE HG13   H N N 217 
ILE HG21   H N N 218 
ILE HG22   H N N 219 
ILE HG23   H N N 220 
ILE HD11   H N N 221 
ILE HD12   H N N 222 
ILE HD13   H N N 223 
ILE HXT    H N N 224 
LEU N      N N N 225 
LEU CA     C N S 226 
LEU C      C N N 227 
LEU O      O N N 228 
LEU CB     C N N 229 
LEU CG     C N N 230 
LEU CD1    C N N 231 
LEU CD2    C N N 232 
LEU OXT    O N N 233 
LEU H      H N N 234 
LEU H2     H N N 235 
LEU HA     H N N 236 
LEU HB2    H N N 237 
LEU HB3    H N N 238 
LEU HG     H N N 239 
LEU HD11   H N N 240 
LEU HD12   H N N 241 
LEU HD13   H N N 242 
LEU HD21   H N N 243 
LEU HD22   H N N 244 
LEU HD23   H N N 245 
LEU HXT    H N N 246 
LYS N      N N N 247 
LYS CA     C N S 248 
LYS C      C N N 249 
LYS O      O N N 250 
LYS CB     C N N 251 
LYS CG     C N N 252 
LYS CD     C N N 253 
LYS CE     C N N 254 
LYS NZ     N N N 255 
LYS OXT    O N N 256 
LYS H      H N N 257 
LYS H2     H N N 258 
LYS HA     H N N 259 
LYS HB2    H N N 260 
LYS HB3    H N N 261 
LYS HG2    H N N 262 
LYS HG3    H N N 263 
LYS HD2    H N N 264 
LYS HD3    H N N 265 
LYS HE2    H N N 266 
LYS HE3    H N N 267 
LYS HZ1    H N N 268 
LYS HZ2    H N N 269 
LYS HZ3    H N N 270 
LYS HXT    H N N 271 
MET N      N N N 272 
MET CA     C N S 273 
MET C      C N N 274 
MET O      O N N 275 
MET CB     C N N 276 
MET CG     C N N 277 
MET SD     S N N 278 
MET CE     C N N 279 
MET OXT    O N N 280 
MET H      H N N 281 
MET H2     H N N 282 
MET HA     H N N 283 
MET HB2    H N N 284 
MET HB3    H N N 285 
MET HG2    H N N 286 
MET HG3    H N N 287 
MET HE1    H N N 288 
MET HE2    H N N 289 
MET HE3    H N N 290 
MET HXT    H N N 291 
PHE N      N N N 292 
PHE CA     C N S 293 
PHE C      C N N 294 
PHE O      O N N 295 
PHE CB     C N N 296 
PHE CG     C Y N 297 
PHE CD1    C Y N 298 
PHE CD2    C Y N 299 
PHE CE1    C Y N 300 
PHE CE2    C Y N 301 
PHE CZ     C Y N 302 
PHE OXT    O N N 303 
PHE H      H N N 304 
PHE H2     H N N 305 
PHE HA     H N N 306 
PHE HB2    H N N 307 
PHE HB3    H N N 308 
PHE HD1    H N N 309 
PHE HD2    H N N 310 
PHE HE1    H N N 311 
PHE HE2    H N N 312 
PHE HZ     H N N 313 
PHE HXT    H N N 314 
PRO N      N N N 315 
PRO CA     C N S 316 
PRO C      C N N 317 
PRO O      O N N 318 
PRO CB     C N N 319 
PRO CG     C N N 320 
PRO CD     C N N 321 
PRO OXT    O N N 322 
PRO H      H N N 323 
PRO HA     H N N 324 
PRO HB2    H N N 325 
PRO HB3    H N N 326 
PRO HG2    H N N 327 
PRO HG3    H N N 328 
PRO HD2    H N N 329 
PRO HD3    H N N 330 
PRO HXT    H N N 331 
SER N      N N N 332 
SER CA     C N S 333 
SER C      C N N 334 
SER O      O N N 335 
SER CB     C N N 336 
SER OG     O N N 337 
SER OXT    O N N 338 
SER H      H N N 339 
SER H2     H N N 340 
SER HA     H N N 341 
SER HB2    H N N 342 
SER HB3    H N N 343 
SER HG     H N N 344 
SER HXT    H N N 345 
THR N      N N N 346 
THR CA     C N S 347 
THR C      C N N 348 
THR O      O N N 349 
THR CB     C N R 350 
THR OG1    O N N 351 
THR CG2    C N N 352 
THR OXT    O N N 353 
THR H      H N N 354 
THR H2     H N N 355 
THR HA     H N N 356 
THR HB     H N N 357 
THR HG1    H N N 358 
THR HG21   H N N 359 
THR HG22   H N N 360 
THR HG23   H N N 361 
THR HXT    H N N 362 
VAL N      N N N 363 
VAL CA     C N S 364 
VAL C      C N N 365 
VAL O      O N N 366 
VAL CB     C N N 367 
VAL CG1    C N N 368 
VAL CG2    C N N 369 
VAL OXT    O N N 370 
VAL H      H N N 371 
VAL H2     H N N 372 
VAL HA     H N N 373 
VAL HB     H N N 374 
VAL HG11   H N N 375 
VAL HG12   H N N 376 
VAL HG13   H N N 377 
VAL HG21   H N N 378 
VAL HG22   H N N 379 
VAL HG23   H N N 380 
VAL HXT    H N N 381 
# 
loop_
_chem_comp_bond.comp_id 
_chem_comp_bond.atom_id_1 
_chem_comp_bond.atom_id_2 
_chem_comp_bond.value_order 
_chem_comp_bond.pdbx_aromatic_flag 
_chem_comp_bond.pdbx_stereo_config 
_chem_comp_bond.pdbx_ordinal 
ADP PB    O1B    doub N N 1   
ADP PB    O2B    sing N N 2   
ADP PB    O3B    sing N N 3   
ADP PB    O3A    sing N N 4   
ADP O2B   HOB2   sing N N 5   
ADP O3B   HOB3   sing N N 6   
ADP PA    O1A    doub N N 7   
ADP PA    O2A    sing N N 8   
ADP PA    O3A    sing N N 9   
ADP PA    "O5'"  sing N N 10  
ADP O2A   HOA2   sing N N 11  
ADP "O5'" "C5'"  sing N N 12  
ADP "C5'" "C4'"  sing N N 13  
ADP "C5'" "H5'1" sing N N 14  
ADP "C5'" "H5'2" sing N N 15  
ADP "C4'" "O4'"  sing N N 16  
ADP "C4'" "C3'"  sing N N 17  
ADP "C4'" "H4'"  sing N N 18  
ADP "O4'" "C1'"  sing N N 19  
ADP "C3'" "O3'"  sing N N 20  
ADP "C3'" "C2'"  sing N N 21  
ADP "C3'" "H3'"  sing N N 22  
ADP "O3'" "HO3'" sing N N 23  
ADP "C2'" "O2'"  sing N N 24  
ADP "C2'" "C1'"  sing N N 25  
ADP "C2'" "H2'"  sing N N 26  
ADP "O2'" "HO2'" sing N N 27  
ADP "C1'" N9     sing N N 28  
ADP "C1'" "H1'"  sing N N 29  
ADP N9    C8     sing Y N 30  
ADP N9    C4     sing Y N 31  
ADP C8    N7     doub Y N 32  
ADP C8    H8     sing N N 33  
ADP N7    C5     sing Y N 34  
ADP C5    C6     sing Y N 35  
ADP C5    C4     doub Y N 36  
ADP C6    N6     sing N N 37  
ADP C6    N1     doub Y N 38  
ADP N6    HN61   sing N N 39  
ADP N6    HN62   sing N N 40  
ADP N1    C2     sing Y N 41  
ADP C2    N3     doub Y N 42  
ADP C2    H2     sing N N 43  
ADP N3    C4     sing Y N 44  
ALA N     CA     sing N N 45  
ALA N     H      sing N N 46  
ALA N     H2     sing N N 47  
ALA CA    C      sing N N 48  
ALA CA    CB     sing N N 49  
ALA CA    HA     sing N N 50  
ALA C     O      doub N N 51  
ALA C     OXT    sing N N 52  
ALA CB    HB1    sing N N 53  
ALA CB    HB2    sing N N 54  
ALA CB    HB3    sing N N 55  
ALA OXT   HXT    sing N N 56  
ARG N     CA     sing N N 57  
ARG N     H      sing N N 58  
ARG N     H2     sing N N 59  
ARG CA    C      sing N N 60  
ARG CA    CB     sing N N 61  
ARG CA    HA     sing N N 62  
ARG C     O      doub N N 63  
ARG C     OXT    sing N N 64  
ARG CB    CG     sing N N 65  
ARG CB    HB2    sing N N 66  
ARG CB    HB3    sing N N 67  
ARG CG    CD     sing N N 68  
ARG CG    HG2    sing N N 69  
ARG CG    HG3    sing N N 70  
ARG CD    NE     sing N N 71  
ARG CD    HD2    sing N N 72  
ARG CD    HD3    sing N N 73  
ARG NE    CZ     sing N N 74  
ARG NE    HE     sing N N 75  
ARG CZ    NH1    sing N N 76  
ARG CZ    NH2    doub N N 77  
ARG NH1   HH11   sing N N 78  
ARG NH1   HH12   sing N N 79  
ARG NH2   HH21   sing N N 80  
ARG NH2   HH22   sing N N 81  
ARG OXT   HXT    sing N N 82  
ASN N     CA     sing N N 83  
ASN N     H      sing N N 84  
ASN N     H2     sing N N 85  
ASN CA    C      sing N N 86  
ASN CA    CB     sing N N 87  
ASN CA    HA     sing N N 88  
ASN C     O      doub N N 89  
ASN C     OXT    sing N N 90  
ASN CB    CG     sing N N 91  
ASN CB    HB2    sing N N 92  
ASN CB    HB3    sing N N 93  
ASN CG    OD1    doub N N 94  
ASN CG    ND2    sing N N 95  
ASN ND2   HD21   sing N N 96  
ASN ND2   HD22   sing N N 97  
ASN OXT   HXT    sing N N 98  
ASP N     CA     sing N N 99  
ASP N     H      sing N N 100 
ASP N     H2     sing N N 101 
ASP CA    C      sing N N 102 
ASP CA    CB     sing N N 103 
ASP CA    HA     sing N N 104 
ASP C     O      doub N N 105 
ASP C     OXT    sing N N 106 
ASP CB    CG     sing N N 107 
ASP CB    HB2    sing N N 108 
ASP CB    HB3    sing N N 109 
ASP CG    OD1    doub N N 110 
ASP CG    OD2    sing N N 111 
ASP OD2   HD2    sing N N 112 
ASP OXT   HXT    sing N N 113 
CYS N     CA     sing N N 114 
CYS N     H      sing N N 115 
CYS N     H2     sing N N 116 
CYS CA    C      sing N N 117 
CYS CA    CB     sing N N 118 
CYS CA    HA     sing N N 119 
CYS C     O      doub N N 120 
CYS C     OXT    sing N N 121 
CYS CB    SG     sing N N 122 
CYS CB    HB2    sing N N 123 
CYS CB    HB3    sing N N 124 
CYS SG    HG     sing N N 125 
CYS OXT   HXT    sing N N 126 
GLN N     CA     sing N N 127 
GLN N     H      sing N N 128 
GLN N     H2     sing N N 129 
GLN CA    C      sing N N 130 
GLN CA    CB     sing N N 131 
GLN CA    HA     sing N N 132 
GLN C     O      doub N N 133 
GLN C     OXT    sing N N 134 
GLN CB    CG     sing N N 135 
GLN CB    HB2    sing N N 136 
GLN CB    HB3    sing N N 137 
GLN CG    CD     sing N N 138 
GLN CG    HG2    sing N N 139 
GLN CG    HG3    sing N N 140 
GLN CD    OE1    doub N N 141 
GLN CD    NE2    sing N N 142 
GLN NE2   HE21   sing N N 143 
GLN NE2   HE22   sing N N 144 
GLN OXT   HXT    sing N N 145 
GLU N     CA     sing N N 146 
GLU N     H      sing N N 147 
GLU N     H2     sing N N 148 
GLU CA    C      sing N N 149 
GLU CA    CB     sing N N 150 
GLU CA    HA     sing N N 151 
GLU C     O      doub N N 152 
GLU C     OXT    sing N N 153 
GLU CB    CG     sing N N 154 
GLU CB    HB2    sing N N 155 
GLU CB    HB3    sing N N 156 
GLU CG    CD     sing N N 157 
GLU CG    HG2    sing N N 158 
GLU CG    HG3    sing N N 159 
GLU CD    OE1    doub N N 160 
GLU CD    OE2    sing N N 161 
GLU OE2   HE2    sing N N 162 
GLU OXT   HXT    sing N N 163 
GLY N     CA     sing N N 164 
GLY N     H      sing N N 165 
GLY N     H2     sing N N 166 
GLY CA    C      sing N N 167 
GLY CA    HA2    sing N N 168 
GLY CA    HA3    sing N N 169 
GLY C     O      doub N N 170 
GLY C     OXT    sing N N 171 
GLY OXT   HXT    sing N N 172 
HIS N     CA     sing N N 173 
HIS N     H      sing N N 174 
HIS N     H2     sing N N 175 
HIS CA    C      sing N N 176 
HIS CA    CB     sing N N 177 
HIS CA    HA     sing N N 178 
HIS C     O      doub N N 179 
HIS C     OXT    sing N N 180 
HIS CB    CG     sing N N 181 
HIS CB    HB2    sing N N 182 
HIS CB    HB3    sing N N 183 
HIS CG    ND1    sing Y N 184 
HIS CG    CD2    doub Y N 185 
HIS ND1   CE1    doub Y N 186 
HIS ND1   HD1    sing N N 187 
HIS CD2   NE2    sing Y N 188 
HIS CD2   HD2    sing N N 189 
HIS CE1   NE2    sing Y N 190 
HIS CE1   HE1    sing N N 191 
HIS NE2   HE2    sing N N 192 
HIS OXT   HXT    sing N N 193 
HOH O     H1     sing N N 194 
HOH O     H2     sing N N 195 
ILE N     CA     sing N N 196 
ILE N     H      sing N N 197 
ILE N     H2     sing N N 198 
ILE CA    C      sing N N 199 
ILE CA    CB     sing N N 200 
ILE CA    HA     sing N N 201 
ILE C     O      doub N N 202 
ILE C     OXT    sing N N 203 
ILE CB    CG1    sing N N 204 
ILE CB    CG2    sing N N 205 
ILE CB    HB     sing N N 206 
ILE CG1   CD1    sing N N 207 
ILE CG1   HG12   sing N N 208 
ILE CG1   HG13   sing N N 209 
ILE CG2   HG21   sing N N 210 
ILE CG2   HG22   sing N N 211 
ILE CG2   HG23   sing N N 212 
ILE CD1   HD11   sing N N 213 
ILE CD1   HD12   sing N N 214 
ILE CD1   HD13   sing N N 215 
ILE OXT   HXT    sing N N 216 
LEU N     CA     sing N N 217 
LEU N     H      sing N N 218 
LEU N     H2     sing N N 219 
LEU CA    C      sing N N 220 
LEU CA    CB     sing N N 221 
LEU CA    HA     sing N N 222 
LEU C     O      doub N N 223 
LEU C     OXT    sing N N 224 
LEU CB    CG     sing N N 225 
LEU CB    HB2    sing N N 226 
LEU CB    HB3    sing N N 227 
LEU CG    CD1    sing N N 228 
LEU CG    CD2    sing N N 229 
LEU CG    HG     sing N N 230 
LEU CD1   HD11   sing N N 231 
LEU CD1   HD12   sing N N 232 
LEU CD1   HD13   sing N N 233 
LEU CD2   HD21   sing N N 234 
LEU CD2   HD22   sing N N 235 
LEU CD2   HD23   sing N N 236 
LEU OXT   HXT    sing N N 237 
LYS N     CA     sing N N 238 
LYS N     H      sing N N 239 
LYS N     H2     sing N N 240 
LYS CA    C      sing N N 241 
LYS CA    CB     sing N N 242 
LYS CA    HA     sing N N 243 
LYS C     O      doub N N 244 
LYS C     OXT    sing N N 245 
LYS CB    CG     sing N N 246 
LYS CB    HB2    sing N N 247 
LYS CB    HB3    sing N N 248 
LYS CG    CD     sing N N 249 
LYS CG    HG2    sing N N 250 
LYS CG    HG3    sing N N 251 
LYS CD    CE     sing N N 252 
LYS CD    HD2    sing N N 253 
LYS CD    HD3    sing N N 254 
LYS CE    NZ     sing N N 255 
LYS CE    HE2    sing N N 256 
LYS CE    HE3    sing N N 257 
LYS NZ    HZ1    sing N N 258 
LYS NZ    HZ2    sing N N 259 
LYS NZ    HZ3    sing N N 260 
LYS OXT   HXT    sing N N 261 
MET N     CA     sing N N 262 
MET N     H      sing N N 263 
MET N     H2     sing N N 264 
MET CA    C      sing N N 265 
MET CA    CB     sing N N 266 
MET CA    HA     sing N N 267 
MET C     O      doub N N 268 
MET C     OXT    sing N N 269 
MET CB    CG     sing N N 270 
MET CB    HB2    sing N N 271 
MET CB    HB3    sing N N 272 
MET CG    SD     sing N N 273 
MET CG    HG2    sing N N 274 
MET CG    HG3    sing N N 275 
MET SD    CE     sing N N 276 
MET CE    HE1    sing N N 277 
MET CE    HE2    sing N N 278 
MET CE    HE3    sing N N 279 
MET OXT   HXT    sing N N 280 
PHE N     CA     sing N N 281 
PHE N     H      sing N N 282 
PHE N     H2     sing N N 283 
PHE CA    C      sing N N 284 
PHE CA    CB     sing N N 285 
PHE CA    HA     sing N N 286 
PHE C     O      doub N N 287 
PHE C     OXT    sing N N 288 
PHE CB    CG     sing N N 289 
PHE CB    HB2    sing N N 290 
PHE CB    HB3    sing N N 291 
PHE CG    CD1    doub Y N 292 
PHE CG    CD2    sing Y N 293 
PHE CD1   CE1    sing Y N 294 
PHE CD1   HD1    sing N N 295 
PHE CD2   CE2    doub Y N 296 
PHE CD2   HD2    sing N N 297 
PHE CE1   CZ     doub Y N 298 
PHE CE1   HE1    sing N N 299 
PHE CE2   CZ     sing Y N 300 
PHE CE2   HE2    sing N N 301 
PHE CZ    HZ     sing N N 302 
PHE OXT   HXT    sing N N 303 
PRO N     CA     sing N N 304 
PRO N     CD     sing N N 305 
PRO N     H      sing N N 306 
PRO CA    C      sing N N 307 
PRO CA    CB     sing N N 308 
PRO CA    HA     sing N N 309 
PRO C     O      doub N N 310 
PRO C     OXT    sing N N 311 
PRO CB    CG     sing N N 312 
PRO CB    HB2    sing N N 313 
PRO CB    HB3    sing N N 314 
PRO CG    CD     sing N N 315 
PRO CG    HG2    sing N N 316 
PRO CG    HG3    sing N N 317 
PRO CD    HD2    sing N N 318 
PRO CD    HD3    sing N N 319 
PRO OXT   HXT    sing N N 320 
SER N     CA     sing N N 321 
SER N     H      sing N N 322 
SER N     H2     sing N N 323 
SER CA    C      sing N N 324 
SER CA    CB     sing N N 325 
SER CA    HA     sing N N 326 
SER C     O      doub N N 327 
SER C     OXT    sing N N 328 
SER CB    OG     sing N N 329 
SER CB    HB2    sing N N 330 
SER CB    HB3    sing N N 331 
SER OG    HG     sing N N 332 
SER OXT   HXT    sing N N 333 
THR N     CA     sing N N 334 
THR N     H      sing N N 335 
THR N     H2     sing N N 336 
THR CA    C      sing N N 337 
THR CA    CB     sing N N 338 
THR CA    HA     sing N N 339 
THR C     O      doub N N 340 
THR C     OXT    sing N N 341 
THR CB    OG1    sing N N 342 
THR CB    CG2    sing N N 343 
THR CB    HB     sing N N 344 
THR OG1   HG1    sing N N 345 
THR CG2   HG21   sing N N 346 
THR CG2   HG22   sing N N 347 
THR CG2   HG23   sing N N 348 
THR OXT   HXT    sing N N 349 
VAL N     CA     sing N N 350 
VAL N     H      sing N N 351 
VAL N     H2     sing N N 352 
VAL CA    C      sing N N 353 
VAL CA    CB     sing N N 354 
VAL CA    HA     sing N N 355 
VAL C     O      doub N N 356 
VAL C     OXT    sing N N 357 
VAL CB    CG1    sing N N 358 
VAL CB    CG2    sing N N 359 
VAL CB    HB     sing N N 360 
VAL CG1   HG11   sing N N 361 
VAL CG1   HG12   sing N N 362 
VAL CG1   HG13   sing N N 363 
VAL CG2   HG21   sing N N 364 
VAL CG2   HG22   sing N N 365 
VAL CG2   HG23   sing N N 366 
VAL OXT   HXT    sing N N 367 
# 
_atom_sites.entry_id                    1IY1 
_atom_sites.fract_transf_matrix[1][1]   -0.00639959 
_atom_sites.fract_transf_matrix[1][2]   0.00663440 
_atom_sites.fract_transf_matrix[1][3]   -0.01262250 
_atom_sites.fract_transf_matrix[2][1]   -0.01535647 
_atom_sites.fract_transf_matrix[2][2]   -0.00132939 
_atom_sites.fract_transf_matrix[2][3]   -0.00259006 
_atom_sites.fract_transf_matrix[3][1]   -0.00189735 
_atom_sites.fract_transf_matrix[3][2]   0.00990253 
_atom_sites.fract_transf_matrix[3][3]   0.00616674 
_atom_sites.fract_transf_vector[1]      0.642724 
_atom_sites.fract_transf_vector[2]      0.364049 
_atom_sites.fract_transf_vector[3]      0.678228 
# 
loop_
_atom_type.symbol 
C 
N 
O 
P 
S 
# 
loop_
_atom_site.group_PDB 
_atom_site.id 
_atom_site.type_symbol 
_atom_site.label_atom_id 
_atom_site.label_alt_id 
_atom_site.label_comp_id 
_atom_site.label_asym_id 
_atom_site.label_entity_id 
_atom_site.label_seq_id 
_atom_site.pdbx_PDB_ins_code 
_atom_site.Cartn_x 
_atom_site.Cartn_y 
_atom_site.Cartn_z 
_atom_site.occupancy 
_atom_site.B_iso_or_equiv 
_atom_site.pdbx_formal_charge 
_atom_site.auth_seq_id 
_atom_site.auth_comp_id 
_atom_site.auth_asym_id 
_atom_site.auth_atom_id 
_atom_site.pdbx_PDB_model_num 
ATOM   1    N N     . LYS A 1 12  ? -10.032 9.775   -3.695  1.00 66.97 ? 152 LYS A N     1 
ATOM   2    C CA    . LYS A 1 12  ? -10.179 10.128  -5.139  1.00 65.98 ? 152 LYS A CA    1 
ATOM   3    C C     . LYS A 1 12  ? -9.527  9.077   -6.043  1.00 64.56 ? 152 LYS A C     1 
ATOM   4    O O     . LYS A 1 12  ? -9.571  9.189   -7.267  1.00 66.21 ? 152 LYS A O     1 
ATOM   5    C CB    . LYS A 1 12  ? -9.569  11.506  -5.402  1.00 64.92 ? 152 LYS A CB    1 
ATOM   6    N N     . VAL A 1 13  ? -8.930  8.056   -5.435  1.00 62.57 ? 153 VAL A N     1 
ATOM   7    C CA    . VAL A 1 13  ? -8.279  6.990   -6.192  1.00 60.71 ? 153 VAL A CA    1 
ATOM   8    C C     . VAL A 1 13  ? -9.200  5.777   -6.400  1.00 59.91 ? 153 VAL A C     1 
ATOM   9    O O     . VAL A 1 13  ? -9.750  5.220   -5.445  1.00 61.18 ? 153 VAL A O     1 
ATOM   10   C CB    . VAL A 1 13  ? -6.983  6.500   -5.483  1.00 59.66 ? 153 VAL A CB    1 
ATOM   11   C CG1   . VAL A 1 13  ? -6.256  5.493   -6.357  1.00 60.19 ? 153 VAL A CG1   1 
ATOM   12   C CG2   . VAL A 1 13  ? -6.076  7.672   -5.171  1.00 59.67 ? 153 VAL A CG2   1 
ATOM   13   N N     . THR A 1 14  ? -9.375  5.378   -7.653  1.00 56.29 ? 154 THR A N     1 
ATOM   14   C CA    . THR A 1 14  ? -10.195 4.219   -7.968  1.00 53.49 ? 154 THR A CA    1 
ATOM   15   C C     . THR A 1 14  ? -9.307  3.256   -8.733  1.00 53.46 ? 154 THR A C     1 
ATOM   16   O O     . THR A 1 14  ? -8.131  3.542   -8.969  1.00 53.44 ? 154 THR A O     1 
ATOM   17   C CB    . THR A 1 14  ? -11.418 4.587   -8.843  1.00 54.00 ? 154 THR A CB    1 
ATOM   18   O OG1   . THR A 1 14  ? -10.977 5.137   -10.094 1.00 53.47 ? 154 THR A OG1   1 
ATOM   19   C CG2   . THR A 1 14  ? -12.308 5.587   -8.114  1.00 51.14 ? 154 THR A CG2   1 
ATOM   20   N N     . PHE A 1 15  ? -9.863  2.116   -9.124  1.00 52.26 ? 155 PHE A N     1 
ATOM   21   C CA    . PHE A 1 15  ? -9.094  1.123   -9.858  1.00 50.53 ? 155 PHE A CA    1 
ATOM   22   C C     . PHE A 1 15  ? -8.658  1.643   -11.225 1.00 49.26 ? 155 PHE A C     1 
ATOM   23   O O     . PHE A 1 15  ? -7.891  0.991   -11.933 1.00 48.13 ? 155 PHE A O     1 
ATOM   24   C CB    . PHE A 1 15  ? -9.905  -0.175  -10.008 1.00 51.14 ? 155 PHE A CB    1 
ATOM   25   C CG    . PHE A 1 15  ? -10.003 -0.997  -8.738  1.00 51.01 ? 155 PHE A CG    1 
ATOM   26   C CD1   . PHE A 1 15  ? -10.502 -2.295  -8.777  1.00 51.42 ? 155 PHE A CD1   1 
ATOM   27   C CD2   . PHE A 1 15  ? -9.577  -0.487  -7.515  1.00 51.21 ? 155 PHE A CD2   1 
ATOM   28   C CE1   . PHE A 1 15  ? -10.572 -3.071  -7.623  1.00 49.92 ? 155 PHE A CE1   1 
ATOM   29   C CE2   . PHE A 1 15  ? -9.646  -1.256  -6.358  1.00 50.32 ? 155 PHE A CE2   1 
ATOM   30   C CZ    . PHE A 1 15  ? -10.144 -2.552  -6.414  1.00 50.03 ? 155 PHE A CZ    1 
ATOM   31   N N     . LYS A 1 16  ? -9.147  2.825   -11.589 1.00 49.61 ? 156 LYS A N     1 
ATOM   32   C CA    . LYS A 1 16  ? -8.799  3.439   -12.872 1.00 49.41 ? 156 LYS A CA    1 
ATOM   33   C C     . LYS A 1 16  ? -7.442  4.137   -12.737 1.00 48.99 ? 156 LYS A C     1 
ATOM   34   O O     . LYS A 1 16  ? -6.662  4.215   -13.685 1.00 49.33 ? 156 LYS A O     1 
ATOM   35   C CB    . LYS A 1 16  ? -9.880  4.454   -13.284 1.00 46.61 ? 156 LYS A CB    1 
ATOM   36   N N     . ASP A 1 17  ? -7.171  4.626   -11.535 1.00 47.88 ? 157 ASP A N     1 
ATOM   37   C CA    . ASP A 1 17  ? -5.935  5.328   -11.237 1.00 48.59 ? 157 ASP A CA    1 
ATOM   38   C C     . ASP A 1 17  ? -4.823  4.330   -10.872 1.00 47.95 ? 157 ASP A C     1 
ATOM   39   O O     . ASP A 1 17  ? -3.724  4.728   -10.479 1.00 46.76 ? 157 ASP A O     1 
ATOM   40   C CB    . ASP A 1 17  ? -6.178  6.302   -10.072 1.00 52.22 ? 157 ASP A CB    1 
ATOM   41   C CG    . ASP A 1 17  ? -7.531  7.028   -10.172 1.00 55.64 ? 157 ASP A CG    1 
ATOM   42   O OD1   . ASP A 1 17  ? -7.914  7.716   -9.201  1.00 55.19 ? 157 ASP A OD1   1 
ATOM   43   O OD2   . ASP A 1 17  ? -8.219  6.916   -11.215 1.00 58.40 ? 157 ASP A OD2   1 
ATOM   44   N N     . VAL A 1 18  ? -5.120  3.037   -10.999 1.00 46.10 ? 158 VAL A N     1 
ATOM   45   C CA    . VAL A 1 18  ? -4.160  1.980   -10.685 1.00 44.08 ? 158 VAL A CA    1 
ATOM   46   C C     . VAL A 1 18  ? -3.755  1.270   -11.973 1.00 44.72 ? 158 VAL A C     1 
ATOM   47   O O     . VAL A 1 18  ? -4.574  0.619   -12.616 1.00 43.62 ? 158 VAL A O     1 
ATOM   48   C CB    . VAL A 1 18  ? -4.772  0.942   -9.703  1.00 42.87 ? 158 VAL A CB    1 
ATOM   49   C CG1   . VAL A 1 18  ? -3.745  -0.116  -9.334  1.00 38.83 ? 158 VAL A CG1   1 
ATOM   50   C CG2   . VAL A 1 18  ? -5.278  1.647   -8.459  1.00 43.19 ? 158 VAL A CG2   1 
ATOM   51   N N     . ALA A 1 19  ? -2.486  1.407   -12.347 1.00 45.10 ? 159 ALA A N     1 
ATOM   52   C CA    . ALA A 1 19  ? -1.970  0.801   -13.567 1.00 45.77 ? 159 ALA A CA    1 
ATOM   53   C C     . ALA A 1 19  ? -1.662  -0.679  -13.392 1.00 47.67 ? 159 ALA A C     1 
ATOM   54   O O     . ALA A 1 19  ? -0.670  -1.053  -12.765 1.00 49.67 ? 159 ALA A O     1 
ATOM   55   C CB    . ALA A 1 19  ? -0.716  1.541   -14.023 1.00 45.12 ? 159 ALA A CB    1 
ATOM   56   N N     . GLY A 1 20  ? -2.514  -1.521  -13.962 1.00 48.47 ? 160 GLY A N     1 
ATOM   57   C CA    . GLY A 1 20  ? -2.306  -2.950  -13.857 1.00 49.52 ? 160 GLY A CA    1 
ATOM   58   C C     . GLY A 1 20  ? -3.003  -3.572  -12.666 1.00 50.03 ? 160 GLY A C     1 
ATOM   59   O O     . GLY A 1 20  ? -4.083  -3.135  -12.271 1.00 49.76 ? 160 GLY A O     1 
ATOM   60   N N     . ALA A 1 21  ? -2.378  -4.598  -12.095 1.00 50.70 ? 161 ALA A N     1 
ATOM   61   C CA    . ALA A 1 21  ? -2.933  -5.310  -10.948 1.00 50.53 ? 161 ALA A CA    1 
ATOM   62   C C     . ALA A 1 21  ? -4.249  -5.979  -11.326 1.00 50.57 ? 161 ALA A C     1 
ATOM   63   O O     . ALA A 1 21  ? -5.244  -5.844  -10.620 1.00 51.26 ? 161 ALA A O     1 
ATOM   64   C CB    . ALA A 1 21  ? -3.148  -4.350  -9.788  1.00 48.72 ? 161 ALA A CB    1 
ATOM   65   N N     . GLU A 1 22  ? -4.244  -6.701  -12.442 1.00 51.09 ? 162 GLU A N     1 
ATOM   66   C CA    . GLU A 1 22  ? -5.438  -7.390  -12.915 1.00 53.18 ? 162 GLU A CA    1 
ATOM   67   C C     . GLU A 1 22  ? -6.079  -8.280  -11.841 1.00 54.35 ? 162 GLU A C     1 
ATOM   68   O O     . GLU A 1 22  ? -7.191  -7.986  -11.386 1.00 53.90 ? 162 GLU A O     1 
ATOM   69   C CB    . GLU A 1 22  ? -5.108  -8.222  -14.169 1.00 54.12 ? 162 GLU A CB    1 
ATOM   70   N N     . GLU A 1 23  ? -5.389  -9.353  -11.435 1.00 54.63 ? 163 GLU A N     1 
ATOM   71   C CA    . GLU A 1 23  ? -5.923  -10.274 -10.422 1.00 55.02 ? 163 GLU A CA    1 
ATOM   72   C C     . GLU A 1 23  ? -6.236  -9.587  -9.103  1.00 52.56 ? 163 GLU A C     1 
ATOM   73   O O     . GLU A 1 23  ? -7.289  -9.822  -8.510  1.00 53.59 ? 163 GLU A O     1 
ATOM   74   C CB    . GLU A 1 23  ? -4.957  -11.429 -10.136 1.00 58.85 ? 163 GLU A CB    1 
ATOM   75   C CG    . GLU A 1 23  ? -4.741  -12.392 -11.283 1.00 65.55 ? 163 GLU A CG    1 
ATOM   76   C CD    . GLU A 1 23  ? -3.584  -11.982 -12.173 1.00 69.42 ? 163 GLU A CD    1 
ATOM   77   O OE1   . GLU A 1 23  ? -2.440  -11.895 -11.664 1.00 71.21 ? 163 GLU A OE1   1 
ATOM   78   O OE2   . GLU A 1 23  ? -3.817  -11.750 -13.381 1.00 72.65 ? 163 GLU A OE2   1 
ATOM   79   N N     . ALA A 1 24  ? -5.311  -8.754  -8.642  1.00 47.75 ? 164 ALA A N     1 
ATOM   80   C CA    . ALA A 1 24  ? -5.496  -8.037  -7.393  1.00 44.53 ? 164 ALA A CA    1 
ATOM   81   C C     . ALA A 1 24  ? -6.863  -7.357  -7.377  1.00 43.34 ? 164 ALA A C     1 
ATOM   82   O O     . ALA A 1 24  ? -7.654  -7.550  -6.456  1.00 42.73 ? 164 ALA A O     1 
ATOM   83   C CB    . ALA A 1 24  ? -4.391  -7.013  -7.221  1.00 44.61 ? 164 ALA A CB    1 
ATOM   84   N N     . LYS A 1 25  ? -7.147  -6.569  -8.403  1.00 42.51 ? 165 LYS A N     1 
ATOM   85   C CA    . LYS A 1 25  ? -8.429  -5.880  -8.477  1.00 42.61 ? 165 LYS A CA    1 
ATOM   86   C C     . LYS A 1 25  ? -9.569  -6.881  -8.590  1.00 42.61 ? 165 LYS A C     1 
ATOM   87   O O     . LYS A 1 25  ? -10.664 -6.649  -8.068  1.00 43.22 ? 165 LYS A O     1 
ATOM   88   C CB    . LYS A 1 25  ? -8.467  -4.947  -9.684  1.00 40.94 ? 165 LYS A CB    1 
ATOM   89   C CG    . LYS A 1 25  ? -7.415  -3.872  -9.677  1.00 42.28 ? 165 LYS A CG    1 
ATOM   90   C CD    . LYS A 1 25  ? -7.495  -3.067  -10.953 1.00 42.76 ? 165 LYS A CD    1 
ATOM   91   C CE    . LYS A 1 25  ? -6.394  -2.035  -11.030 1.00 43.40 ? 165 LYS A CE    1 
ATOM   92   N NZ    . LYS A 1 25  ? -6.514  -1.262  -12.296 1.00 44.28 ? 165 LYS A NZ    1 
ATOM   93   N N     . GLU A 1 26  ? -9.318  -7.983  -9.292  1.00 40.66 ? 166 GLU A N     1 
ATOM   94   C CA    . GLU A 1 26  ? -10.334 -9.012  -9.462  1.00 41.10 ? 166 GLU A CA    1 
ATOM   95   C C     . GLU A 1 26  ? -10.697 -9.537  -8.084  1.00 41.32 ? 166 GLU A C     1 
ATOM   96   O O     . GLU A 1 26  ? -11.863 -9.525  -7.675  1.00 42.27 ? 166 GLU A O     1 
ATOM   97   C CB    . GLU A 1 26  ? -9.796  -10.146 -10.335 1.00 40.52 ? 166 GLU A CB    1 
ATOM   98   N N     . GLU A 1 27  ? -9.670  -9.980  -7.369  1.00 40.69 ? 167 GLU A N     1 
ATOM   99   C CA    . GLU A 1 27  ? -9.811  -10.530 -6.032  1.00 40.46 ? 167 GLU A CA    1 
ATOM   100  C C     . GLU A 1 27  ? -10.297 -9.504  -5.015  1.00 39.12 ? 167 GLU A C     1 
ATOM   101  O O     . GLU A 1 27  ? -10.787 -9.864  -3.941  1.00 39.83 ? 167 GLU A O     1 
ATOM   102  C CB    . GLU A 1 27  ? -8.471  -11.098 -5.582  1.00 42.94 ? 167 GLU A CB    1 
ATOM   103  C CG    . GLU A 1 27  ? -7.779  -11.916 -6.656  1.00 45.72 ? 167 GLU A CG    1 
ATOM   104  C CD    . GLU A 1 27  ? -6.521  -12.568 -6.151  1.00 48.77 ? 167 GLU A CD    1 
ATOM   105  O OE1   . GLU A 1 27  ? -5.789  -13.175 -6.966  1.00 51.72 ? 167 GLU A OE1   1 
ATOM   106  O OE2   . GLU A 1 27  ? -6.266  -12.476 -4.933  1.00 50.52 ? 167 GLU A OE2   1 
ATOM   107  N N     . LEU A 1 28  ? -10.161 -8.226  -5.350  1.00 36.72 ? 168 LEU A N     1 
ATOM   108  C CA    . LEU A 1 28  ? -10.587 -7.173  -4.450  1.00 32.97 ? 168 LEU A CA    1 
ATOM   109  C C     . LEU A 1 28  ? -11.963 -6.650  -4.806  1.00 32.96 ? 168 LEU A C     1 
ATOM   110  O O     . LEU A 1 28  ? -12.410 -5.658  -4.255  1.00 33.15 ? 168 LEU A O     1 
ATOM   111  C CB    . LEU A 1 28  ? -9.555  -6.044  -4.445  1.00 32.35 ? 168 LEU A CB    1 
ATOM   112  C CG    . LEU A 1 28  ? -8.283  -6.408  -3.652  1.00 36.02 ? 168 LEU A CG    1 
ATOM   113  C CD1   . LEU A 1 28  ? -7.157  -5.395  -3.876  1.00 34.11 ? 168 LEU A CD1   1 
ATOM   114  C CD2   . LEU A 1 28  ? -8.634  -6.471  -2.181  1.00 34.90 ? 168 LEU A CD2   1 
ATOM   115  N N     . LYS A 1 29  ? -12.649 -7.325  -5.719  1.00 35.28 ? 169 LYS A N     1 
ATOM   116  C CA    . LYS A 1 29  ? -13.989 -6.887  -6.108  1.00 38.21 ? 169 LYS A CA    1 
ATOM   117  C C     . LYS A 1 29  ? -14.976 -7.247  -5.007  1.00 39.98 ? 169 LYS A C     1 
ATOM   118  O O     . LYS A 1 29  ? -15.784 -6.414  -4.588  1.00 40.61 ? 169 LYS A O     1 
ATOM   119  C CB    . LYS A 1 29  ? -14.412 -7.539  -7.427  1.00 38.72 ? 169 LYS A CB    1 
ATOM   120  N N     . GLU A 1 30  ? -14.907 -8.492  -4.544  1.00 41.06 ? 170 GLU A N     1 
ATOM   121  C CA    . GLU A 1 30  ? -15.788 -8.963  -3.480  1.00 41.50 ? 170 GLU A CA    1 
ATOM   122  C C     . GLU A 1 30  ? -15.743 -7.950  -2.329  1.00 41.18 ? 170 GLU A C     1 
ATOM   123  O O     . GLU A 1 30  ? -16.778 -7.609  -1.737  1.00 40.27 ? 170 GLU A O     1 
ATOM   124  C CB    . GLU A 1 30  ? -15.317 -10.345 -3.011  1.00 45.28 ? 170 GLU A CB    1 
ATOM   125  C CG    . GLU A 1 30  ? -16.297 -11.115 -2.134  1.00 50.59 ? 170 GLU A CG    1 
ATOM   126  C CD    . GLU A 1 30  ? -15.856 -12.564 -1.902  1.00 54.92 ? 170 GLU A CD    1 
ATOM   127  O OE1   . GLU A 1 30  ? -14.785 -12.774 -1.288  1.00 55.23 ? 170 GLU A OE1   1 
ATOM   128  O OE2   . GLU A 1 30  ? -16.578 -13.494 -2.340  1.00 57.58 ? 170 GLU A OE2   1 
ATOM   129  N N     . ILE A 1 31  ? -14.538 -7.461  -2.033  1.00 39.30 ? 171 ILE A N     1 
ATOM   130  C CA    . ILE A 1 31  ? -14.325 -6.483  -0.971  1.00 38.42 ? 171 ILE A CA    1 
ATOM   131  C C     . ILE A 1 31  ? -14.994 -5.161  -1.317  1.00 37.09 ? 171 ILE A C     1 
ATOM   132  O O     . ILE A 1 31  ? -15.695 -4.578  -0.488  1.00 35.22 ? 171 ILE A O     1 
ATOM   133  C CB    . ILE A 1 31  ? -12.813 -6.224  -0.738  1.00 41.50 ? 171 ILE A CB    1 
ATOM   134  C CG1   . ILE A 1 31  ? -12.176 -7.427  -0.034  1.00 40.60 ? 171 ILE A CG1   1 
ATOM   135  C CG2   . ILE A 1 31  ? -12.613 -4.953  0.094   1.00 40.71 ? 171 ILE A CG2   1 
ATOM   136  C CD1   . ILE A 1 31  ? -12.681 -7.646  1.374   1.00 42.61 ? 171 ILE A CD1   1 
ATOM   137  N N     . VAL A 1 32  ? -14.772 -4.695  -2.545  1.00 35.78 ? 172 VAL A N     1 
ATOM   138  C CA    . VAL A 1 32  ? -15.357 -3.440  -3.019  1.00 35.11 ? 172 VAL A CA    1 
ATOM   139  C C     . VAL A 1 32  ? -16.880 -3.469  -2.893  1.00 35.09 ? 172 VAL A C     1 
ATOM   140  O O     . VAL A 1 32  ? -17.485 -2.594  -2.261  1.00 32.27 ? 172 VAL A O     1 
ATOM   141  C CB    . VAL A 1 32  ? -14.997 -3.173  -4.503  1.00 33.55 ? 172 VAL A CB    1 
ATOM   142  C CG1   . VAL A 1 32  ? -15.570 -1.826  -4.947  1.00 33.28 ? 172 VAL A CG1   1 
ATOM   143  C CG2   . VAL A 1 32  ? -13.494 -3.196  -4.684  1.00 31.71 ? 172 VAL A CG2   1 
ATOM   144  N N     . GLU A 1 33  ? -17.488 -4.485  -3.503  1.00 36.29 ? 173 GLU A N     1 
ATOM   145  C CA    . GLU A 1 33  ? -18.941 -4.656  -3.472  1.00 37.04 ? 173 GLU A CA    1 
ATOM   146  C C     . GLU A 1 33  ? -19.433 -4.607  -2.029  1.00 37.70 ? 173 GLU A C     1 
ATOM   147  O O     . GLU A 1 33  ? -20.337 -3.836  -1.683  1.00 36.21 ? 173 GLU A O     1 
ATOM   148  C CB    . GLU A 1 33  ? -19.322 -5.986  -4.118  1.00 34.08 ? 173 GLU A CB    1 
ATOM   149  N N     . PHE A 1 34  ? -18.814 -5.424  -1.184  1.00 37.84 ? 174 PHE A N     1 
ATOM   150  C CA    . PHE A 1 34  ? -19.193 -5.472  0.212   1.00 37.80 ? 174 PHE A CA    1 
ATOM   151  C C     . PHE A 1 34  ? -19.198 -4.115  0.909   1.00 39.66 ? 174 PHE A C     1 
ATOM   152  O O     . PHE A 1 34  ? -20.138 -3.810  1.646   1.00 39.34 ? 174 PHE A O     1 
ATOM   153  C CB    . PHE A 1 34  ? -18.281 -6.421  0.982   1.00 36.09 ? 174 PHE A CB    1 
ATOM   154  C CG    . PHE A 1 34  ? -18.407 -6.278  2.468   1.00 35.09 ? 174 PHE A CG    1 
ATOM   155  C CD1   . PHE A 1 34  ? -19.550 -6.714  3.127   1.00 35.08 ? 174 PHE A CD1   1 
ATOM   156  C CD2   . PHE A 1 34  ? -17.423 -5.626  3.199   1.00 35.01 ? 174 PHE A CD2   1 
ATOM   157  C CE1   . PHE A 1 34  ? -19.711 -6.497  4.489   1.00 33.55 ? 174 PHE A CE1   1 
ATOM   158  C CE2   . PHE A 1 34  ? -17.573 -5.403  4.556   1.00 34.89 ? 174 PHE A CE2   1 
ATOM   159  C CZ    . PHE A 1 34  ? -18.720 -5.837  5.203   1.00 35.17 ? 174 PHE A CZ    1 
ATOM   160  N N     . LEU A 1 35  ? -18.155 -3.308  0.695   1.00 41.72 ? 175 LEU A N     1 
ATOM   161  C CA    . LEU A 1 35  ? -18.076 -1.990  1.342   1.00 43.31 ? 175 LEU A CA    1 
ATOM   162  C C     . LEU A 1 35  ? -19.138 -1.000  0.882   1.00 43.83 ? 175 LEU A C     1 
ATOM   163  O O     . LEU A 1 35  ? -19.574 -0.154  1.659   1.00 42.46 ? 175 LEU A O     1 
ATOM   164  C CB    . LEU A 1 35  ? -16.694 -1.350  1.146   1.00 42.60 ? 175 LEU A CB    1 
ATOM   165  C CG    . LEU A 1 35  ? -15.578 -1.681  2.145   1.00 42.61 ? 175 LEU A CG    1 
ATOM   166  C CD1   . LEU A 1 35  ? -16.110 -1.624  3.584   1.00 42.89 ? 175 LEU A CD1   1 
ATOM   167  C CD2   . LEU A 1 35  ? -15.039 -3.049  1.841   1.00 43.20 ? 175 LEU A CD2   1 
ATOM   168  N N     . LYS A 1 36  ? -19.547 -1.112  -0.380  1.00 47.07 ? 176 LYS A N     1 
ATOM   169  C CA    . LYS A 1 36  ? -20.555 -0.225  -0.957  1.00 50.21 ? 176 LYS A CA    1 
ATOM   170  C C     . LYS A 1 36  ? -21.951 -0.488  -0.370  1.00 51.91 ? 176 LYS A C     1 
ATOM   171  O O     . LYS A 1 36  ? -22.679 0.456   -0.045  1.00 52.44 ? 176 LYS A O     1 
ATOM   172  C CB    . LYS A 1 36  ? -20.575 -0.393  -2.481  1.00 51.23 ? 176 LYS A CB    1 
ATOM   173  C CG    . LYS A 1 36  ? -19.187 -0.307  -3.112  1.00 56.25 ? 176 LYS A CG    1 
ATOM   174  C CD    . LYS A 1 36  ? -19.173 -0.622  -4.610  1.00 56.77 ? 176 LYS A CD    1 
ATOM   175  C CE    . LYS A 1 36  ? -19.807 0.497   -5.426  1.00 58.97 ? 176 LYS A CE    1 
ATOM   176  N NZ    . LYS A 1 36  ? -19.581 0.331   -6.893  1.00 59.49 ? 176 LYS A NZ    1 
ATOM   177  N N     . ASN A 1 37  ? -22.324 -1.762  -0.238  1.00 51.83 ? 177 ASN A N     1 
ATOM   178  C CA    . ASN A 1 37  ? -23.627 -2.123  0.332   1.00 51.22 ? 177 ASN A CA    1 
ATOM   179  C C     . ASN A 1 37  ? -23.478 -3.280  1.309   1.00 49.85 ? 177 ASN A C     1 
ATOM   180  O O     . ASN A 1 37  ? -23.958 -4.384  1.057   1.00 49.16 ? 177 ASN A O     1 
ATOM   181  C CB    . ASN A 1 37  ? -24.615 -2.497  -0.774  1.00 51.60 ? 177 ASN A CB    1 
ATOM   182  N N     . PRO A 1 38  ? -22.803 -3.040  2.444   1.00 49.18 ? 178 PRO A N     1 
ATOM   183  C CA    . PRO A 1 38  ? -22.606 -4.087  3.443   1.00 48.71 ? 178 PRO A CA    1 
ATOM   184  C C     . PRO A 1 38  ? -23.921 -4.666  3.932   1.00 49.18 ? 178 PRO A C     1 
ATOM   185  O O     . PRO A 1 38  ? -23.991 -5.837  4.302   1.00 50.46 ? 178 PRO A O     1 
ATOM   186  C CB    . PRO A 1 38  ? -21.827 -3.370  4.541   1.00 46.74 ? 178 PRO A CB    1 
ATOM   187  C CG    . PRO A 1 38  ? -22.273 -1.969  4.409   1.00 46.96 ? 178 PRO A CG    1 
ATOM   188  C CD    . PRO A 1 38  ? -22.261 -1.760  2.928   1.00 48.22 ? 178 PRO A CD    1 
ATOM   189  N N     . SER A 1 39  ? -24.963 -3.843  3.927   1.00 48.91 ? 179 SER A N     1 
ATOM   190  C CA    . SER A 1 39  ? -26.281 -4.286  4.371   1.00 48.95 ? 179 SER A CA    1 
ATOM   191  C C     . SER A 1 39  ? -26.806 -5.387  3.457   1.00 46.89 ? 179 SER A C     1 
ATOM   192  O O     . SER A 1 39  ? -27.497 -6.303  3.904   1.00 46.37 ? 179 SER A O     1 
ATOM   193  C CB    . SER A 1 39  ? -27.248 -3.099  4.394   1.00 51.82 ? 179 SER A CB    1 
ATOM   194  O OG    . SER A 1 39  ? -26.977 -2.206  3.325   1.00 57.63 ? 179 SER A OG    1 
ATOM   195  N N     . ARG A 1 40  ? -26.468 -5.296  2.176   1.00 45.25 ? 180 ARG A N     1 
ATOM   196  C CA    . ARG A 1 40  ? -26.891 -6.295  1.207   1.00 43.61 ? 180 ARG A CA    1 
ATOM   197  C C     . ARG A 1 40  ? -26.290 -7.638  1.598   1.00 43.72 ? 180 ARG A C     1 
ATOM   198  O O     . ARG A 1 40  ? -26.989 -8.647  1.653   1.00 43.95 ? 180 ARG A O     1 
ATOM   199  C CB    . ARG A 1 40  ? -26.436 -5.899  -0.184  1.00 41.00 ? 180 ARG A CB    1 
ATOM   200  N N     . PHE A 1 41  ? -24.990 -7.643  1.882   1.00 44.64 ? 181 PHE A N     1 
ATOM   201  C CA    . PHE A 1 41  ? -24.296 -8.869  2.270   1.00 44.74 ? 181 PHE A CA    1 
ATOM   202  C C     . PHE A 1 41  ? -24.739 -9.379  3.630   1.00 45.23 ? 181 PHE A C     1 
ATOM   203  O O     . PHE A 1 41  ? -24.568 -10.552 3.941   1.00 44.10 ? 181 PHE A O     1 
ATOM   204  C CB    . PHE A 1 41  ? -22.782 -8.660  2.294   1.00 42.92 ? 181 PHE A CB    1 
ATOM   205  C CG    . PHE A 1 41  ? -22.156 -8.574  0.936   1.00 40.47 ? 181 PHE A CG    1 
ATOM   206  C CD1   . PHE A 1 41  ? -22.325 -7.440  0.148   1.00 38.31 ? 181 PHE A CD1   1 
ATOM   207  C CD2   . PHE A 1 41  ? -21.384 -9.629  0.447   1.00 40.61 ? 181 PHE A CD2   1 
ATOM   208  C CE1   . PHE A 1 41  ? -21.731 -7.353  -1.106  1.00 39.01 ? 181 PHE A CE1   1 
ATOM   209  C CE2   . PHE A 1 41  ? -20.784 -9.557  -0.806  1.00 39.90 ? 181 PHE A CE2   1 
ATOM   210  C CZ    . PHE A 1 41  ? -20.956 -8.416  -1.587  1.00 38.36 ? 181 PHE A CZ    1 
ATOM   211  N N     . HIS A 1 42  ? -25.289 -8.488  4.448   1.00 47.92 ? 182 HIS A N     1 
ATOM   212  C CA    . HIS A 1 42  ? -25.761 -8.870  5.772   1.00 50.17 ? 182 HIS A CA    1 
ATOM   213  C C     . HIS A 1 42  ? -27.056 -9.648  5.591   1.00 52.04 ? 182 HIS A C     1 
ATOM   214  O O     . HIS A 1 42  ? -27.247 -10.712 6.179   1.00 52.55 ? 182 HIS A O     1 
ATOM   215  C CB    . HIS A 1 42  ? -26.007 -7.627  6.622   1.00 49.11 ? 182 HIS A CB    1 
ATOM   216  N N     . GLU A 1 43  ? -27.927 -9.110  4.744   1.00 54.78 ? 183 GLU A N     1 
ATOM   217  C CA    . GLU A 1 43  ? -29.227 -9.709  4.452   1.00 56.82 ? 183 GLU A CA    1 
ATOM   218  C C     . GLU A 1 43  ? -29.105 -11.055 3.758   1.00 56.87 ? 183 GLU A C     1 
ATOM   219  O O     . GLU A 1 43  ? -29.971 -11.911 3.908   1.00 59.06 ? 183 GLU A O     1 
ATOM   220  C CB    . GLU A 1 43  ? -30.050 -8.773  3.561   1.00 57.83 ? 183 GLU A CB    1 
ATOM   221  C CG    . GLU A 1 43  ? -30.204 -7.359  4.093   1.00 60.63 ? 183 GLU A CG    1 
ATOM   222  C CD    . GLU A 1 43  ? -30.726 -6.398  3.039   1.00 63.89 ? 183 GLU A CD    1 
ATOM   223  O OE1   . GLU A 1 43  ? -30.844 -5.191  3.338   1.00 64.23 ? 183 GLU A OE1   1 
ATOM   224  O OE2   . GLU A 1 43  ? -31.018 -6.852  1.910   1.00 65.18 ? 183 GLU A OE2   1 
ATOM   225  N N     . MET A 1 44  ? -28.034 -11.232 2.994   1.00 57.12 ? 184 MET A N     1 
ATOM   226  C CA    . MET A 1 44  ? -27.811 -12.467 2.252   1.00 56.12 ? 184 MET A CA    1 
ATOM   227  C C     . MET A 1 44  ? -27.159 -13.555 3.104   1.00 53.60 ? 184 MET A C     1 
ATOM   228  O O     . MET A 1 44  ? -27.026 -14.696 2.666   1.00 52.44 ? 184 MET A O     1 
ATOM   229  C CB    . MET A 1 44  ? -26.930 -12.177 1.036   1.00 59.02 ? 184 MET A CB    1 
ATOM   230  C CG    . MET A 1 44  ? -27.301 -12.954 -0.209  1.00 65.13 ? 184 MET A CG    1 
ATOM   231  S SD    . MET A 1 44  ? -28.906 -12.444 -0.865  1.00 72.40 ? 184 MET A SD    1 
ATOM   232  C CE    . MET A 1 44  ? -28.522 -10.758 -1.406  1.00 71.08 ? 184 MET A CE    1 
ATOM   233  N N     . GLY A 1 45  ? -26.755 -13.193 4.319   1.00 53.04 ? 185 GLY A N     1 
ATOM   234  C CA    . GLY A 1 45  ? -26.106 -14.144 5.206   1.00 53.13 ? 185 GLY A CA    1 
ATOM   235  C C     . GLY A 1 45  ? -24.697 -14.518 4.765   1.00 53.66 ? 185 GLY A C     1 
ATOM   236  O O     . GLY A 1 45  ? -24.141 -15.506 5.239   1.00 52.36 ? 185 GLY A O     1 
ATOM   237  N N     . ALA A 1 46  ? -24.118 -13.721 3.864   1.00 56.33 ? 186 ALA A N     1 
ATOM   238  C CA    . ALA A 1 46  ? -22.774 -13.961 3.328   1.00 57.04 ? 186 ALA A CA    1 
ATOM   239  C C     . ALA A 1 46  ? -21.647 -13.353 4.171   1.00 57.67 ? 186 ALA A C     1 
ATOM   240  O O     . ALA A 1 46  ? -21.771 -12.233 4.677   1.00 58.58 ? 186 ALA A O     1 
ATOM   241  C CB    . ALA A 1 46  ? -22.694 -13.432 1.903   1.00 57.15 ? 186 ALA A CB    1 
ATOM   242  N N     . ARG A 1 47  ? -20.543 -14.094 4.298   1.00 57.05 ? 187 ARG A N     1 
ATOM   243  C CA    . ARG A 1 47  ? -19.383 -13.658 5.081   1.00 53.69 ? 187 ARG A CA    1 
ATOM   244  C C     . ARG A 1 47  ? -18.135 -13.409 4.230   1.00 51.87 ? 187 ARG A C     1 
ATOM   245  O O     . ARG A 1 47  ? -17.682 -14.288 3.492   1.00 48.57 ? 187 ARG A O     1 
ATOM   246  C CB    . ARG A 1 47  ? -19.070 -14.692 6.165   1.00 53.33 ? 187 ARG A CB    1 
ATOM   247  N N     . ILE A 1 48  ? -17.584 -12.205 4.371   1.00 51.83 ? 188 ILE A N     1 
ATOM   248  C CA    . ILE A 1 48  ? -16.388 -11.765 3.651   1.00 51.17 ? 188 ILE A CA    1 
ATOM   249  C C     . ILE A 1 48  ? -15.147 -11.907 4.546   1.00 50.00 ? 188 ILE A C     1 
ATOM   250  O O     . ILE A 1 48  ? -15.230 -11.739 5.761   1.00 47.86 ? 188 ILE A O     1 
ATOM   251  C CB    . ILE A 1 48  ? -16.542 -10.270 3.226   1.00 52.34 ? 188 ILE A CB    1 
ATOM   252  C CG1   . ILE A 1 48  ? -17.748 -10.117 2.300   1.00 53.74 ? 188 ILE A CG1   1 
ATOM   253  C CG2   . ILE A 1 48  ? -15.286 -9.763  2.545   1.00 51.96 ? 188 ILE A CG2   1 
ATOM   254  C CD1   . ILE A 1 48  ? -17.694 -10.992 1.063   1.00 55.96 ? 188 ILE A CD1   1 
ATOM   255  N N     . PRO A 1 49  ? -13.986 -12.224 3.951   1.00 49.87 ? 189 PRO A N     1 
ATOM   256  C CA    . PRO A 1 49  ? -12.701 -12.395 4.638   1.00 50.30 ? 189 PRO A CA    1 
ATOM   257  C C     . PRO A 1 49  ? -12.308 -11.261 5.592   1.00 50.12 ? 189 PRO A C     1 
ATOM   258  O O     . PRO A 1 49  ? -11.715 -11.503 6.653   1.00 53.21 ? 189 PRO A O     1 
ATOM   259  C CB    . PRO A 1 49  ? -11.722 -12.542 3.483   1.00 51.34 ? 189 PRO A CB    1 
ATOM   260  C CG    . PRO A 1 49  ? -12.519 -13.344 2.513   1.00 51.36 ? 189 PRO A CG    1 
ATOM   261  C CD    . PRO A 1 49  ? -13.873 -12.646 2.542   1.00 51.61 ? 189 PRO A CD    1 
ATOM   262  N N     . LYS A 1 50  ? -12.620 -10.026 5.206   1.00 47.10 ? 190 LYS A N     1 
ATOM   263  C CA    . LYS A 1 50  ? -12.319 -8.848  6.024   1.00 44.09 ? 190 LYS A CA    1 
ATOM   264  C C     . LYS A 1 50  ? -10.892 -8.692  6.599   1.00 41.59 ? 190 LYS A C     1 
ATOM   265  O O     . LYS A 1 50  ? -10.689 -8.005  7.598   1.00 41.28 ? 190 LYS A O     1 
ATOM   266  C CB    . LYS A 1 50  ? -13.346 -8.739  7.155   1.00 44.85 ? 190 LYS A CB    1 
ATOM   267  C CG    . LYS A 1 50  ? -14.678 -8.153  6.697   1.00 46.04 ? 190 LYS A CG    1 
ATOM   268  C CD    . LYS A 1 50  ? -15.528 -7.699  7.876   1.00 48.68 ? 190 LYS A CD    1 
ATOM   269  C CE    . LYS A 1 50  ? -16.289 -8.854  8.483   1.00 50.92 ? 190 LYS A CE    1 
ATOM   270  N NZ    . LYS A 1 50  ? -17.147 -9.475  7.437   1.00 52.85 ? 190 LYS A NZ    1 
ATOM   271  N N     . GLY A 1 51  ? -9.910  -9.311  5.950   1.00 38.60 ? 191 GLY A N     1 
ATOM   272  C CA    . GLY A 1 51  ? -8.532  -9.218  6.396   1.00 33.17 ? 191 GLY A CA    1 
ATOM   273  C C     . GLY A 1 51  ? -7.662  -9.603  5.226   1.00 31.82 ? 191 GLY A C     1 
ATOM   274  O O     . GLY A 1 51  ? -7.376  -10.781 5.041   1.00 31.69 ? 191 GLY A O     1 
ATOM   275  N N     . VAL A 1 52  ? -7.241  -8.611  4.440   1.00 32.36 ? 192 VAL A N     1 
ATOM   276  C CA    . VAL A 1 52  ? -6.428  -8.846  3.245   1.00 31.05 ? 192 VAL A CA    1 
ATOM   277  C C     . VAL A 1 52  ? -5.003  -8.298  3.312   1.00 30.97 ? 192 VAL A C     1 
ATOM   278  O O     . VAL A 1 52  ? -4.777  -7.106  3.525   1.00 29.41 ? 192 VAL A O     1 
ATOM   279  C CB    . VAL A 1 52  ? -7.117  -8.255  1.994   1.00 32.44 ? 192 VAL A CB    1 
ATOM   280  C CG1   . VAL A 1 52  ? -6.301  -8.560  0.748   1.00 32.25 ? 192 VAL A CG1   1 
ATOM   281  C CG2   . VAL A 1 52  ? -8.527  -8.818  1.861   1.00 31.74 ? 192 VAL A CG2   1 
ATOM   282  N N     . LEU A 1 53  ? -4.045  -9.194  3.113   1.00 30.62 ? 193 LEU A N     1 
ATOM   283  C CA    . LEU A 1 53  ? -2.637  -8.843  3.142   1.00 31.58 ? 193 LEU A CA    1 
ATOM   284  C C     . LEU A 1 53  ? -2.044  -8.758  1.731   1.00 34.23 ? 193 LEU A C     1 
ATOM   285  O O     . LEU A 1 53  ? -2.063  -9.736  0.974   1.00 35.40 ? 193 LEU A O     1 
ATOM   286  C CB    . LEU A 1 53  ? -1.866  -9.884  3.942   1.00 28.65 ? 193 LEU A CB    1 
ATOM   287  C CG    . LEU A 1 53  ? -0.366  -9.626  3.994   1.00 27.73 ? 193 LEU A CG    1 
ATOM   288  C CD1   . LEU A 1 53  ? -0.090  -8.391  4.823   1.00 30.28 ? 193 LEU A CD1   1 
ATOM   289  C CD2   . LEU A 1 53  ? 0.338   -10.817 4.579   1.00 26.32 ? 193 LEU A CD2   1 
ATOM   290  N N     . LEU A 1 54  ? -1.518  -7.587  1.381   1.00 35.01 ? 194 LEU A N     1 
ATOM   291  C CA    . LEU A 1 54  ? -0.904  -7.391  0.077   1.00 35.16 ? 194 LEU A CA    1 
ATOM   292  C C     . LEU A 1 54  ? 0.581   -7.688  0.229   1.00 37.30 ? 194 LEU A C     1 
ATOM   293  O O     . LEU A 1 54  ? 1.273   -7.063  1.034   1.00 37.75 ? 194 LEU A O     1 
ATOM   294  C CB    . LEU A 1 54  ? -1.116  -5.953  -0.395  1.00 34.03 ? 194 LEU A CB    1 
ATOM   295  C CG    . LEU A 1 54  ? -2.574  -5.466  -0.476  1.00 34.86 ? 194 LEU A CG    1 
ATOM   296  C CD1   . LEU A 1 54  ? -2.595  -3.963  -0.743  1.00 33.18 ? 194 LEU A CD1   1 
ATOM   297  C CD2   . LEU A 1 54  ? -3.330  -6.216  -1.571  1.00 30.01 ? 194 LEU A CD2   1 
ATOM   298  N N     . VAL A 1 55  ? 1.076   -8.657  -0.530  1.00 38.65 ? 195 VAL A N     1 
ATOM   299  C CA    . VAL A 1 55  ? 2.488   -9.008  -0.435  1.00 38.64 ? 195 VAL A CA    1 
ATOM   300  C C     . VAL A 1 55  ? 3.288   -8.635  -1.682  1.00 38.37 ? 195 VAL A C     1 
ATOM   301  O O     . VAL A 1 55  ? 2.896   -8.959  -2.805  1.00 37.89 ? 195 VAL A O     1 
ATOM   302  C CB    . VAL A 1 55  ? 2.669   -10.502 -0.185  1.00 39.20 ? 195 VAL A CB    1 
ATOM   303  C CG1   . VAL A 1 55  ? 4.136   -10.786 0.094   1.00 35.92 ? 195 VAL A CG1   1 
ATOM   304  C CG2   . VAL A 1 55  ? 1.769   -10.951 0.957   1.00 35.74 ? 195 VAL A CG2   1 
ATOM   305  N N     . GLY A 1 56  ? 4.414   -7.959  -1.465  1.00 37.76 ? 196 GLY A N     1 
ATOM   306  C CA    . GLY A 1 56  ? 5.259   -7.539  -2.564  1.00 38.93 ? 196 GLY A CA    1 
ATOM   307  C C     . GLY A 1 56  ? 6.336   -6.547  -2.154  1.00 40.58 ? 196 GLY A C     1 
ATOM   308  O O     . GLY A 1 56  ? 6.271   -5.956  -1.077  1.00 40.24 ? 196 GLY A O     1 
ATOM   309  N N     . PRO A 1 57  ? 7.336   -6.325  -3.016  1.00 41.62 ? 197 PRO A N     1 
ATOM   310  C CA    . PRO A 1 57  ? 8.452   -5.405  -2.770  1.00 41.08 ? 197 PRO A CA    1 
ATOM   311  C C     . PRO A 1 57  ? 8.017   -3.958  -2.542  1.00 40.67 ? 197 PRO A C     1 
ATOM   312  O O     . PRO A 1 57  ? 6.894   -3.571  -2.866  1.00 40.49 ? 197 PRO A O     1 
ATOM   313  C CB    . PRO A 1 57  ? 9.293   -5.529  -4.042  1.00 41.83 ? 197 PRO A CB    1 
ATOM   314  C CG    . PRO A 1 57  ? 8.896   -6.867  -4.619  1.00 42.62 ? 197 PRO A CG    1 
ATOM   315  C CD    . PRO A 1 57  ? 7.419   -6.896  -4.371  1.00 42.41 ? 197 PRO A CD    1 
ATOM   316  N N     . PRO A 1 58  ? 8.920   -3.134  -1.990  1.00 40.39 ? 198 PRO A N     1 
ATOM   317  C CA    . PRO A 1 58  ? 8.632   -1.722  -1.723  1.00 39.70 ? 198 PRO A CA    1 
ATOM   318  C C     . PRO A 1 58  ? 8.469   -0.946  -3.032  1.00 38.83 ? 198 PRO A C     1 
ATOM   319  O O     . PRO A 1 58  ? 9.067   -1.303  -4.047  1.00 39.16 ? 198 PRO A O     1 
ATOM   320  C CB    . PRO A 1 58  ? 9.861   -1.258  -0.936  1.00 39.05 ? 198 PRO A CB    1 
ATOM   321  C CG    . PRO A 1 58  ? 10.389  -2.527  -0.316  1.00 38.52 ? 198 PRO A CG    1 
ATOM   322  C CD    . PRO A 1 58  ? 10.226  -3.519  -1.425  1.00 39.70 ? 198 PRO A CD    1 
ATOM   323  N N     . GLY A 1 59  ? 7.664   0.112   -3.002  1.00 38.03 ? 199 GLY A N     1 
ATOM   324  C CA    . GLY A 1 59  ? 7.452   0.925   -4.188  1.00 37.30 ? 199 GLY A CA    1 
ATOM   325  C C     . GLY A 1 59  ? 6.886   0.134   -5.348  1.00 37.59 ? 199 GLY A C     1 
ATOM   326  O O     . GLY A 1 59  ? 7.398   0.170   -6.470  1.00 39.13 ? 199 GLY A O     1 
ATOM   327  N N     . VAL A 1 60  ? 5.808   -0.580  -5.063  1.00 37.44 ? 200 VAL A N     1 
ATOM   328  C CA    . VAL A 1 60  ? 5.137   -1.399  -6.047  1.00 35.46 ? 200 VAL A CA    1 
ATOM   329  C C     . VAL A 1 60  ? 3.658   -0.986  -6.190  1.00 34.78 ? 200 VAL A C     1 
ATOM   330  O O     . VAL A 1 60  ? 2.999   -1.337  -7.164  1.00 36.41 ? 200 VAL A O     1 
ATOM   331  C CB    . VAL A 1 60  ? 5.309   -2.885  -5.655  1.00 36.59 ? 200 VAL A CB    1 
ATOM   332  C CG1   . VAL A 1 60  ? 4.068   -3.663  -5.961  1.00 37.84 ? 200 VAL A CG1   1 
ATOM   333  C CG2   . VAL A 1 60  ? 6.513   -3.473  -6.407  1.00 38.10 ? 200 VAL A CG2   1 
ATOM   334  N N     . GLY A 1 61  ? 3.144   -0.223  -5.228  1.00 31.94 ? 201 GLY A N     1 
ATOM   335  C CA    . GLY A 1 61  ? 1.770   0.236   -5.323  1.00 33.40 ? 201 GLY A CA    1 
ATOM   336  C C     . GLY A 1 61  ? 0.741   -0.341  -4.365  1.00 34.20 ? 201 GLY A C     1 
ATOM   337  O O     . GLY A 1 61  ? -0.463  -0.176  -4.577  1.00 34.45 ? 201 GLY A O     1 
ATOM   338  N N     . LYS A 1 62  ? 1.204   -1.001  -3.306  1.00 33.69 ? 202 LYS A N     1 
ATOM   339  C CA    . LYS A 1 62  ? 0.319   -1.612  -2.317  1.00 30.62 ? 202 LYS A CA    1 
ATOM   340  C C     . LYS A 1 62  ? -0.562  -0.601  -1.557  1.00 31.03 ? 202 LYS A C     1 
ATOM   341  O O     . LYS A 1 62  ? -1.767  -0.822  -1.380  1.00 32.06 ? 202 LYS A O     1 
ATOM   342  C CB    . LYS A 1 62  ? 1.160   -2.456  -1.354  1.00 27.84 ? 202 LYS A CB    1 
ATOM   343  C CG    . LYS A 1 62  ? 1.999   -3.504  -2.086  1.00 28.48 ? 202 LYS A CG    1 
ATOM   344  C CD    . LYS A 1 62  ? 2.680   -4.479  -1.145  1.00 27.60 ? 202 LYS A CD    1 
ATOM   345  C CE    . LYS A 1 62  ? 3.614   -3.764  -0.180  1.00 28.32 ? 202 LYS A CE    1 
ATOM   346  N NZ    . LYS A 1 62  ? 4.805   -3.181  -0.839  1.00 29.45 ? 202 LYS A NZ    1 
ATOM   347  N N     . THR A 1 63  ? 0.023   0.506   -1.111  1.00 28.00 ? 203 THR A N     1 
ATOM   348  C CA    . THR A 1 63  ? -0.758  1.511   -0.403  1.00 27.95 ? 203 THR A CA    1 
ATOM   349  C C     . THR A 1 63  ? -1.701  2.157   -1.404  1.00 29.07 ? 203 THR A C     1 
ATOM   350  O O     . THR A 1 63  ? -2.836  2.488   -1.078  1.00 30.71 ? 203 THR A O     1 
ATOM   351  C CB    . THR A 1 63  ? 0.132   2.628   0.193   1.00 26.56 ? 203 THR A CB    1 
ATOM   352  O OG1   . THR A 1 63  ? 1.131   2.051   1.047   1.00 27.25 ? 203 THR A OG1   1 
ATOM   353  C CG2   . THR A 1 63  ? -0.700  3.616   0.984   1.00 22.27 ? 203 THR A CG2   1 
ATOM   354  N N     . HIS A 1 64  ? -1.208  2.333   -2.625  1.00 30.96 ? 204 HIS A N     1 
ATOM   355  C CA    . HIS A 1 64  ? -1.962  2.956   -3.706  1.00 32.60 ? 204 HIS A CA    1 
ATOM   356  C C     . HIS A 1 64  ? -3.172  2.104   -4.096  1.00 33.51 ? 204 HIS A C     1 
ATOM   357  O O     . HIS A 1 64  ? -4.269  2.616   -4.308  1.00 34.37 ? 204 HIS A O     1 
ATOM   358  C CB    . HIS A 1 64  ? -1.032  3.164   -4.916  1.00 35.67 ? 204 HIS A CB    1 
ATOM   359  C CG    . HIS A 1 64  ? -1.665  3.901   -6.063  1.00 35.77 ? 204 HIS A CG    1 
ATOM   360  N ND1   . HIS A 1 64  ? -2.165  5.181   -5.943  1.00 36.83 ? 204 HIS A ND1   1 
ATOM   361  C CD2   . HIS A 1 64  ? -1.878  3.533   -7.348  1.00 34.14 ? 204 HIS A CD2   1 
ATOM   362  C CE1   . HIS A 1 64  ? -2.661  5.567   -7.105  1.00 36.29 ? 204 HIS A CE1   1 
ATOM   363  N NE2   . HIS A 1 64  ? -2.500  4.586   -7.974  1.00 35.55 ? 204 HIS A NE2   1 
ATOM   364  N N     . LEU A 1 65  ? -2.966  0.797   -4.191  1.00 33.72 ? 205 LEU A N     1 
ATOM   365  C CA    . LEU A 1 65  ? -4.038  -0.121  -4.545  1.00 35.01 ? 205 LEU A CA    1 
ATOM   366  C C     . LEU A 1 65  ? -5.076  -0.135  -3.426  1.00 36.59 ? 205 LEU A C     1 
ATOM   367  O O     . LEU A 1 65  ? -6.281  -0.069  -3.672  1.00 36.75 ? 205 LEU A O     1 
ATOM   368  C CB    . LEU A 1 65  ? -3.462  -1.524  -4.747  1.00 32.72 ? 205 LEU A CB    1 
ATOM   369  C CG    . LEU A 1 65  ? -4.459  -2.653  -4.986  1.00 29.26 ? 205 LEU A CG    1 
ATOM   370  C CD1   . LEU A 1 65  ? -5.327  -2.344  -6.205  1.00 28.90 ? 205 LEU A CD1   1 
ATOM   371  C CD2   . LEU A 1 65  ? -3.690  -3.953  -5.167  1.00 26.64 ? 205 LEU A CD2   1 
ATOM   372  N N     . ALA A 1 66  ? -4.596  -0.220  -2.192  1.00 36.79 ? 206 ALA A N     1 
ATOM   373  C CA    . ALA A 1 66  ? -5.475  -0.233  -1.037  1.00 37.85 ? 206 ALA A CA    1 
ATOM   374  C C     . ALA A 1 66  ? -6.320  1.030   -1.016  1.00 38.60 ? 206 ALA A C     1 
ATOM   375  O O     . ALA A 1 66  ? -7.543  0.969   -0.879  1.00 39.76 ? 206 ALA A O     1 
ATOM   376  C CB    . ALA A 1 66  ? -4.653  -0.335  0.247   1.00 38.00 ? 206 ALA A CB    1 
ATOM   377  N N     . ARG A 1 67  ? -5.667  2.178   -1.158  1.00 38.81 ? 207 ARG A N     1 
ATOM   378  C CA    . ARG A 1 67  ? -6.378  3.450   -1.145  1.00 39.96 ? 207 ARG A CA    1 
ATOM   379  C C     . ARG A 1 67  ? -7.451  3.427   -2.232  1.00 38.56 ? 207 ARG A C     1 
ATOM   380  O O     . ARG A 1 67  ? -8.594  3.834   -2.013  1.00 35.76 ? 207 ARG A O     1 
ATOM   381  C CB    . ARG A 1 67  ? -5.388  4.606   -1.360  1.00 40.86 ? 207 ARG A CB    1 
ATOM   382  C CG    . ARG A 1 67  ? -5.938  5.981   -0.973  1.00 43.81 ? 207 ARG A CG    1 
ATOM   383  C CD    . ARG A 1 67  ? -4.847  7.061   -0.901  1.00 45.35 ? 207 ARG A CD    1 
ATOM   384  N NE    . ARG A 1 67  ? -4.040  6.985   0.318   1.00 47.81 ? 207 ARG A NE    1 
ATOM   385  C CZ    . ARG A 1 67  ? -2.707  6.930   0.336   1.00 51.36 ? 207 ARG A CZ    1 
ATOM   386  N NH1   . ARG A 1 67  ? -2.027  6.939   -0.807  1.00 51.96 ? 207 ARG A NH1   1 
ATOM   387  N NH2   . ARG A 1 67  ? -2.045  6.872   1.493   1.00 51.14 ? 207 ARG A NH2   1 
ATOM   388  N N     . ALA A 1 68  ? -7.081  2.908   -3.394  1.00 39.36 ? 208 ALA A N     1 
ATOM   389  C CA    . ALA A 1 68  ? -7.996  2.815   -4.523  1.00 40.05 ? 208 ALA A CA    1 
ATOM   390  C C     . ALA A 1 68  ? -9.181  1.908   -4.198  1.00 40.22 ? 208 ALA A C     1 
ATOM   391  O O     . ALA A 1 68  ? -10.291 2.112   -4.703  1.00 40.62 ? 208 ALA A O     1 
ATOM   392  C CB    . ALA A 1 68  ? -7.257  2.283   -5.747  1.00 41.00 ? 208 ALA A CB    1 
ATOM   393  N N     . VAL A 1 69  ? -8.942  0.897   -3.371  1.00 38.34 ? 209 VAL A N     1 
ATOM   394  C CA    . VAL A 1 69  ? -10.012 -0.010  -3.000  1.00 36.62 ? 209 VAL A CA    1 
ATOM   395  C C     . VAL A 1 69  ? -11.021 0.743   -2.145  1.00 37.52 ? 209 VAL A C     1 
ATOM   396  O O     . VAL A 1 69  ? -12.217 0.473   -2.214  1.00 38.01 ? 209 VAL A O     1 
ATOM   397  C CB    . VAL A 1 69  ? -9.478  -1.230  -2.222  1.00 35.24 ? 209 VAL A CB    1 
ATOM   398  C CG1   . VAL A 1 69  ? -10.631 -2.059  -1.706  1.00 32.81 ? 209 VAL A CG1   1 
ATOM   399  C CG2   . VAL A 1 69  ? -8.599  -2.077  -3.127  1.00 32.88 ? 209 VAL A CG2   1 
ATOM   400  N N     . ALA A 1 70  ? -10.541 1.698   -1.352  1.00 36.85 ? 210 ALA A N     1 
ATOM   401  C CA    . ALA A 1 70  ? -11.429 2.484   -0.498  1.00 36.87 ? 210 ALA A CA    1 
ATOM   402  C C     . ALA A 1 70  ? -12.145 3.525   -1.332  1.00 36.90 ? 210 ALA A C     1 
ATOM   403  O O     . ALA A 1 70  ? -13.261 3.929   -1.011  1.00 35.97 ? 210 ALA A O     1 
ATOM   404  C CB    . ALA A 1 70  ? -10.646 3.168   0.612   1.00 35.83 ? 210 ALA A CB    1 
ATOM   405  N N     . GLY A 1 71  ? -11.486 3.966   -2.398  1.00 38.82 ? 211 GLY A N     1 
ATOM   406  C CA    . GLY A 1 71  ? -12.082 4.953   -3.278  1.00 39.58 ? 211 GLY A CA    1 
ATOM   407  C C     . GLY A 1 71  ? -13.088 4.307   -4.212  1.00 40.16 ? 211 GLY A C     1 
ATOM   408  O O     . GLY A 1 71  ? -14.154 4.860   -4.472  1.00 41.95 ? 211 GLY A O     1 
ATOM   409  N N     . GLU A 1 72  ? -12.745 3.124   -4.711  1.00 40.51 ? 212 GLU A N     1 
ATOM   410  C CA    . GLU A 1 72  ? -13.605 2.377   -5.623  1.00 39.88 ? 212 GLU A CA    1 
ATOM   411  C C     . GLU A 1 72  ? -14.950 2.093   -4.976  1.00 40.61 ? 212 GLU A C     1 
ATOM   412  O O     . GLU A 1 72  ? -15.938 1.846   -5.661  1.00 42.83 ? 212 GLU A O     1 
ATOM   413  C CB    . GLU A 1 72  ? -12.933 1.056   -5.992  1.00 39.23 ? 212 GLU A CB    1 
ATOM   414  C CG    . GLU A 1 72  ? -13.527 0.363   -7.190  1.00 39.17 ? 212 GLU A CG    1 
ATOM   415  C CD    . GLU A 1 72  ? -13.416 1.196   -8.444  1.00 38.11 ? 212 GLU A CD    1 
ATOM   416  O OE1   . GLU A 1 72  ? -12.347 1.801   -8.655  1.00 37.80 ? 212 GLU A OE1   1 
ATOM   417  O OE2   . GLU A 1 72  ? -14.389 1.239   -9.222  1.00 40.60 ? 212 GLU A OE2   1 
ATOM   418  N N     . ALA A 1 73  ? -14.982 2.123   -3.648  1.00 40.64 ? 213 ALA A N     1 
ATOM   419  C CA    . ALA A 1 73  ? -16.209 1.864   -2.906  1.00 39.65 ? 213 ALA A CA    1 
ATOM   420  C C     . ALA A 1 73  ? -16.690 3.151   -2.263  1.00 38.96 ? 213 ALA A C     1 
ATOM   421  O O     . ALA A 1 73  ? -17.640 3.146   -1.477  1.00 37.75 ? 213 ALA A O     1 
ATOM   422  C CB    . ALA A 1 73  ? -15.956 0.816   -1.844  1.00 40.32 ? 213 ALA A CB    1 
ATOM   423  N N     . ARG A 1 74  ? -16.028 4.250   -2.616  1.00 39.22 ? 214 ARG A N     1 
ATOM   424  C CA    . ARG A 1 74  ? -16.351 5.566   -2.084  1.00 40.79 ? 214 ARG A CA    1 
ATOM   425  C C     . ARG A 1 74  ? -16.593 5.468   -0.580  1.00 40.04 ? 214 ARG A C     1 
ATOM   426  O O     . ARG A 1 74  ? -17.651 5.827   -0.073  1.00 41.14 ? 214 ARG A O     1 
ATOM   427  C CB    . ARG A 1 74  ? -17.574 6.133   -2.809  1.00 43.54 ? 214 ARG A CB    1 
ATOM   428  C CG    . ARG A 1 74  ? -17.314 6.441   -4.273  1.00 46.67 ? 214 ARG A CG    1 
ATOM   429  C CD    . ARG A 1 74  ? -18.606 6.477   -5.082  1.00 52.48 ? 214 ARG A CD    1 
ATOM   430  N NE    . ARG A 1 74  ? -19.364 5.223   -4.985  1.00 55.59 ? 214 ARG A NE    1 
ATOM   431  C CZ    . ARG A 1 74  ? -19.958 4.614   -6.012  1.00 56.71 ? 214 ARG A CZ    1 
ATOM   432  N NH1   . ARG A 1 74  ? -19.888 5.127   -7.238  1.00 55.61 ? 214 ARG A NH1   1 
ATOM   433  N NH2   . ARG A 1 74  ? -20.630 3.485   -5.816  1.00 57.53 ? 214 ARG A NH2   1 
ATOM   434  N N     . VAL A 1 75  ? -15.581 4.982   0.128   1.00 39.16 ? 215 VAL A N     1 
ATOM   435  C CA    . VAL A 1 75  ? -15.666 4.796   1.566   1.00 38.25 ? 215 VAL A CA    1 
ATOM   436  C C     . VAL A 1 75  ? -14.359 5.320   2.187   1.00 37.97 ? 215 VAL A C     1 
ATOM   437  O O     . VAL A 1 75  ? -13.358 5.506   1.483   1.00 38.31 ? 215 VAL A O     1 
ATOM   438  C CB    . VAL A 1 75  ? -15.893 3.280   1.867   1.00 38.00 ? 215 VAL A CB    1 
ATOM   439  C CG1   . VAL A 1 75  ? -14.571 2.586   2.146   1.00 37.45 ? 215 VAL A CG1   1 
ATOM   440  C CG2   . VAL A 1 75  ? -16.893 3.104   2.991   1.00 37.79 ? 215 VAL A CG2   1 
ATOM   441  N N     . PRO A 1 76  ? -14.350 5.587   3.503   1.00 35.84 ? 216 PRO A N     1 
ATOM   442  C CA    . PRO A 1 76  ? -13.120 6.091   4.125   1.00 34.36 ? 216 PRO A CA    1 
ATOM   443  C C     . PRO A 1 76  ? -11.943 5.111   4.067   1.00 34.72 ? 216 PRO A C     1 
ATOM   444  O O     . PRO A 1 76  ? -12.121 3.898   3.961   1.00 35.45 ? 216 PRO A O     1 
ATOM   445  C CB    . PRO A 1 76  ? -13.551 6.388   5.562   1.00 34.41 ? 216 PRO A CB    1 
ATOM   446  C CG    . PRO A 1 76  ? -15.010 6.674   5.436   1.00 33.19 ? 216 PRO A CG    1 
ATOM   447  C CD    . PRO A 1 76  ? -15.469 5.621   4.458   1.00 35.07 ? 216 PRO A CD    1 
ATOM   448  N N     . PHE A 1 77  ? -10.740 5.667   4.146   1.00 34.40 ? 217 PHE A N     1 
ATOM   449  C CA    . PHE A 1 77  ? -9.489  4.915   4.102   1.00 31.86 ? 217 PHE A CA    1 
ATOM   450  C C     . PHE A 1 77  ? -8.696  5.409   5.304   1.00 33.41 ? 217 PHE A C     1 
ATOM   451  O O     . PHE A 1 77  ? -8.094  6.486   5.263   1.00 34.05 ? 217 PHE A O     1 
ATOM   452  C CB    . PHE A 1 77  ? -8.750  5.243   2.797   1.00 29.01 ? 217 PHE A CB    1 
ATOM   453  C CG    . PHE A 1 77  ? -7.451  4.507   2.605   1.00 27.10 ? 217 PHE A CG    1 
ATOM   454  C CD1   . PHE A 1 77  ? -7.423  3.125   2.463   1.00 28.39 ? 217 PHE A CD1   1 
ATOM   455  C CD2   . PHE A 1 77  ? -6.251  5.210   2.510   1.00 26.68 ? 217 PHE A CD2   1 
ATOM   456  C CE1   . PHE A 1 77  ? -6.215  2.454   2.224   1.00 27.99 ? 217 PHE A CE1   1 
ATOM   457  C CE2   . PHE A 1 77  ? -5.041  4.550   2.272   1.00 25.72 ? 217 PHE A CE2   1 
ATOM   458  C CZ    . PHE A 1 77  ? -5.024  3.172   2.130   1.00 27.22 ? 217 PHE A CZ    1 
ATOM   459  N N     . ILE A 1 78  ? -8.731  4.638   6.385   1.00 34.76 ? 218 ILE A N     1 
ATOM   460  C CA    . ILE A 1 78  ? -8.008  4.994   7.604   1.00 35.01 ? 218 ILE A CA    1 
ATOM   461  C C     . ILE A 1 78  ? -6.692  4.220   7.651   1.00 33.05 ? 218 ILE A C     1 
ATOM   462  O O     . ILE A 1 78  ? -6.680  2.989   7.580   1.00 29.55 ? 218 ILE A O     1 
ATOM   463  C CB    . ILE A 1 78  ? -8.829  4.660   8.854   1.00 37.40 ? 218 ILE A CB    1 
ATOM   464  C CG1   . ILE A 1 78  ? -10.278 5.109   8.648   1.00 37.07 ? 218 ILE A CG1   1 
ATOM   465  C CG2   . ILE A 1 78  ? -8.213  5.351   10.073  1.00 37.27 ? 218 ILE A CG2   1 
ATOM   466  C CD1   . ILE A 1 78  ? -11.208 4.668   9.742   1.00 39.37 ? 218 ILE A CD1   1 
ATOM   467  N N     . THR A 1 79  ? -5.590  4.951   7.777   1.00 32.39 ? 219 THR A N     1 
ATOM   468  C CA    . THR A 1 79  ? -4.276  4.329   7.787   1.00 32.62 ? 219 THR A CA    1 
ATOM   469  C C     . THR A 1 79  ? -3.493  4.469   9.099   1.00 32.22 ? 219 THR A C     1 
ATOM   470  O O     . THR A 1 79  ? -3.876  5.225   10.007  1.00 31.56 ? 219 THR A O     1 
ATOM   471  C CB    . THR A 1 79  ? -3.401  4.889   6.648   1.00 34.01 ? 219 THR A CB    1 
ATOM   472  O OG1   . THR A 1 79  ? -2.902  6.178   7.022   1.00 37.17 ? 219 THR A OG1   1 
ATOM   473  C CG2   . THR A 1 79  ? -4.215  5.024   5.363   1.00 32.90 ? 219 THR A CG2   1 
ATOM   474  N N     . ALA A 1 80  ? -2.394  3.717   9.160   1.00 29.21 ? 220 ALA A N     1 
ATOM   475  C CA    . ALA A 1 80  ? -1.481  3.669   10.295  1.00 26.04 ? 220 ALA A CA    1 
ATOM   476  C C     . ALA A 1 80  ? -0.271  2.867   9.830   1.00 26.97 ? 220 ALA A C     1 
ATOM   477  O O     . ALA A 1 80  ? -0.223  2.424   8.678   1.00 26.86 ? 220 ALA A O     1 
ATOM   478  C CB    . ALA A 1 80  ? -2.142  2.982   11.471  1.00 21.93 ? 220 ALA A CB    1 
ATOM   479  N N     . SER A 1 81  ? 0.704   2.672   10.715  1.00 27.76 ? 221 SER A N     1 
ATOM   480  C CA    . SER A 1 81  ? 1.900   1.913   10.363  1.00 26.30 ? 221 SER A CA    1 
ATOM   481  C C     . SER A 1 81  ? 2.390   1.052   11.514  1.00 26.43 ? 221 SER A C     1 
ATOM   482  O O     . SER A 1 81  ? 2.740   1.560   12.573  1.00 23.93 ? 221 SER A O     1 
ATOM   483  C CB    . SER A 1 81  ? 3.022   2.864   9.922   1.00 27.62 ? 221 SER A CB    1 
ATOM   484  O OG    . SER A 1 81  ? 4.274   2.194   9.846   1.00 24.23 ? 221 SER A OG    1 
ATOM   485  N N     . GLY A 1 82  ? 2.418   -0.259  11.295  1.00 29.29 ? 222 GLY A N     1 
ATOM   486  C CA    . GLY A 1 82  ? 2.888   -1.166  12.329  1.00 31.72 ? 222 GLY A CA    1 
ATOM   487  C C     . GLY A 1 82  ? 4.259   -0.728  12.814  1.00 32.40 ? 222 GLY A C     1 
ATOM   488  O O     . GLY A 1 82  ? 4.682   -1.043  13.933  1.00 32.31 ? 222 GLY A O     1 
ATOM   489  N N     . SER A 1 83  ? 4.945   0.023   11.960  1.00 31.64 ? 223 SER A N     1 
ATOM   490  C CA    . SER A 1 83  ? 6.274   0.516   12.269  1.00 31.06 ? 223 SER A CA    1 
ATOM   491  C C     . SER A 1 83  ? 6.216   1.617   13.328  1.00 30.30 ? 223 SER A C     1 
ATOM   492  O O     . SER A 1 83  ? 6.994   1.609   14.281  1.00 27.55 ? 223 SER A O     1 
ATOM   493  C CB    . SER A 1 83  ? 6.922   1.038   10.999  1.00 30.18 ? 223 SER A CB    1 
ATOM   494  O OG    . SER A 1 83  ? 8.317   1.067   11.156  1.00 34.87 ? 223 SER A OG    1 
ATOM   495  N N     . ASP A 1 84  ? 5.295   2.561   13.157  1.00 29.56 ? 224 ASP A N     1 
ATOM   496  C CA    . ASP A 1 84  ? 5.132   3.642   14.122  1.00 29.24 ? 224 ASP A CA    1 
ATOM   497  C C     . ASP A 1 84  ? 4.730   3.083   15.479  1.00 29.56 ? 224 ASP A C     1 
ATOM   498  O O     . ASP A 1 84  ? 5.274   3.475   16.503  1.00 30.54 ? 224 ASP A O     1 
ATOM   499  C CB    . ASP A 1 84  ? 4.051   4.620   13.668  1.00 30.20 ? 224 ASP A CB    1 
ATOM   500  C CG    . ASP A 1 84  ? 4.394   5.301   12.382  1.00 32.12 ? 224 ASP A CG    1 
ATOM   501  O OD1   . ASP A 1 84  ? 5.537   5.770   12.235  1.00 34.09 ? 224 ASP A OD1   1 
ATOM   502  O OD2   . ASP A 1 84  ? 3.513   5.378   11.514  1.00 37.49 ? 224 ASP A OD2   1 
ATOM   503  N N     . PHE A 1 85  ? 3.752   2.182   15.475  1.00 29.11 ? 225 PHE A N     1 
ATOM   504  C CA    . PHE A 1 85  ? 3.266   1.550   16.694  1.00 28.27 ? 225 PHE A CA    1 
ATOM   505  C C     . PHE A 1 85  ? 4.434   1.013   17.517  1.00 28.97 ? 225 PHE A C     1 
ATOM   506  O O     . PHE A 1 85  ? 4.490   1.191   18.734  1.00 31.60 ? 225 PHE A O     1 
ATOM   507  C CB    . PHE A 1 85  ? 2.335   0.386   16.341  1.00 29.39 ? 225 PHE A CB    1 
ATOM   508  C CG    . PHE A 1 85  ? 0.996   0.807   15.804  1.00 26.22 ? 225 PHE A CG    1 
ATOM   509  C CD1   . PHE A 1 85  ? 0.423   0.136   14.736  1.00 24.39 ? 225 PHE A CD1   1 
ATOM   510  C CD2   . PHE A 1 85  ? 0.283   1.841   16.397  1.00 24.21 ? 225 PHE A CD2   1 
ATOM   511  C CE1   . PHE A 1 85  ? -0.840  0.486   14.273  1.00 22.09 ? 225 PHE A CE1   1 
ATOM   512  C CE2   . PHE A 1 85  ? -0.979  2.194   15.936  1.00 20.87 ? 225 PHE A CE2   1 
ATOM   513  C CZ    . PHE A 1 85  ? -1.538  1.517   14.877  1.00 22.35 ? 225 PHE A CZ    1 
ATOM   514  N N     . VAL A 1 86  ? 5.363   0.343   16.845  1.00 28.25 ? 226 VAL A N     1 
ATOM   515  C CA    . VAL A 1 86  ? 6.514   -0.223  17.521  1.00 29.33 ? 226 VAL A CA    1 
ATOM   516  C C     . VAL A 1 86  ? 7.440   0.872   18.009  1.00 30.05 ? 226 VAL A C     1 
ATOM   517  O O     . VAL A 1 86  ? 8.150   0.693   18.997  1.00 32.21 ? 226 VAL A O     1 
ATOM   518  C CB    . VAL A 1 86  ? 7.312   -1.169  16.589  1.00 29.11 ? 226 VAL A CB    1 
ATOM   519  C CG1   . VAL A 1 86  ? 8.462   -1.807  17.355  1.00 26.48 ? 226 VAL A CG1   1 
ATOM   520  C CG2   . VAL A 1 86  ? 6.398   -2.249  16.042  1.00 31.12 ? 226 VAL A CG2   1 
ATOM   521  N N     . GLU A 1 87  ? 7.427   2.004   17.316  1.00 31.90 ? 227 GLU A N     1 
ATOM   522  C CA    . GLU A 1 87  ? 8.280   3.136   17.663  1.00 34.83 ? 227 GLU A CA    1 
ATOM   523  C C     . GLU A 1 87  ? 7.818   3.815   18.955  1.00 34.51 ? 227 GLU A C     1 
ATOM   524  O O     . GLU A 1 87  ? 8.603   4.456   19.652  1.00 35.51 ? 227 GLU A O     1 
ATOM   525  C CB    . GLU A 1 87  ? 8.279   4.153   16.513  1.00 39.70 ? 227 GLU A CB    1 
ATOM   526  C CG    . GLU A 1 87  ? 9.342   5.235   16.612  1.00 48.27 ? 227 GLU A CG    1 
ATOM   527  C CD    . GLU A 1 87  ? 10.745  4.689   16.411  1.00 55.60 ? 227 GLU A CD    1 
ATOM   528  O OE1   . GLU A 1 87  ? 11.199  3.875   17.245  1.00 57.95 ? 227 GLU A OE1   1 
ATOM   529  O OE2   . GLU A 1 87  ? 11.399  5.069   15.414  1.00 61.19 ? 227 GLU A OE2   1 
ATOM   530  N N     . MET A 1 88  ? 6.536   3.668   19.261  1.00 33.83 ? 228 MET A N     1 
ATOM   531  C CA    . MET A 1 88  ? 5.944   4.265   20.449  1.00 32.84 ? 228 MET A CA    1 
ATOM   532  C C     . MET A 1 88  ? 6.324   3.528   21.727  1.00 31.19 ? 228 MET A C     1 
ATOM   533  O O     . MET A 1 88  ? 6.709   2.367   21.698  1.00 30.17 ? 228 MET A O     1 
ATOM   534  C CB    . MET A 1 88  ? 4.421   4.283   20.298  1.00 32.57 ? 228 MET A CB    1 
ATOM   535  C CG    . MET A 1 88  ? 3.935   5.233   19.205  1.00 34.33 ? 228 MET A CG    1 
ATOM   536  S SD    . MET A 1 88  ? 2.176   5.073   18.790  1.00 32.19 ? 228 MET A SD    1 
ATOM   537  C CE    . MET A 1 88  ? 2.303   4.548   17.114  1.00 34.46 ? 228 MET A CE    1 
ATOM   538  N N     . PHE A 1 89  ? 6.222   4.217   22.856  1.00 31.80 ? 229 PHE A N     1 
ATOM   539  C CA    . PHE A 1 89  ? 6.531   3.595   24.129  1.00 32.80 ? 229 PHE A CA    1 
ATOM   540  C C     . PHE A 1 89  ? 5.636   2.378   24.301  1.00 32.35 ? 229 PHE A C     1 
ATOM   541  O O     . PHE A 1 89  ? 4.555   2.308   23.716  1.00 32.48 ? 229 PHE A O     1 
ATOM   542  C CB    . PHE A 1 89  ? 6.282   4.577   25.270  1.00 33.30 ? 229 PHE A CB    1 
ATOM   543  C CG    . PHE A 1 89  ? 7.289   5.677   25.342  1.00 36.12 ? 229 PHE A CG    1 
ATOM   544  C CD1   . PHE A 1 89  ? 6.892   7.007   25.244  1.00 37.72 ? 229 PHE A CD1   1 
ATOM   545  C CD2   . PHE A 1 89  ? 8.644   5.382   25.483  1.00 37.34 ? 229 PHE A CD2   1 
ATOM   546  C CE1   . PHE A 1 89  ? 7.829   8.036   25.284  1.00 39.92 ? 229 PHE A CE1   1 
ATOM   547  C CE2   . PHE A 1 89  ? 9.597   6.398   25.524  1.00 40.84 ? 229 PHE A CE2   1 
ATOM   548  C CZ    . PHE A 1 89  ? 9.189   7.733   25.424  1.00 41.74 ? 229 PHE A CZ    1 
ATOM   549  N N     . VAL A 1 90  ? 6.091   1.417   25.096  1.00 32.89 ? 230 VAL A N     1 
ATOM   550  C CA    . VAL A 1 90  ? 5.312   0.210   25.349  1.00 33.16 ? 230 VAL A CA    1 
ATOM   551  C C     . VAL A 1 90  ? 3.974   0.611   25.963  1.00 33.16 ? 230 VAL A C     1 
ATOM   552  O O     . VAL A 1 90  ? 3.917   1.489   26.827  1.00 34.56 ? 230 VAL A O     1 
ATOM   553  C CB    . VAL A 1 90  ? 6.027   -0.729  26.336  1.00 32.06 ? 230 VAL A CB    1 
ATOM   554  C CG1   . VAL A 1 90  ? 5.414   -2.114  26.258  1.00 32.34 ? 230 VAL A CG1   1 
ATOM   555  C CG2   . VAL A 1 90  ? 7.506   -0.786  26.026  1.00 35.81 ? 230 VAL A CG2   1 
ATOM   556  N N     . GLY A 1 91  ? 2.900   -0.035  25.515  1.00 33.56 ? 231 GLY A N     1 
ATOM   557  C CA    . GLY A 1 91  ? 1.579   0.281   26.034  1.00 30.11 ? 231 GLY A CA    1 
ATOM   558  C C     . GLY A 1 91  ? 0.922   1.360   25.200  1.00 27.34 ? 231 GLY A C     1 
ATOM   559  O O     . GLY A 1 91  ? -0.291  1.340   24.967  1.00 24.74 ? 231 GLY A O     1 
ATOM   560  N N     . VAL A 1 92  ? 1.733   2.309   24.749  1.00 24.98 ? 232 VAL A N     1 
ATOM   561  C CA    . VAL A 1 92  ? 1.231   3.393   23.926  1.00 24.78 ? 232 VAL A CA    1 
ATOM   562  C C     . VAL A 1 92  ? 0.816   2.823   22.569  1.00 25.19 ? 232 VAL A C     1 
ATOM   563  O O     . VAL A 1 92  ? -0.297  3.071   22.098  1.00 24.68 ? 232 VAL A O     1 
ATOM   564  C CB    . VAL A 1 92  ? 2.306   4.488   23.756  1.00 23.44 ? 232 VAL A CB    1 
ATOM   565  C CG1   . VAL A 1 92  ? 1.711   5.707   23.075  1.00 22.53 ? 232 VAL A CG1   1 
ATOM   566  C CG2   . VAL A 1 92  ? 2.854   4.875   25.121  1.00 20.72 ? 232 VAL A CG2   1 
ATOM   567  N N     . GLY A 1 93  ? 1.705   2.040   21.958  1.00 26.74 ? 233 GLY A N     1 
ATOM   568  C CA    . GLY A 1 93  ? 1.413   1.436   20.669  1.00 26.92 ? 233 GLY A CA    1 
ATOM   569  C C     . GLY A 1 93  ? 0.093   0.681   20.667  1.00 27.21 ? 233 GLY A C     1 
ATOM   570  O O     . GLY A 1 93  ? -0.736  0.842   19.757  1.00 26.00 ? 233 GLY A O     1 
ATOM   571  N N     . ALA A 1 94  ? -0.108  -0.147  21.687  1.00 25.80 ? 234 ALA A N     1 
ATOM   572  C CA    . ALA A 1 94  ? -1.335  -0.916  21.799  1.00 27.33 ? 234 ALA A CA    1 
ATOM   573  C C     . ALA A 1 94  ? -2.513  0.007   22.061  1.00 29.19 ? 234 ALA A C     1 
ATOM   574  O O     . ALA A 1 94  ? -3.638  -0.300  21.693  1.00 32.32 ? 234 ALA A O     1 
ATOM   575  C CB    . ALA A 1 94  ? -1.221  -1.920  22.911  1.00 26.21 ? 234 ALA A CB    1 
ATOM   576  N N     . ALA A 1 95  ? -2.249  1.137   22.705  1.00 28.48 ? 235 ALA A N     1 
ATOM   577  C CA    . ALA A 1 95  ? -3.301  2.093   23.015  1.00 28.67 ? 235 ALA A CA    1 
ATOM   578  C C     . ALA A 1 95  ? -3.831  2.672   21.718  1.00 30.85 ? 235 ALA A C     1 
ATOM   579  O O     . ALA A 1 95  ? -5.035  2.907   21.561  1.00 30.70 ? 235 ALA A O     1 
ATOM   580  C CB    . ALA A 1 95  ? -2.756  3.197   23.892  1.00 27.29 ? 235 ALA A CB    1 
ATOM   581  N N     . ARG A 1 96  ? -2.916  2.889   20.779  1.00 32.31 ? 236 ARG A N     1 
ATOM   582  C CA    . ARG A 1 96  ? -3.281  3.454   19.495  1.00 32.67 ? 236 ARG A CA    1 
ATOM   583  C C     . ARG A 1 96  ? -3.913  2.420   18.587  1.00 33.14 ? 236 ARG A C     1 
ATOM   584  O O     . ARG A 1 96  ? -4.801  2.750   17.806  1.00 36.88 ? 236 ARG A O     1 
ATOM   585  C CB    . ARG A 1 96  ? -2.057  4.053   18.826  1.00 31.33 ? 236 ARG A CB    1 
ATOM   586  C CG    . ARG A 1 96  ? -1.325  5.010   19.718  1.00 32.34 ? 236 ARG A CG    1 
ATOM   587  C CD    . ARG A 1 96  ? -1.351  6.387   19.150  1.00 34.03 ? 236 ARG A CD    1 
ATOM   588  N NE    . ARG A 1 96  ? -2.567  7.118   19.473  1.00 37.63 ? 236 ARG A NE    1 
ATOM   589  C CZ    . ARG A 1 96  ? -2.877  8.296   18.929  1.00 38.83 ? 236 ARG A CZ    1 
ATOM   590  N NH1   . ARG A 1 96  ? -2.062  8.857   18.038  1.00 35.38 ? 236 ARG A NH1   1 
ATOM   591  N NH2   . ARG A 1 96  ? -3.996  8.919   19.280  1.00 39.42 ? 236 ARG A NH2   1 
ATOM   592  N N     . VAL A 1 97  ? -3.460  1.173   18.664  1.00 32.07 ? 237 VAL A N     1 
ATOM   593  C CA    . VAL A 1 97  ? -4.067  0.160   17.822  1.00 29.57 ? 237 VAL A CA    1 
ATOM   594  C C     . VAL A 1 97  ? -5.517  0.208   18.212  1.00 28.61 ? 237 VAL A C     1 
ATOM   595  O O     . VAL A 1 97  ? -6.397  0.153   17.372  1.00 31.10 ? 237 VAL A O     1 
ATOM   596  C CB    . VAL A 1 97  ? -3.530  -1.250  18.101  1.00 29.74 ? 237 VAL A CB    1 
ATOM   597  C CG1   . VAL A 1 97  ? -4.378  -2.274  17.372  1.00 29.56 ? 237 VAL A CG1   1 
ATOM   598  C CG2   . VAL A 1 97  ? -2.095  -1.362  17.633  1.00 30.17 ? 237 VAL A CG2   1 
ATOM   599  N N     . ARG A 1 98  ? -5.749  0.349   19.508  1.00 30.15 ? 238 ARG A N     1 
ATOM   600  C CA    . ARG A 1 98  ? -7.100  0.415   20.052  1.00 32.06 ? 238 ARG A CA    1 
ATOM   601  C C     . ARG A 1 98  ? -7.862  1.584   19.439  1.00 32.45 ? 238 ARG A C     1 
ATOM   602  O O     . ARG A 1 98  ? -8.986  1.413   18.967  1.00 32.51 ? 238 ARG A O     1 
ATOM   603  C CB    . ARG A 1 98  ? -7.042  0.569   21.574  1.00 29.64 ? 238 ARG A CB    1 
ATOM   604  C CG    . ARG A 1 98  ? -7.770  -0.516  22.338  1.00 31.90 ? 238 ARG A CG    1 
ATOM   605  C CD    . ARG A 1 98  ? -7.509  -0.379  23.815  1.00 34.13 ? 238 ARG A CD    1 
ATOM   606  N NE    . ARG A 1 98  ? -6.085  -0.551  24.079  1.00 37.96 ? 238 ARG A NE    1 
ATOM   607  C CZ    . ARG A 1 98  ? -5.416  0.074   25.040  1.00 37.65 ? 238 ARG A CZ    1 
ATOM   608  N NH1   . ARG A 1 98  ? -6.041  0.928   25.846  1.00 35.29 ? 238 ARG A NH1   1 
ATOM   609  N NH2   . ARG A 1 98  ? -4.116  -0.151  25.178  1.00 37.58 ? 238 ARG A NH2   1 
ATOM   610  N N     . ASP A 1 99  ? -7.237  2.763   19.450  1.00 33.03 ? 239 ASP A N     1 
ATOM   611  C CA    . ASP A 1 99  ? -7.830  3.978   18.893  1.00 34.21 ? 239 ASP A CA    1 
ATOM   612  C C     . ASP A 1 99  ? -8.110  3.846   17.403  1.00 34.52 ? 239 ASP A C     1 
ATOM   613  O O     . ASP A 1 99  ? -9.069  4.415   16.890  1.00 33.49 ? 239 ASP A O     1 
ATOM   614  C CB    . ASP A 1 99  ? -6.896  5.167   19.107  1.00 38.04 ? 239 ASP A CB    1 
ATOM   615  C CG    . ASP A 1 99  ? -7.098  5.840   20.450  1.00 44.52 ? 239 ASP A CG    1 
ATOM   616  O OD1   . ASP A 1 99  ? -6.128  6.456   20.951  1.00 48.03 ? 239 ASP A OD1   1 
ATOM   617  O OD2   . ASP A 1 99  ? -8.224  5.767   20.999  1.00 46.45 ? 239 ASP A OD2   1 
ATOM   618  N N     . LEU A 1 100 ? -7.259  3.102   16.708  1.00 33.84 ? 240 LEU A N     1 
ATOM   619  C CA    . LEU A 1 100 ? -7.427  2.921   15.282  1.00 33.98 ? 240 LEU A CA    1 
ATOM   620  C C     . LEU A 1 100 ? -8.745  2.213   14.972  1.00 36.27 ? 240 LEU A C     1 
ATOM   621  O O     . LEU A 1 100 ? -9.558  2.716   14.196  1.00 36.79 ? 240 LEU A O     1 
ATOM   622  C CB    . LEU A 1 100 ? -6.259  2.120   14.708  1.00 31.55 ? 240 LEU A CB    1 
ATOM   623  C CG    . LEU A 1 100 ? -6.297  1.988   13.188  1.00 30.96 ? 240 LEU A CG    1 
ATOM   624  C CD1   . LEU A 1 100 ? -5.979  3.327   12.551  1.00 29.59 ? 240 LEU A CD1   1 
ATOM   625  C CD2   . LEU A 1 100 ? -5.297  0.954   12.752  1.00 31.83 ? 240 LEU A CD2   1 
ATOM   626  N N     . PHE A 1 101 ? -8.967  1.052   15.581  1.00 35.87 ? 241 PHE A N     1 
ATOM   627  C CA    . PHE A 1 101 ? -10.195 0.317   15.317  1.00 36.19 ? 241 PHE A CA    1 
ATOM   628  C C     . PHE A 1 101 ? -11.437 0.969   15.902  1.00 39.31 ? 241 PHE A C     1 
ATOM   629  O O     . PHE A 1 101 ? -12.534 0.825   15.359  1.00 37.87 ? 241 PHE A O     1 
ATOM   630  C CB    . PHE A 1 101 ? -10.070 -1.116  15.811  1.00 31.38 ? 241 PHE A CB    1 
ATOM   631  C CG    . PHE A 1 101 ? -9.106  -1.925  15.016  1.00 28.78 ? 241 PHE A CG    1 
ATOM   632  C CD1   . PHE A 1 101 ? -7.740  -1.754  15.182  1.00 27.90 ? 241 PHE A CD1   1 
ATOM   633  C CD2   . PHE A 1 101 ? -9.559  -2.825  14.061  1.00 27.34 ? 241 PHE A CD2   1 
ATOM   634  C CE1   . PHE A 1 101 ? -6.833  -2.469  14.403  1.00 29.57 ? 241 PHE A CE1   1 
ATOM   635  C CE2   . PHE A 1 101 ? -8.666  -3.543  13.276  1.00 27.85 ? 241 PHE A CE2   1 
ATOM   636  C CZ    . PHE A 1 101 ? -7.298  -3.365  13.447  1.00 28.61 ? 241 PHE A CZ    1 
ATOM   637  N N     . GLU A 1 102 ? -11.276 1.685   17.004  1.00 42.14 ? 242 GLU A N     1 
ATOM   638  C CA    . GLU A 1 102 ? -12.425 2.343   17.592  1.00 46.09 ? 242 GLU A CA    1 
ATOM   639  C C     . GLU A 1 102 ? -12.944 3.374   16.602  1.00 46.61 ? 242 GLU A C     1 
ATOM   640  O O     . GLU A 1 102 ? -14.142 3.418   16.296  1.00 48.10 ? 242 GLU A O     1 
ATOM   641  C CB    . GLU A 1 102 ? -12.055 3.031   18.893  1.00 49.67 ? 242 GLU A CB    1 
ATOM   642  C CG    . GLU A 1 102 ? -13.270 3.589   19.587  1.00 58.54 ? 242 GLU A CG    1 
ATOM   643  C CD    . GLU A 1 102 ? -12.943 4.229   20.913  1.00 65.92 ? 242 GLU A CD    1 
ATOM   644  O OE1   . GLU A 1 102 ? -13.891 4.724   21.565  1.00 70.51 ? 242 GLU A OE1   1 
ATOM   645  O OE2   . GLU A 1 102 ? -11.748 4.236   21.300  1.00 68.59 ? 242 GLU A OE2   1 
ATOM   646  N N     . THR A 1 103 ? -12.028 4.207   16.111  1.00 45.00 ? 243 THR A N     1 
ATOM   647  C CA    . THR A 1 103 ? -12.345 5.243   15.137  1.00 41.21 ? 243 THR A CA    1 
ATOM   648  C C     . THR A 1 103 ? -12.935 4.605   13.892  1.00 40.83 ? 243 THR A C     1 
ATOM   649  O O     . THR A 1 103 ? -13.861 5.142   13.285  1.00 40.42 ? 243 THR A O     1 
ATOM   650  C CB    . THR A 1 103 ? -11.072 6.007   14.738  1.00 40.23 ? 243 THR A CB    1 
ATOM   651  O OG1   . THR A 1 103 ? -10.838 7.058   15.680  1.00 42.48 ? 243 THR A OG1   1 
ATOM   652  C CG2   . THR A 1 103 ? -11.192 6.580   13.338  1.00 39.53 ? 243 THR A CG2   1 
ATOM   653  N N     . ALA A 1 104 ? -12.383 3.453   13.524  1.00 40.53 ? 244 ALA A N     1 
ATOM   654  C CA    . ALA A 1 104 ? -12.822 2.720   12.345  1.00 39.97 ? 244 ALA A CA    1 
ATOM   655  C C     . ALA A 1 104 ? -14.286 2.300   12.450  1.00 40.77 ? 244 ALA A C     1 
ATOM   656  O O     . ALA A 1 104 ? -15.061 2.498   11.518  1.00 41.50 ? 244 ALA A O     1 
ATOM   657  C CB    . ALA A 1 104 ? -11.932 1.495   12.134  1.00 36.85 ? 244 ALA A CB    1 
ATOM   658  N N     . LYS A 1 105 ? -14.658 1.713   13.581  1.00 40.65 ? 245 LYS A N     1 
ATOM   659  C CA    . LYS A 1 105 ? -16.026 1.275   13.786  1.00 40.59 ? 245 LYS A CA    1 
ATOM   660  C C     . LYS A 1 105 ? -16.932 2.483   13.767  1.00 42.12 ? 245 LYS A C     1 
ATOM   661  O O     . LYS A 1 105 ? -18.078 2.408   13.318  1.00 43.60 ? 245 LYS A O     1 
ATOM   662  C CB    . LYS A 1 105 ? -16.143 0.531   15.114  1.00 41.24 ? 245 LYS A CB    1 
ATOM   663  C CG    . LYS A 1 105 ? -15.394 -0.796  15.089  1.00 45.29 ? 245 LYS A CG    1 
ATOM   664  C CD    . LYS A 1 105 ? -15.213 -1.414  16.466  1.00 48.15 ? 245 LYS A CD    1 
ATOM   665  C CE    . LYS A 1 105 ? -14.363 -2.684  16.380  1.00 48.22 ? 245 LYS A CE    1 
ATOM   666  N NZ    . LYS A 1 105 ? -13.953 -3.169  17.723  1.00 49.12 ? 245 LYS A NZ    1 
ATOM   667  N N     . ARG A 1 106 ? -16.403 3.605   14.239  1.00 42.01 ? 246 ARG A N     1 
ATOM   668  C CA    . ARG A 1 106 ? -17.159 4.847   14.265  1.00 42.38 ? 246 ARG A CA    1 
ATOM   669  C C     . ARG A 1 106 ? -17.524 5.237   12.841  1.00 42.08 ? 246 ARG A C     1 
ATOM   670  O O     . ARG A 1 106 ? -18.642 5.670   12.577  1.00 43.12 ? 246 ARG A O     1 
ATOM   671  C CB    . ARG A 1 106 ? -16.339 5.953   14.921  1.00 41.34 ? 246 ARG A CB    1 
ATOM   672  N N     . HIS A 1 107 ? -16.587 5.059   11.920  1.00 42.98 ? 247 HIS A N     1 
ATOM   673  C CA    . HIS A 1 107 ? -16.820 5.414   10.528  1.00 44.88 ? 247 HIS A CA    1 
ATOM   674  C C     . HIS A 1 107 ? -16.991 4.238   9.564   1.00 44.61 ? 247 HIS A C     1 
ATOM   675  O O     . HIS A 1 107 ? -16.431 4.247   8.469   1.00 43.59 ? 247 HIS A O     1 
ATOM   676  C CB    . HIS A 1 107 ? -15.683 6.301   10.040  1.00 48.22 ? 247 HIS A CB    1 
ATOM   677  C CG    . HIS A 1 107 ? -15.561 7.589   10.790  1.00 55.78 ? 247 HIS A CG    1 
ATOM   678  N ND1   . HIS A 1 107 ? -16.596 8.495   10.883  1.00 58.59 ? 247 HIS A ND1   1 
ATOM   679  C CD2   . HIS A 1 107 ? -14.521 8.135   11.464  1.00 57.88 ? 247 HIS A CD2   1 
ATOM   680  C CE1   . HIS A 1 107 ? -16.197 9.546   11.581  1.00 59.51 ? 247 HIS A CE1   1 
ATOM   681  N NE2   . HIS A 1 107 ? -14.941 9.351   11.944  1.00 58.69 ? 247 HIS A NE2   1 
ATOM   682  N N     . ALA A 1 108 ? -17.770 3.236   9.955   1.00 44.22 ? 248 ALA A N     1 
ATOM   683  C CA    . ALA A 1 108 ? -17.983 2.079   9.090   1.00 43.80 ? 248 ALA A CA    1 
ATOM   684  C C     . ALA A 1 108 ? -19.160 2.327   8.136   1.00 43.95 ? 248 ALA A C     1 
ATOM   685  O O     . ALA A 1 108 ? -20.095 3.052   8.476   1.00 45.66 ? 248 ALA A O     1 
ATOM   686  C CB    . ALA A 1 108 ? -18.234 0.841   9.940   1.00 42.56 ? 248 ALA A CB    1 
ATOM   687  N N     . PRO A 1 109 ? -19.115 1.745   6.922   1.00 43.13 ? 249 PRO A N     1 
ATOM   688  C CA    . PRO A 1 109 ? -18.028 0.897   6.423   1.00 43.11 ? 249 PRO A CA    1 
ATOM   689  C C     . PRO A 1 109 ? -16.799 1.726   6.079   1.00 42.54 ? 249 PRO A C     1 
ATOM   690  O O     . PRO A 1 109 ? -16.864 2.957   6.027   1.00 44.23 ? 249 PRO A O     1 
ATOM   691  C CB    . PRO A 1 109 ? -18.649 0.223   5.196   1.00 42.98 ? 249 PRO A CB    1 
ATOM   692  C CG    . PRO A 1 109 ? -19.551 1.265   4.676   1.00 42.36 ? 249 PRO A CG    1 
ATOM   693  C CD    . PRO A 1 109 ? -20.198 1.837   5.926   1.00 40.99 ? 249 PRO A CD    1 
ATOM   694  N N     . CYS A 1 110 ? -15.682 1.049   5.845   1.00 41.04 ? 250 CYS A N     1 
ATOM   695  C CA    . CYS A 1 110 ? -14.435 1.736   5.521   1.00 38.14 ? 250 CYS A CA    1 
ATOM   696  C C     . CYS A 1 110 ? -13.302 0.735   5.492   1.00 35.71 ? 250 CYS A C     1 
ATOM   697  O O     . CYS A 1 110 ? -13.485 -0.445  5.780   1.00 36.66 ? 250 CYS A O     1 
ATOM   698  C CB    . CYS A 1 110 ? -14.109 2.793   6.578   1.00 37.50 ? 250 CYS A CB    1 
ATOM   699  S SG    . CYS A 1 110 ? -13.761 2.100   8.226   1.00 38.38 ? 250 CYS A SG    1 
ATOM   700  N N     . ILE A 1 111 ? -12.118 1.220   5.155   1.00 33.22 ? 251 ILE A N     1 
ATOM   701  C CA    . ILE A 1 111 ? -10.956 0.367   5.117   1.00 32.33 ? 251 ILE A CA    1 
ATOM   702  C C     . ILE A 1 111 ? -9.913  0.840   6.114   1.00 31.62 ? 251 ILE A C     1 
ATOM   703  O O     . ILE A 1 111 ? -9.710  2.041   6.292   1.00 31.09 ? 251 ILE A O     1 
ATOM   704  C CB    . ILE A 1 111 ? -10.355 0.338   3.708   1.00 31.40 ? 251 ILE A CB    1 
ATOM   705  C CG1   . ILE A 1 111 ? -11.153 -0.638  2.848   1.00 30.62 ? 251 ILE A CG1   1 
ATOM   706  C CG2   . ILE A 1 111 ? -8.898  -0.065  3.762   1.00 31.45 ? 251 ILE A CG2   1 
ATOM   707  C CD1   . ILE A 1 111 ? -10.749 -0.652  1.405   1.00 34.29 ? 251 ILE A CD1   1 
ATOM   708  N N     . VAL A 1 112 ? -9.283  -0.112  6.796   1.00 30.20 ? 252 VAL A N     1 
ATOM   709  C CA    . VAL A 1 112 ? -8.222  0.210   7.741   1.00 29.63 ? 252 VAL A CA    1 
ATOM   710  C C     . VAL A 1 112 ? -6.962  -0.338  7.082   1.00 29.75 ? 252 VAL A C     1 
ATOM   711  O O     . VAL A 1 112 ? -6.912  -1.500  6.678   1.00 30.38 ? 252 VAL A O     1 
ATOM   712  C CB    . VAL A 1 112 ? -8.424  -0.461  9.122   1.00 26.67 ? 252 VAL A CB    1 
ATOM   713  C CG1   . VAL A 1 112 ? -7.200  -0.235  9.992   1.00 27.67 ? 252 VAL A CG1   1 
ATOM   714  C CG2   . VAL A 1 112 ? -9.638  0.120   9.805   1.00 24.97 ? 252 VAL A CG2   1 
ATOM   715  N N     . PHE A 1 113 ? -5.952  0.510   6.949   1.00 29.28 ? 253 PHE A N     1 
ATOM   716  C CA    . PHE A 1 113 ? -4.716  0.099   6.318   1.00 27.73 ? 253 PHE A CA    1 
ATOM   717  C C     . PHE A 1 113 ? -3.528  0.173   7.276   1.00 27.20 ? 253 PHE A C     1 
ATOM   718  O O     . PHE A 1 113 ? -3.123  1.261   7.678   1.00 26.53 ? 253 PHE A O     1 
ATOM   719  C CB    . PHE A 1 113 ? -4.450  0.982   5.089   1.00 26.41 ? 253 PHE A CB    1 
ATOM   720  C CG    . PHE A 1 113 ? -3.294  0.517   4.257   1.00 27.38 ? 253 PHE A CG    1 
ATOM   721  C CD1   . PHE A 1 113 ? -3.378  -0.667  3.531   1.00 25.93 ? 253 PHE A CD1   1 
ATOM   722  C CD2   . PHE A 1 113 ? -2.095  1.225   4.248   1.00 27.90 ? 253 PHE A CD2   1 
ATOM   723  C CE1   . PHE A 1 113 ? -2.277  -1.145  2.812   1.00 27.61 ? 253 PHE A CE1   1 
ATOM   724  C CE2   . PHE A 1 113 ? -0.984  0.758   3.532   1.00 26.59 ? 253 PHE A CE2   1 
ATOM   725  C CZ    . PHE A 1 113 ? -1.075  -0.428  2.815   1.00 26.88 ? 253 PHE A CZ    1 
ATOM   726  N N     . ILE A 1 114 ? -2.985  -0.988  7.646   1.00 26.31 ? 254 ILE A N     1 
ATOM   727  C CA    . ILE A 1 114 ? -1.813  -1.061  8.521   1.00 26.32 ? 254 ILE A CA    1 
ATOM   728  C C     . ILE A 1 114 ? -0.641  -1.281  7.575   1.00 29.53 ? 254 ILE A C     1 
ATOM   729  O O     . ILE A 1 114 ? -0.623  -2.241  6.806   1.00 28.94 ? 254 ILE A O     1 
ATOM   730  C CB    . ILE A 1 114 ? -1.823  -2.276  9.475   1.00 24.17 ? 254 ILE A CB    1 
ATOM   731  C CG1   . ILE A 1 114 ? -3.184  -2.466  10.152  1.00 22.05 ? 254 ILE A CG1   1 
ATOM   732  C CG2   . ILE A 1 114 ? -0.765  -2.074  10.517  1.00 25.90 ? 254 ILE A CG2   1 
ATOM   733  C CD1   . ILE A 1 114 ? -3.563  -1.394  11.115  1.00 24.77 ? 254 ILE A CD1   1 
ATOM   734  N N     . ASP A 1 115 ? 0.346   -0.399  7.629   1.00 34.85 ? 255 ASP A N     1 
ATOM   735  C CA    . ASP A 1 115 ? 1.499   -0.513  6.746   1.00 36.39 ? 255 ASP A CA    1 
ATOM   736  C C     . ASP A 1 115 ? 2.677   -1.130  7.491   1.00 35.68 ? 255 ASP A C     1 
ATOM   737  O O     . ASP A 1 115 ? 2.777   -1.011  8.711   1.00 34.42 ? 255 ASP A O     1 
ATOM   738  C CB    . ASP A 1 115 ? 1.851   0.880   6.208   1.00 39.44 ? 255 ASP A CB    1 
ATOM   739  C CG    . ASP A 1 115 ? 2.896   0.844   5.110   1.00 42.09 ? 255 ASP A CG    1 
ATOM   740  O OD1   . ASP A 1 115 ? 2.757   0.018   4.182   1.00 43.25 ? 255 ASP A OD1   1 
ATOM   741  O OD2   . ASP A 1 115 ? 3.848   1.653   5.171   1.00 43.91 ? 255 ASP A OD2   1 
ATOM   742  N N     . GLU A 1 116 ? 3.562   -1.795  6.754   1.00 36.08 ? 256 GLU A N     1 
ATOM   743  C CA    . GLU A 1 116 ? 4.723   -2.431  7.364   1.00 35.83 ? 256 GLU A CA    1 
ATOM   744  C C     . GLU A 1 116 ? 4.207   -3.267  8.517   1.00 33.31 ? 256 GLU A C     1 
ATOM   745  O O     . GLU A 1 116 ? 4.635   -3.118  9.657   1.00 31.31 ? 256 GLU A O     1 
ATOM   746  C CB    . GLU A 1 116 ? 5.694   -1.370  7.880   1.00 39.23 ? 256 GLU A CB    1 
ATOM   747  C CG    . GLU A 1 116 ? 6.298   -0.510  6.789   1.00 46.66 ? 256 GLU A CG    1 
ATOM   748  C CD    . GLU A 1 116 ? 7.037   0.694   7.341   1.00 52.84 ? 256 GLU A CD    1 
ATOM   749  O OE1   . GLU A 1 116 ? 6.378   1.580   7.937   1.00 55.39 ? 256 GLU A OE1   1 
ATOM   750  O OE2   . GLU A 1 116 ? 8.277   0.757   7.182   1.00 54.44 ? 256 GLU A OE2   1 
ATOM   751  N N     . ILE A 1 117 ? 3.270   -4.150  8.208   1.00 31.63 ? 257 ILE A N     1 
ATOM   752  C CA    . ILE A 1 117 ? 2.676   -4.988  9.227   1.00 30.19 ? 257 ILE A CA    1 
ATOM   753  C C     . ILE A 1 117 ? 3.695   -5.957  9.854   1.00 30.79 ? 257 ILE A C     1 
ATOM   754  O O     . ILE A 1 117 ? 3.499   -6.424  10.974  1.00 29.00 ? 257 ILE A O     1 
ATOM   755  C CB    . ILE A 1 117 ? 1.449   -5.737  8.644   1.00 28.84 ? 257 ILE A CB    1 
ATOM   756  C CG1   . ILE A 1 117 ? 0.682   -6.435  9.760   1.00 28.17 ? 257 ILE A CG1   1 
ATOM   757  C CG2   . ILE A 1 117 ? 1.880   -6.724  7.581   1.00 32.02 ? 257 ILE A CG2   1 
ATOM   758  C CD1   . ILE A 1 117 ? -0.002  -5.483  10.658  1.00 28.46 ? 257 ILE A CD1   1 
ATOM   759  N N     . ASP A 1 118 ? 4.789   -6.248  9.152   1.00 33.48 ? 258 ASP A N     1 
ATOM   760  C CA    . ASP A 1 118 ? 5.807   -7.139  9.717   1.00 34.41 ? 258 ASP A CA    1 
ATOM   761  C C     . ASP A 1 118 ? 6.579   -6.430  10.822  1.00 33.07 ? 258 ASP A C     1 
ATOM   762  O O     . ASP A 1 118 ? 7.419   -7.034  11.473  1.00 31.75 ? 258 ASP A O     1 
ATOM   763  C CB    . ASP A 1 118 ? 6.787   -7.637  8.653   1.00 37.47 ? 258 ASP A CB    1 
ATOM   764  C CG    . ASP A 1 118 ? 6.843   -6.741  7.451   1.00 44.21 ? 258 ASP A CG    1 
ATOM   765  O OD1   . ASP A 1 118 ? 6.924   -5.512  7.636   1.00 47.26 ? 258 ASP A OD1   1 
ATOM   766  O OD2   . ASP A 1 118 ? 6.812   -7.265  6.317   1.00 51.53 ? 258 ASP A OD2   1 
ATOM   767  N N     . ALA A 1 119 ? 6.303   -5.143  11.024  1.00 32.76 ? 259 ALA A N     1 
ATOM   768  C CA    . ALA A 1 119 ? 6.955   -4.382  12.083  1.00 31.79 ? 259 ALA A CA    1 
ATOM   769  C C     . ALA A 1 119 ? 6.455   -4.985  13.378  1.00 33.70 ? 259 ALA A C     1 
ATOM   770  O O     . ALA A 1 119 ? 7.185   -5.076  14.369  1.00 31.75 ? 259 ALA A O     1 
ATOM   771  C CB    . ALA A 1 119 ? 6.545   -2.917  12.013  1.00 32.06 ? 259 ALA A CB    1 
ATOM   772  N N     . VAL A 1 120 ? 5.186   -5.387  13.335  1.00 37.26 ? 260 VAL A N     1 
ATOM   773  C CA    . VAL A 1 120 ? 4.476   -6.000  14.451  1.00 39.07 ? 260 VAL A CA    1 
ATOM   774  C C     . VAL A 1 120 ? 4.657   -7.511  14.415  1.00 42.52 ? 260 VAL A C     1 
ATOM   775  O O     . VAL A 1 120 ? 5.024   -8.133  15.418  1.00 43.29 ? 260 VAL A O     1 
ATOM   776  C CB    . VAL A 1 120 ? 2.977   -5.676  14.364  1.00 36.74 ? 260 VAL A CB    1 
ATOM   777  C CG1   . VAL A 1 120 ? 2.194   -6.600  15.254  1.00 37.77 ? 260 VAL A CG1   1 
ATOM   778  C CG2   . VAL A 1 120 ? 2.740   -4.237  14.752  1.00 34.23 ? 260 VAL A CG2   1 
ATOM   779  N N     . GLY A 1 121 ? 4.389   -8.092  13.251  1.00 46.11 ? 261 GLY A N     1 
ATOM   780  C CA    . GLY A 1 121 ? 4.535   -9.524  13.087  1.00 51.60 ? 261 GLY A CA    1 
ATOM   781  C C     . GLY A 1 121 ? 5.946   -9.978  13.418  1.00 56.91 ? 261 GLY A C     1 
ATOM   782  O O     . GLY A 1 121 ? 6.152   -10.801 14.325  1.00 60.05 ? 261 GLY A O     1 
ATOM   783  N N     . ARG A 1 122 ? 6.919   -9.432  12.689  1.00 58.28 ? 262 ARG A N     1 
ATOM   784  C CA    . ARG A 1 122 ? 8.327   -9.772  12.883  1.00 58.82 ? 262 ARG A CA    1 
ATOM   785  C C     . ARG A 1 122 ? 8.893   -9.197  14.166  1.00 60.82 ? 262 ARG A C     1 
ATOM   786  O O     . ARG A 1 122 ? 10.084  -9.352  14.441  1.00 63.91 ? 262 ARG A O     1 
ATOM   787  C CB    . ARG A 1 122 ? 9.144   -9.282  11.709  1.00 59.01 ? 262 ARG A CB    1 
ATOM   788  N N     . ASN A 1 132 ? 10.751  -8.103  21.738  1.00 41.01 ? 272 ASN A N     1 
ATOM   789  C CA    . ASN A 1 132 ? 10.570  -6.722  22.169  1.00 41.21 ? 272 ASN A CA    1 
ATOM   790  C C     . ASN A 1 132 ? 9.178   -6.444  22.734  1.00 41.51 ? 272 ASN A C     1 
ATOM   791  O O     . ASN A 1 132 ? 8.164   -6.840  22.157  1.00 39.62 ? 272 ASN A O     1 
ATOM   792  C CB    . ASN A 1 132 ? 10.823  -5.761  21.009  1.00 41.36 ? 272 ASN A CB    1 
ATOM   793  C CG    . ASN A 1 132 ? 10.522  -4.322  21.379  1.00 41.66 ? 272 ASN A CG    1 
ATOM   794  O OD1   . ASN A 1 132 ? 11.216  -3.730  22.202  1.00 46.19 ? 272 ASN A OD1   1 
ATOM   795  N ND2   . ASN A 1 132 ? 9.478   -3.756  20.783  1.00 38.03 ? 272 ASN A ND2   1 
ATOM   796  N N     . ASP A 1 133 ? 9.150   -5.736  23.857  1.00 41.42 ? 273 ASP A N     1 
ATOM   797  C CA    . ASP A 1 133 ? 7.913   -5.385  24.526  1.00 41.57 ? 273 ASP A CA    1 
ATOM   798  C C     . ASP A 1 133 ? 6.960   -4.691  23.574  1.00 39.95 ? 273 ASP A C     1 
ATOM   799  O O     . ASP A 1 133 ? 5.876   -5.190  23.302  1.00 40.52 ? 273 ASP A O     1 
ATOM   800  C CB    . ASP A 1 133 ? 8.203   -4.467  25.715  1.00 45.35 ? 273 ASP A CB    1 
ATOM   801  C CG    . ASP A 1 133 ? 8.896   -5.189  26.869  1.00 48.88 ? 273 ASP A CG    1 
ATOM   802  O OD1   . ASP A 1 133 ? 9.560   -6.224  26.621  1.00 47.12 ? 273 ASP A OD1   1 
ATOM   803  O OD2   . ASP A 1 133 ? 8.783   -4.704  28.025  1.00 48.69 ? 273 ASP A OD2   1 
ATOM   804  N N     . GLU A 1 134 ? 7.372   -3.531  23.078  1.00 38.78 ? 274 GLU A N     1 
ATOM   805  C CA    . GLU A 1 134 ? 6.551   -2.756  22.160  1.00 37.46 ? 274 GLU A CA    1 
ATOM   806  C C     . GLU A 1 134 ? 5.919   -3.619  21.076  1.00 36.56 ? 274 GLU A C     1 
ATOM   807  O O     . GLU A 1 134 ? 4.702   -3.640  20.920  1.00 35.80 ? 274 GLU A O     1 
ATOM   808  C CB    . GLU A 1 134 ? 7.385   -1.656  21.502  1.00 38.22 ? 274 GLU A CB    1 
ATOM   809  C CG    . GLU A 1 134 ? 7.846   -0.551  22.436  1.00 40.75 ? 274 GLU A CG    1 
ATOM   810  C CD    . GLU A 1 134 ? 9.139   -0.881  23.169  1.00 42.64 ? 274 GLU A CD    1 
ATOM   811  O OE1   . GLU A 1 134 ? 9.650   0.010   23.889  1.00 43.39 ? 274 GLU A OE1   1 
ATOM   812  O OE2   . GLU A 1 134 ? 9.638   -2.020  23.026  1.00 40.24 ? 274 GLU A OE2   1 
ATOM   813  N N     . ARG A 1 135 ? 6.758   -4.331  20.333  1.00 36.79 ? 275 ARG A N     1 
ATOM   814  C CA    . ARG A 1 135 ? 6.314   -5.187  19.241  1.00 36.06 ? 275 ARG A CA    1 
ATOM   815  C C     . ARG A 1 135 ? 5.280   -6.235  19.640  1.00 34.41 ? 275 ARG A C     1 
ATOM   816  O O     . ARG A 1 135 ? 4.353   -6.514  18.885  1.00 35.60 ? 275 ARG A O     1 
ATOM   817  C CB    . ARG A 1 135 ? 7.516   -5.886  18.613  1.00 37.76 ? 275 ARG A CB    1 
ATOM   818  C CG    . ARG A 1 135 ? 7.269   -6.345  17.187  1.00 43.29 ? 275 ARG A CG    1 
ATOM   819  C CD    . ARG A 1 135 ? 7.871   -7.721  16.927  1.00 47.17 ? 275 ARG A CD    1 
ATOM   820  N NE    . ARG A 1 135 ? 7.019   -8.804  17.414  1.00 48.42 ? 275 ARG A NE    1 
ATOM   821  C CZ    . ARG A 1 135 ? 7.438   -10.049 17.606  1.00 51.39 ? 275 ARG A CZ    1 
ATOM   822  N NH1   . ARG A 1 135 ? 6.598   -10.974 18.045  1.00 57.72 ? 275 ARG A NH1   1 
ATOM   823  N NH2   . ARG A 1 135 ? 8.700   -10.372 17.374  1.00 49.89 ? 275 ARG A NH2   1 
ATOM   824  N N     . GLU A 1 136 ? 5.459   -6.822  20.819  1.00 33.77 ? 276 GLU A N     1 
ATOM   825  C CA    . GLU A 1 136 ? 4.548   -7.842  21.340  1.00 30.16 ? 276 GLU A CA    1 
ATOM   826  C C     . GLU A 1 136 ? 3.205   -7.249  21.748  1.00 28.36 ? 276 GLU A C     1 
ATOM   827  O O     . GLU A 1 136 ? 2.146   -7.746  21.362  1.00 28.56 ? 276 GLU A O     1 
ATOM   828  C CB    . GLU A 1 136 ? 5.169   -8.535  22.556  1.00 33.25 ? 276 GLU A CB    1 
ATOM   829  C CG    . GLU A 1 136 ? 6.211   -9.566  22.215  1.00 39.76 ? 276 GLU A CG    1 
ATOM   830  C CD    . GLU A 1 136 ? 5.623   -10.718 21.432  1.00 45.07 ? 276 GLU A CD    1 
ATOM   831  O OE1   . GLU A 1 136 ? 6.378   -11.383 20.689  1.00 48.41 ? 276 GLU A OE1   1 
ATOM   832  O OE2   . GLU A 1 136 ? 4.402   -10.967 21.566  1.00 50.18 ? 276 GLU A OE2   1 
ATOM   833  N N     . GLN A 1 137 ? 3.256   -6.186  22.543  1.00 24.35 ? 277 GLN A N     1 
ATOM   834  C CA    . GLN A 1 137 ? 2.048   -5.544  23.011  1.00 23.64 ? 277 GLN A CA    1 
ATOM   835  C C     . GLN A 1 137 ? 1.191   -5.005  21.877  1.00 24.76 ? 277 GLN A C     1 
ATOM   836  O O     . GLN A 1 137 ? -0.040  -4.977  21.975  1.00 27.01 ? 277 GLN A O     1 
ATOM   837  C CB    . GLN A 1 137 ? 2.397   -4.436  23.998  1.00 20.88 ? 277 GLN A CB    1 
ATOM   838  C CG    . GLN A 1 137 ? 2.932   -4.967  25.304  1.00 22.12 ? 277 GLN A CG    1 
ATOM   839  C CD    . GLN A 1 137 ? 2.770   -3.983  26.446  1.00 27.09 ? 277 GLN A CD    1 
ATOM   840  O OE1   . GLN A 1 137 ? 1.842   -3.167  26.458  1.00 29.15 ? 277 GLN A OE1   1 
ATOM   841  N NE2   . GLN A 1 137 ? 3.659   -4.070  27.427  1.00 27.22 ? 277 GLN A NE2   1 
ATOM   842  N N     . THR A 1 138 ? 1.844   -4.582  20.799  1.00 27.25 ? 278 THR A N     1 
ATOM   843  C CA    . THR A 1 138 ? 1.143   -4.052  19.631  1.00 25.37 ? 278 THR A CA    1 
ATOM   844  C C     . THR A 1 138 ? 0.534   -5.222  18.862  1.00 23.48 ? 278 THR A C     1 
ATOM   845  O O     . THR A 1 138 ? -0.600  -5.153  18.399  1.00 25.20 ? 278 THR A O     1 
ATOM   846  C CB    . THR A 1 138 ? 2.103   -3.260  18.712  1.00 24.67 ? 278 THR A CB    1 
ATOM   847  O OG1   . THR A 1 138 ? 2.826   -2.306  19.499  1.00 27.11 ? 278 THR A OG1   1 
ATOM   848  C CG2   . THR A 1 138 ? 1.326   -2.505  17.641  1.00 21.81 ? 278 THR A CG2   1 
ATOM   849  N N     . LEU A 1 139 ? 1.279   -6.308  18.744  1.00 20.30 ? 279 LEU A N     1 
ATOM   850  C CA    . LEU A 1 139 ? 0.762   -7.466  18.045  1.00 21.29 ? 279 LEU A CA    1 
ATOM   851  C C     . LEU A 1 139 ? -0.489  -8.034  18.732  1.00 24.13 ? 279 LEU A C     1 
ATOM   852  O O     . LEU A 1 139 ? -1.517  -8.235  18.082  1.00 27.34 ? 279 LEU A O     1 
ATOM   853  C CB    . LEU A 1 139 ? 1.831   -8.553  17.945  1.00 17.32 ? 279 LEU A CB    1 
ATOM   854  C CG    . LEU A 1 139 ? 1.299   -9.832  17.298  1.00 11.52 ? 279 LEU A CG    1 
ATOM   855  C CD1   . LEU A 1 139 ? 1.027   -9.583  15.832  1.00 10.29 ? 279 LEU A CD1   1 
ATOM   856  C CD2   . LEU A 1 139 ? 2.300   -10.952 17.490  1.00 15.34 ? 279 LEU A CD2   1 
ATOM   857  N N     . ASN A 1 140 ? -0.399  -8.301  20.035  1.00 22.98 ? 280 ASN A N     1 
ATOM   858  C CA    . ASN A 1 140 ? -1.538  -8.838  20.777  1.00 23.66 ? 280 ASN A CA    1 
ATOM   859  C C     . ASN A 1 140 ? -2.765  -7.939  20.668  1.00 24.66 ? 280 ASN A C     1 
ATOM   860  O O     . ASN A 1 140 ? -3.886  -8.420  20.464  1.00 23.87 ? 280 ASN A O     1 
ATOM   861  C CB    . ASN A 1 140 ? -1.179  -9.033  22.252  1.00 25.18 ? 280 ASN A CB    1 
ATOM   862  C CG    . ASN A 1 140 ? -0.169  -10.138 22.457  1.00 27.30 ? 280 ASN A CG    1 
ATOM   863  O OD1   . ASN A 1 140 ? -0.300  -11.220 21.877  1.00 27.71 ? 280 ASN A OD1   1 
ATOM   864  N ND2   . ASN A 1 140 ? 0.842   -9.881  23.287  1.00 26.40 ? 280 ASN A ND2   1 
ATOM   865  N N     . GLN A 1 141 ? -2.553  -6.633  20.807  1.00 23.93 ? 281 GLN A N     1 
ATOM   866  C CA    . GLN A 1 141 ? -3.642  -5.677  20.716  1.00 23.33 ? 281 GLN A CA    1 
ATOM   867  C C     . GLN A 1 141 ? -4.329  -5.807  19.356  1.00 23.13 ? 281 GLN A C     1 
ATOM   868  O O     . GLN A 1 141 ? -5.553  -5.900  19.285  1.00 22.53 ? 281 GLN A O     1 
ATOM   869  C CB    . GLN A 1 141 ? -3.103  -4.269  20.904  1.00 23.93 ? 281 GLN A CB    1 
ATOM   870  C CG    . GLN A 1 141 ? -4.161  -3.191  21.083  1.00 25.99 ? 281 GLN A CG    1 
ATOM   871  C CD    . GLN A 1 141 ? -5.109  -3.470  22.238  1.00 27.41 ? 281 GLN A CD    1 
ATOM   872  O OE1   . GLN A 1 141 ? -6.121  -4.142  22.066  1.00 29.32 ? 281 GLN A OE1   1 
ATOM   873  N NE2   . GLN A 1 141 ? -4.780  -2.955  23.421  1.00 26.06 ? 281 GLN A NE2   1 
ATOM   874  N N     . LEU A 1 142 ? -3.540  -5.822  18.284  1.00 20.50 ? 282 LEU A N     1 
ATOM   875  C CA    . LEU A 1 142 ? -4.080  -5.955  16.936  1.00 20.06 ? 282 LEU A CA    1 
ATOM   876  C C     . LEU A 1 142 ? -4.900  -7.241  16.814  1.00 20.36 ? 282 LEU A C     1 
ATOM   877  O O     . LEU A 1 142 ? -6.023  -7.239  16.312  1.00 19.24 ? 282 LEU A O     1 
ATOM   878  C CB    . LEU A 1 142 ? -2.938  -5.987  15.927  1.00 20.86 ? 282 LEU A CB    1 
ATOM   879  C CG    . LEU A 1 142 ? -3.268  -6.219  14.450  1.00 22.17 ? 282 LEU A CG    1 
ATOM   880  C CD1   . LEU A 1 142 ? -3.947  -4.985  13.862  1.00 24.62 ? 282 LEU A CD1   1 
ATOM   881  C CD2   . LEU A 1 142 ? -1.981  -6.518  13.692  1.00 19.86 ? 282 LEU A CD2   1 
ATOM   882  N N     . LEU A 1 143 ? -4.327  -8.340  17.285  1.00 21.87 ? 283 LEU A N     1 
ATOM   883  C CA    . LEU A 1 143 ? -4.985  -9.642  17.234  1.00 21.56 ? 283 LEU A CA    1 
ATOM   884  C C     . LEU A 1 143 ? -6.321  -9.644  17.985  1.00 22.39 ? 283 LEU A C     1 
ATOM   885  O O     . LEU A 1 143 ? -7.327  -10.144 17.480  1.00 23.13 ? 283 LEU A O     1 
ATOM   886  C CB    . LEU A 1 143 ? -4.045  -10.710 17.801  1.00 19.31 ? 283 LEU A CB    1 
ATOM   887  C CG    . LEU A 1 143 ? -3.370  -11.702 16.844  1.00 18.18 ? 283 LEU A CG    1 
ATOM   888  C CD1   . LEU A 1 143 ? -3.115  -11.077 15.476  1.00 17.29 ? 283 LEU A CD1   1 
ATOM   889  C CD2   . LEU A 1 143 ? -2.078  -12.183 17.474  1.00 12.21 ? 283 LEU A CD2   1 
ATOM   890  N N     . VAL A 1 144 ? -6.336  -9.089  19.191  1.00 21.35 ? 284 VAL A N     1 
ATOM   891  C CA    . VAL A 1 144 ? -7.574  -9.034  19.948  1.00 20.62 ? 284 VAL A CA    1 
ATOM   892  C C     . VAL A 1 144 ? -8.580  -8.176  19.195  1.00 24.35 ? 284 VAL A C     1 
ATOM   893  O O     . VAL A 1 144 ? -9.760  -8.499  19.139  1.00 27.57 ? 284 VAL A O     1 
ATOM   894  C CB    . VAL A 1 144 ? -7.378  -8.403  21.330  1.00 19.05 ? 284 VAL A CB    1 
ATOM   895  C CG1   . VAL A 1 144 ? -8.722  -8.173  21.968  1.00 20.61 ? 284 VAL A CG1   1 
ATOM   896  C CG2   . VAL A 1 144 ? -6.539  -9.297  22.208  1.00 21.89 ? 284 VAL A CG2   1 
ATOM   897  N N     . GLU A 1 145 ? -8.112  -7.072  18.618  1.00 26.48 ? 285 GLU A N     1 
ATOM   898  C CA    . GLU A 1 145 ? -8.998  -6.183  17.891  1.00 27.62 ? 285 GLU A CA    1 
ATOM   899  C C     . GLU A 1 145 ? -9.612  -6.892  16.698  1.00 30.00 ? 285 GLU A C     1 
ATOM   900  O O     . GLU A 1 145 ? -10.809 -6.783  16.455  1.00 31.80 ? 285 GLU A O     1 
ATOM   901  C CB    . GLU A 1 145 ? -8.248  -4.928  17.438  1.00 28.18 ? 285 GLU A CB    1 
ATOM   902  C CG    . GLU A 1 145 ? -7.781  -4.046  18.584  1.00 30.98 ? 285 GLU A CG    1 
ATOM   903  C CD    . GLU A 1 145 ? -8.925  -3.577  19.478  1.00 32.87 ? 285 GLU A CD    1 
ATOM   904  O OE1   . GLU A 1 145 ? -8.697  -3.386  20.695  1.00 35.27 ? 285 GLU A OE1   1 
ATOM   905  O OE2   . GLU A 1 145 ? -10.049 -3.390  18.970  1.00 33.85 ? 285 GLU A OE2   1 
ATOM   906  N N     . MET A 1 146 ? -8.803  -7.642  15.963  1.00 30.68 ? 286 MET A N     1 
ATOM   907  C CA    . MET A 1 146 ? -9.320  -8.339  14.798  1.00 32.45 ? 286 MET A CA    1 
ATOM   908  C C     . MET A 1 146 ? -10.178 -9.542  15.134  1.00 33.13 ? 286 MET A C     1 
ATOM   909  O O     . MET A 1 146 ? -11.051 -9.923  14.357  1.00 33.04 ? 286 MET A O     1 
ATOM   910  C CB    . MET A 1 146 ? -8.177  -8.736  13.877  1.00 33.69 ? 286 MET A CB    1 
ATOM   911  C CG    . MET A 1 146 ? -7.558  -7.530  13.219  1.00 35.00 ? 286 MET A CG    1 
ATOM   912  S SD    . MET A 1 146 ? -6.738  -7.947  11.716  1.00 40.79 ? 286 MET A SD    1 
ATOM   913  C CE    . MET A 1 146 ? -8.082  -7.973  10.600  1.00 37.91 ? 286 MET A CE    1 
ATOM   914  N N     . ASP A 1 147 ? -9.930  -10.143 16.293  1.00 34.07 ? 287 ASP A N     1 
ATOM   915  C CA    . ASP A 1 147 ? -10.722 -11.279 16.725  1.00 33.25 ? 287 ASP A CA    1 
ATOM   916  C C     . ASP A 1 147 ? -12.059 -10.753 17.230  1.00 33.67 ? 287 ASP A C     1 
ATOM   917  O O     . ASP A 1 147 ? -13.036 -11.488 17.306  1.00 33.71 ? 287 ASP A O     1 
ATOM   918  C CB    . ASP A 1 147 ? -9.997  -12.059 17.830  1.00 33.14 ? 287 ASP A CB    1 
ATOM   919  C CG    . ASP A 1 147 ? -8.873  -12.927 17.288  1.00 34.94 ? 287 ASP A CG    1 
ATOM   920  O OD1   . ASP A 1 147 ? -8.742  -13.022 16.048  1.00 39.42 ? 287 ASP A OD1   1 
ATOM   921  O OD2   . ASP A 1 147 ? -8.123  -13.522 18.087  1.00 33.54 ? 287 ASP A OD2   1 
ATOM   922  N N     . GLY A 1 148 ? -12.100 -9.468  17.557  1.00 35.26 ? 288 GLY A N     1 
ATOM   923  C CA    . GLY A 1 148 ? -13.327 -8.875  18.053  1.00 39.62 ? 288 GLY A CA    1 
ATOM   924  C C     . GLY A 1 148 ? -14.309 -8.497  16.959  1.00 42.78 ? 288 GLY A C     1 
ATOM   925  O O     . GLY A 1 148 ? -15.265 -7.766  17.203  1.00 42.54 ? 288 GLY A O     1 
ATOM   926  N N     . PHE A 1 149 ? -14.087 -8.991  15.747  1.00 46.04 ? 289 PHE A N     1 
ATOM   927  C CA    . PHE A 1 149 ? -14.982 -8.671  14.638  1.00 48.00 ? 289 PHE A CA    1 
ATOM   928  C C     . PHE A 1 149 ? -16.196 -9.573  14.564  1.00 49.39 ? 289 PHE A C     1 
ATOM   929  O O     . PHE A 1 149 ? -16.079 -10.797 14.442  1.00 48.94 ? 289 PHE A O     1 
ATOM   930  C CB    . PHE A 1 149 ? -14.237 -8.740  13.301  1.00 49.10 ? 289 PHE A CB    1 
ATOM   931  C CG    . PHE A 1 149 ? -13.625 -7.441  12.878  1.00 49.84 ? 289 PHE A CG    1 
ATOM   932  C CD1   . PHE A 1 149 ? -13.240 -6.494  13.822  1.00 49.61 ? 289 PHE A CD1   1 
ATOM   933  C CD2   . PHE A 1 149 ? -13.396 -7.175  11.536  1.00 49.70 ? 289 PHE A CD2   1 
ATOM   934  C CE1   . PHE A 1 149 ? -12.634 -5.306  13.432  1.00 49.77 ? 289 PHE A CE1   1 
ATOM   935  C CE2   . PHE A 1 149 ? -12.786 -5.988  11.141  1.00 49.39 ? 289 PHE A CE2   1 
ATOM   936  C CZ    . PHE A 1 149 ? -12.406 -5.053  12.091  1.00 48.69 ? 289 PHE A CZ    1 
ATOM   937  N N     . GLU A 1 150 ? -17.365 -8.953  14.644  1.00 50.57 ? 290 GLU A N     1 
ATOM   938  C CA    . GLU A 1 150 ? -18.612 -9.683  14.547  1.00 51.18 ? 290 GLU A CA    1 
ATOM   939  C C     . GLU A 1 150 ? -18.999 -9.656  13.074  1.00 52.31 ? 290 GLU A C     1 
ATOM   940  O O     . GLU A 1 150 ? -18.462 -8.861  12.294  1.00 52.53 ? 290 GLU A O     1 
ATOM   941  C CB    . GLU A 1 150 ? -19.678 -9.007  15.390  1.00 52.94 ? 290 GLU A CB    1 
ATOM   942  N N     . LYS A 1 151 ? -19.918 -10.533 12.689  1.00 53.43 ? 291 LYS A N     1 
ATOM   943  C CA    . LYS A 1 151 ? -20.382 -10.594 11.308  1.00 54.94 ? 291 LYS A CA    1 
ATOM   944  C C     . LYS A 1 151 ? -20.844 -9.212  10.826  1.00 55.88 ? 291 LYS A C     1 
ATOM   945  O O     . LYS A 1 151 ? -20.463 -8.760  9.740   1.00 56.71 ? 291 LYS A O     1 
ATOM   946  C CB    . LYS A 1 151 ? -21.524 -11.600 11.194  1.00 55.82 ? 291 LYS A CB    1 
ATOM   947  N N     . ASP A 1 152 ? -21.651 -8.543  11.650  1.00 55.36 ? 292 ASP A N     1 
ATOM   948  C CA    . ASP A 1 152 ? -22.187 -7.217  11.332  1.00 54.22 ? 292 ASP A CA    1 
ATOM   949  C C     . ASP A 1 152 ? -21.130 -6.105  11.224  1.00 53.97 ? 292 ASP A C     1 
ATOM   950  O O     . ASP A 1 152 ? -21.475 -4.944  10.992  1.00 53.26 ? 292 ASP A O     1 
ATOM   951  C CB    . ASP A 1 152 ? -23.233 -6.830  12.372  1.00 51.99 ? 292 ASP A CB    1 
ATOM   952  N N     . THR A 1 153 ? -19.855 -6.459  11.384  1.00 52.92 ? 293 THR A N     1 
ATOM   953  C CA    . THR A 1 153 ? -18.764 -5.489  11.331  1.00 50.08 ? 293 THR A CA    1 
ATOM   954  C C     . THR A 1 153 ? -18.371 -5.175  9.892   1.00 47.55 ? 293 THR A C     1 
ATOM   955  O O     . THR A 1 153 ? -17.803 -6.013  9.197   1.00 46.83 ? 293 THR A O     1 
ATOM   956  C CB    . THR A 1 153 ? -17.541 -6.025  12.091  1.00 51.31 ? 293 THR A CB    1 
ATOM   957  O OG1   . THR A 1 153 ? -17.954 -6.504  13.380  1.00 53.23 ? 293 THR A OG1   1 
ATOM   958  C CG2   . THR A 1 153 ? -16.507 -4.929  12.277  1.00 52.07 ? 293 THR A CG2   1 
ATOM   959  N N     . ALA A 1 154 ? -18.664 -3.956  9.458   1.00 45.39 ? 294 ALA A N     1 
ATOM   960  C CA    . ALA A 1 154 ? -18.388 -3.542  8.090   1.00 42.75 ? 294 ALA A CA    1 
ATOM   961  C C     . ALA A 1 154 ? -17.037 -2.869  7.877   1.00 42.15 ? 294 ALA A C     1 
ATOM   962  O O     . ALA A 1 154 ? -16.948 -1.786  7.295   1.00 43.43 ? 294 ALA A O     1 
ATOM   963  C CB    . ALA A 1 154 ? -19.500 -2.629  7.610   1.00 42.28 ? 294 ALA A CB    1 
ATOM   964  N N     . ILE A 1 155 ? -15.976 -3.519  8.330   1.00 40.17 ? 295 ILE A N     1 
ATOM   965  C CA    . ILE A 1 155 ? -14.639 -2.978  8.164   1.00 36.41 ? 295 ILE A CA    1 
ATOM   966  C C     . ILE A 1 155 ? -13.768 -4.045  7.514   1.00 34.41 ? 295 ILE A C     1 
ATOM   967  O O     . ILE A 1 155 ? -13.811 -5.209  7.900   1.00 32.80 ? 295 ILE A O     1 
ATOM   968  C CB    . ILE A 1 155 ? -14.001 -2.601  9.526   1.00 36.74 ? 295 ILE A CB    1 
ATOM   969  C CG1   . ILE A 1 155 ? -14.851 -1.564  10.256  1.00 38.27 ? 295 ILE A CG1   1 
ATOM   970  C CG2   . ILE A 1 155 ? -12.600 -2.051  9.310   1.00 35.69 ? 295 ILE A CG2   1 
ATOM   971  C CD1   . ILE A 1 155 ? -14.329 -1.262  11.650  1.00 42.59 ? 295 ILE A CD1   1 
ATOM   972  N N     . VAL A 1 156 ? -12.992 -3.651  6.515   1.00 32.45 ? 296 VAL A N     1 
ATOM   973  C CA    . VAL A 1 156 ? -12.086 -4.576  5.867   1.00 31.14 ? 296 VAL A CA    1 
ATOM   974  C C     . VAL A 1 156 ? -10.691 -4.089  6.232   1.00 33.70 ? 296 VAL A C     1 
ATOM   975  O O     . VAL A 1 156 ? -10.356 -2.927  5.986   1.00 36.11 ? 296 VAL A O     1 
ATOM   976  C CB    . VAL A 1 156 ? -12.267 -4.563  4.345   1.00 29.68 ? 296 VAL A CB    1 
ATOM   977  C CG1   . VAL A 1 156 ? -11.235 -5.461  3.686   1.00 31.99 ? 296 VAL A CG1   1 
ATOM   978  C CG2   . VAL A 1 156 ? -13.646 -5.042  3.995   1.00 29.41 ? 296 VAL A CG2   1 
ATOM   979  N N     . VAL A 1 157 ? -9.890  -4.960  6.847   1.00 33.16 ? 297 VAL A N     1 
ATOM   980  C CA    . VAL A 1 157 ? -8.539  -4.578  7.239   1.00 31.81 ? 297 VAL A CA    1 
ATOM   981  C C     . VAL A 1 157 ? -7.499  -4.995  6.213   1.00 31.55 ? 297 VAL A C     1 
ATOM   982  O O     . VAL A 1 157 ? -7.253  -6.186  5.999   1.00 31.13 ? 297 VAL A O     1 
ATOM   983  C CB    . VAL A 1 157 ? -8.133  -5.179  8.613   1.00 29.83 ? 297 VAL A CB    1 
ATOM   984  C CG1   . VAL A 1 157 ? -6.730  -4.712  8.993   1.00 26.42 ? 297 VAL A CG1   1 
ATOM   985  C CG2   . VAL A 1 157 ? -9.104  -4.741  9.685   1.00 31.89 ? 297 VAL A CG2   1 
ATOM   986  N N     . MET A 1 158 ? -6.891  -4.006  5.571   1.00 29.70 ? 298 MET A N     1 
ATOM   987  C CA    . MET A 1 158 ? -5.855  -4.287  4.596   1.00 29.94 ? 298 MET A CA    1 
ATOM   988  C C     . MET A 1 158 ? -4.508  -3.925  5.200   1.00 30.96 ? 298 MET A C     1 
ATOM   989  O O     . MET A 1 158 ? -4.351  -2.860  5.796   1.00 32.11 ? 298 MET A O     1 
ATOM   990  C CB    . MET A 1 158 ? -6.104  -3.504  3.318   1.00 26.76 ? 298 MET A CB    1 
ATOM   991  C CG    . MET A 1 158 ? -7.245  -4.075  2.501   1.00 28.88 ? 298 MET A CG    1 
ATOM   992  S SD    . MET A 1 158 ? -7.543  -3.144  1.018   1.00 32.58 ? 298 MET A SD    1 
ATOM   993  C CE    . MET A 1 158 ? -6.331  -3.912  -0.092  1.00 25.83 ? 298 MET A CE    1 
ATOM   994  N N     . ALA A 1 159 ? -3.545  -4.829  5.070   1.00 31.96 ? 299 ALA A N     1 
ATOM   995  C CA    . ALA A 1 159 ? -2.212  -4.612  5.611   1.00 33.51 ? 299 ALA A CA    1 
ATOM   996  C C     . ALA A 1 159 ? -1.233  -4.757  4.464   1.00 34.88 ? 299 ALA A C     1 
ATOM   997  O O     . ALA A 1 159 ? -1.578  -5.322  3.430   1.00 37.05 ? 299 ALA A O     1 
ATOM   998  C CB    . ALA A 1 159 ? -1.913  -5.640  6.689   1.00 32.91 ? 299 ALA A CB    1 
ATOM   999  N N     . ALA A 1 160 ? -0.020  -4.244  4.631   1.00 35.72 ? 300 ALA A N     1 
ATOM   1000 C CA    . ALA A 1 160 ? 0.967   -4.356  3.575   1.00 36.45 ? 300 ALA A CA    1 
ATOM   1001 C C     . ALA A 1 160 ? 2.271   -4.895  4.116   1.00 39.27 ? 300 ALA A C     1 
ATOM   1002 O O     . ALA A 1 160 ? 2.669   -4.589  5.243   1.00 38.34 ? 300 ALA A O     1 
ATOM   1003 C CB    . ALA A 1 160 ? 1.189   -3.021  2.934   1.00 36.54 ? 300 ALA A CB    1 
ATOM   1004 N N     . THR A 1 161 ? 2.931   -5.710  3.302   1.00 43.54 ? 301 THR A N     1 
ATOM   1005 C CA    . THR A 1 161 ? 4.201   -6.301  3.686   1.00 48.53 ? 301 THR A CA    1 
ATOM   1006 C C     . THR A 1 161 ? 5.052   -6.634  2.480   1.00 50.80 ? 301 THR A C     1 
ATOM   1007 O O     . THR A 1 161 ? 4.538   -6.996  1.419   1.00 51.50 ? 301 THR A O     1 
ATOM   1008 C CB    . THR A 1 161 ? 4.000   -7.601  4.515   1.00 48.62 ? 301 THR A CB    1 
ATOM   1009 O OG1   . THR A 1 161 ? 4.580   -7.424  5.808   1.00 51.33 ? 301 THR A OG1   1 
ATOM   1010 C CG2   . THR A 1 161 ? 4.675   -8.795  3.853   1.00 48.58 ? 301 THR A CG2   1 
ATOM   1011 N N     . ASN A 1 162 ? 6.360   -6.502  2.655   1.00 55.15 ? 302 ASN A N     1 
ATOM   1012 C CA    . ASN A 1 162 ? 7.305   -6.841  1.605   1.00 59.21 ? 302 ASN A CA    1 
ATOM   1013 C C     . ASN A 1 162 ? 8.247   -7.906  2.171   1.00 60.75 ? 302 ASN A C     1 
ATOM   1014 O O     . ASN A 1 162 ? 8.985   -8.555  1.430   1.00 63.22 ? 302 ASN A O     1 
ATOM   1015 C CB    . ASN A 1 162 ? 8.090   -5.605  1.132   1.00 60.21 ? 302 ASN A CB    1 
ATOM   1016 C CG    . ASN A 1 162 ? 8.794   -4.889  2.257   1.00 61.54 ? 302 ASN A CG    1 
ATOM   1017 O OD1   . ASN A 1 162 ? 9.446   -5.515  3.090   1.00 64.47 ? 302 ASN A OD1   1 
ATOM   1018 N ND2   . ASN A 1 162 ? 8.682   -3.562  2.278   1.00 59.56 ? 302 ASN A ND2   1 
ATOM   1019 N N     . ARG A 1 163 ? 8.193   -8.090  3.489   1.00 61.34 ? 303 ARG A N     1 
ATOM   1020 C CA    . ARG A 1 163 ? 9.014   -9.084  4.172   1.00 61.83 ? 303 ARG A CA    1 
ATOM   1021 C C     . ARG A 1 163 ? 8.101   -10.134 4.794   1.00 62.50 ? 303 ARG A C     1 
ATOM   1022 O O     . ARG A 1 163 ? 7.934   -10.170 6.015   1.00 64.69 ? 303 ARG A O     1 
ATOM   1023 C CB    . ARG A 1 163 ? 9.858   -8.424  5.258   1.00 62.07 ? 303 ARG A CB    1 
ATOM   1024 N N     . PRO A 1 164 ? 7.501   -11.005 3.962   1.00 61.85 ? 304 PRO A N     1 
ATOM   1025 C CA    . PRO A 1 164 ? 6.590   -12.073 4.396   1.00 62.54 ? 304 PRO A CA    1 
ATOM   1026 C C     . PRO A 1 164 ? 7.331   -13.159 5.169   1.00 64.19 ? 304 PRO A C     1 
ATOM   1027 O O     . PRO A 1 164 ? 6.716   -14.017 5.818   1.00 66.32 ? 304 PRO A O     1 
ATOM   1028 C CB    . PRO A 1 164 ? 6.020   -12.602 3.081   1.00 61.27 ? 304 PRO A CB    1 
ATOM   1029 C CG    . PRO A 1 164 ? 6.353   -11.539 2.074   1.00 62.04 ? 304 PRO A CG    1 
ATOM   1030 C CD    . PRO A 1 164 ? 7.681   -11.044 2.504   1.00 60.74 ? 304 PRO A CD    1 
ATOM   1031 N N     . ASP A 1 165 ? 8.655   -13.121 5.083   1.00 63.67 ? 305 ASP A N     1 
ATOM   1032 C CA    . ASP A 1 165 ? 9.492   -14.091 5.773   1.00 65.18 ? 305 ASP A CA    1 
ATOM   1033 C C     . ASP A 1 165 ? 9.466   -13.893 7.295   1.00 64.29 ? 305 ASP A C     1 
ATOM   1034 O O     . ASP A 1 165 ? 9.492   -14.861 8.055   1.00 64.32 ? 305 ASP A O     1 
ATOM   1035 C CB    . ASP A 1 165 ? 10.931  -14.008 5.239   1.00 68.74 ? 305 ASP A CB    1 
ATOM   1036 C CG    . ASP A 1 165 ? 11.499  -12.593 5.271   1.00 71.97 ? 305 ASP A CG    1 
ATOM   1037 O OD1   . ASP A 1 165 ? 11.965  -12.151 6.346   1.00 73.29 ? 305 ASP A OD1   1 
ATOM   1038 O OD2   . ASP A 1 165 ? 11.477  -11.920 4.217   1.00 73.74 ? 305 ASP A OD2   1 
ATOM   1039 N N     . ILE A 1 166 ? 9.385   -12.637 7.728   1.00 63.27 ? 306 ILE A N     1 
ATOM   1040 C CA    . ILE A 1 166 ? 9.369   -12.303 9.150   1.00 60.40 ? 306 ILE A CA    1 
ATOM   1041 C C     . ILE A 1 166 ? 7.972   -12.108 9.774   1.00 59.50 ? 306 ILE A C     1 
ATOM   1042 O O     . ILE A 1 166 ? 7.836   -12.025 10.996  1.00 59.29 ? 306 ILE A O     1 
ATOM   1043 C CB    . ILE A 1 166 ? 10.223  -11.047 9.397   1.00 58.16 ? 306 ILE A CB    1 
ATOM   1044 C CG1   . ILE A 1 166 ? 9.753   -9.908  8.492   1.00 57.40 ? 306 ILE A CG1   1 
ATOM   1045 C CG2   . ILE A 1 166 ? 11.686  -11.360 9.131   1.00 55.07 ? 306 ILE A CG2   1 
ATOM   1046 C CD1   . ILE A 1 166 ? 10.541  -8.625  8.666   1.00 56.95 ? 306 ILE A CD1   1 
ATOM   1047 N N     . LEU A 1 167 ? 6.938   -12.057 8.941   1.00 57.48 ? 307 LEU A N     1 
ATOM   1048 C CA    . LEU A 1 167 ? 5.572   -11.870 9.428   1.00 54.68 ? 307 LEU A CA    1 
ATOM   1049 C C     . LEU A 1 167 ? 5.148   -12.959 10.426  1.00 52.49 ? 307 LEU A C     1 
ATOM   1050 O O     . LEU A 1 167 ? 5.247   -14.149 10.134  1.00 52.33 ? 307 LEU A O     1 
ATOM   1051 C CB    . LEU A 1 167 ? 4.613   -11.839 8.238   1.00 54.10 ? 307 LEU A CB    1 
ATOM   1052 C CG    . LEU A 1 167 ? 3.244   -11.181 8.430   1.00 53.57 ? 307 LEU A CG    1 
ATOM   1053 C CD1   . LEU A 1 167 ? 3.391   -9.774  9.006   1.00 52.39 ? 307 LEU A CD1   1 
ATOM   1054 C CD2   . LEU A 1 167 ? 2.540   -11.131 7.084   1.00 51.77 ? 307 LEU A CD2   1 
ATOM   1055 N N     . ASP A 1 168 ? 4.669   -12.538 11.597  1.00 48.97 ? 308 ASP A N     1 
ATOM   1056 C CA    . ASP A 1 168 ? 4.243   -13.466 12.647  1.00 44.83 ? 308 ASP A CA    1 
ATOM   1057 C C     . ASP A 1 168 ? 3.051   -14.339 12.269  1.00 43.15 ? 308 ASP A C     1 
ATOM   1058 O O     . ASP A 1 168 ? 1.971   -13.844 11.933  1.00 43.29 ? 308 ASP A O     1 
ATOM   1059 C CB    . ASP A 1 168 ? 3.920   -12.705 13.937  1.00 43.81 ? 308 ASP A CB    1 
ATOM   1060 C CG    . ASP A 1 168 ? 3.553   -13.634 15.088  1.00 45.19 ? 308 ASP A CG    1 
ATOM   1061 O OD1   . ASP A 1 168 ? 2.559   -14.384 14.962  1.00 45.05 ? 308 ASP A OD1   1 
ATOM   1062 O OD2   . ASP A 1 168 ? 4.260   -13.614 16.122  1.00 47.08 ? 308 ASP A OD2   1 
ATOM   1063 N N     . PRO A 1 169 ? 3.230   -15.665 12.356  1.00 41.44 ? 309 PRO A N     1 
ATOM   1064 C CA    . PRO A 1 169 ? 2.240   -16.700 12.041  1.00 38.99 ? 309 PRO A CA    1 
ATOM   1065 C C     . PRO A 1 169 ? 0.815   -16.468 12.509  1.00 36.76 ? 309 PRO A C     1 
ATOM   1066 O O     . PRO A 1 169 ? -0.123  -16.859 11.826  1.00 39.46 ? 309 PRO A O     1 
ATOM   1067 C CB    . PRO A 1 169 ? 2.845   -17.949 12.668  1.00 37.99 ? 309 PRO A CB    1 
ATOM   1068 C CG    . PRO A 1 169 ? 4.305   -17.734 12.450  1.00 40.05 ? 309 PRO A CG    1 
ATOM   1069 C CD    . PRO A 1 169 ? 4.475   -16.279 12.854  1.00 40.37 ? 309 PRO A CD    1 
ATOM   1070 N N     . ALA A 1 170 ? 0.642   -15.843 13.666  1.00 35.10 ? 310 ALA A N     1 
ATOM   1071 C CA    . ALA A 1 170 ? -0.701  -15.618 14.199  1.00 33.42 ? 310 ALA A CA    1 
ATOM   1072 C C     . ALA A 1 170 ? -1.541  -14.664 13.359  1.00 32.35 ? 310 ALA A C     1 
ATOM   1073 O O     . ALA A 1 170 ? -2.770  -14.773 13.325  1.00 33.00 ? 310 ALA A O     1 
ATOM   1074 C CB    . ALA A 1 170 ? -0.616  -15.107 15.628  1.00 32.84 ? 310 ALA A CB    1 
ATOM   1075 N N     . LEU A 1 171 ? -0.874  -13.729 12.687  1.00 29.22 ? 311 LEU A N     1 
ATOM   1076 C CA    . LEU A 1 171 ? -1.567  -12.751 11.860  1.00 29.36 ? 311 LEU A CA    1 
ATOM   1077 C C     . LEU A 1 171 ? -2.270  -13.408 10.678  1.00 32.44 ? 311 LEU A C     1 
ATOM   1078 O O     . LEU A 1 171 ? -3.325  -12.943 10.209  1.00 31.57 ? 311 LEU A O     1 
ATOM   1079 C CB    . LEU A 1 171 ? -0.571  -11.714 11.340  1.00 25.90 ? 311 LEU A CB    1 
ATOM   1080 C CG    . LEU A 1 171 ? -0.007  -10.690 12.322  1.00 24.11 ? 311 LEU A CG    1 
ATOM   1081 C CD1   . LEU A 1 171 ? 1.163   -9.964  11.688  1.00 23.14 ? 311 LEU A CD1   1 
ATOM   1082 C CD2   . LEU A 1 171 ? -1.086  -9.705  12.698  1.00 20.27 ? 311 LEU A CD2   1 
ATOM   1083 N N     . LEU A 1 172 ? -1.680  -14.503 10.213  1.00 34.56 ? 312 LEU A N     1 
ATOM   1084 C CA    . LEU A 1 172 ? -2.189  -15.225 9.060   1.00 37.17 ? 312 LEU A CA    1 
ATOM   1085 C C     . LEU A 1 172 ? -3.248  -16.289 9.312   1.00 38.25 ? 312 LEU A C     1 
ATOM   1086 O O     . LEU A 1 172 ? -3.670  -16.975 8.378   1.00 39.08 ? 312 LEU A O     1 
ATOM   1087 C CB    . LEU A 1 172 ? -1.011  -15.835 8.311   1.00 38.57 ? 312 LEU A CB    1 
ATOM   1088 C CG    . LEU A 1 172 ? 0.035   -14.772 7.980   1.00 39.12 ? 312 LEU A CG    1 
ATOM   1089 C CD1   . LEU A 1 172 ? 1.134   -15.398 7.148   1.00 39.73 ? 312 LEU A CD1   1 
ATOM   1090 C CD2   . LEU A 1 172 ? -0.621  -13.616 7.226   1.00 37.77 ? 312 LEU A CD2   1 
ATOM   1091 N N     . ARG A 1 173 ? -3.691  -16.425 10.557  1.00 39.16 ? 313 ARG A N     1 
ATOM   1092 C CA    . ARG A 1 173 ? -4.706  -17.420 10.875  1.00 40.15 ? 313 ARG A CA    1 
ATOM   1093 C C     . ARG A 1 173 ? -6.083  -16.968 10.431  1.00 39.21 ? 313 ARG A C     1 
ATOM   1094 O O     . ARG A 1 173 ? -6.391  -15.777 10.421  1.00 39.64 ? 313 ARG A O     1 
ATOM   1095 C CB    . ARG A 1 173 ? -4.701  -17.722 12.375  1.00 41.19 ? 313 ARG A CB    1 
ATOM   1096 C CG    . ARG A 1 173 ? -3.398  -18.368 12.824  1.00 45.85 ? 313 ARG A CG    1 
ATOM   1097 C CD    . ARG A 1 173 ? -3.232  -18.372 14.335  1.00 51.79 ? 313 ARG A CD    1 
ATOM   1098 N NE    . ARG A 1 173 ? -1.872  -18.750 14.726  1.00 55.96 ? 313 ARG A NE    1 
ATOM   1099 C CZ    . ARG A 1 173 ? -1.387  -18.666 15.966  1.00 56.96 ? 313 ARG A CZ    1 
ATOM   1100 N NH1   . ARG A 1 173 ? -2.149  -18.210 16.956  1.00 57.77 ? 313 ARG A NH1   1 
ATOM   1101 N NH2   . ARG A 1 173 ? -0.136  -19.041 16.214  1.00 56.73 ? 313 ARG A NH2   1 
ATOM   1102 N N     . PRO A 1 174 ? -6.933  -17.924 10.040  1.00 39.49 ? 314 PRO A N     1 
ATOM   1103 C CA    . PRO A 1 174 ? -8.294  -17.625 9.588   1.00 38.89 ? 314 PRO A CA    1 
ATOM   1104 C C     . PRO A 1 174 ? -9.010  -16.701 10.554  1.00 37.55 ? 314 PRO A C     1 
ATOM   1105 O O     . PRO A 1 174 ? -8.991  -16.922 11.766  1.00 38.30 ? 314 PRO A O     1 
ATOM   1106 C CB    . PRO A 1 174 ? -8.941  -19.006 9.506   1.00 39.15 ? 314 PRO A CB    1 
ATOM   1107 C CG    . PRO A 1 174 ? -8.143  -19.818 10.487  1.00 39.07 ? 314 PRO A CG    1 
ATOM   1108 C CD    . PRO A 1 174 ? -6.745  -19.372 10.198  1.00 38.41 ? 314 PRO A CD    1 
ATOM   1109 N N     . GLY A 1 175 ? -9.642  -15.670 10.007  1.00 35.87 ? 315 GLY A N     1 
ATOM   1110 C CA    . GLY A 1 175 ? -10.333 -14.706 10.835  1.00 34.69 ? 315 GLY A CA    1 
ATOM   1111 C C     . GLY A 1 175 ? -9.505  -13.434 10.881  1.00 35.84 ? 315 GLY A C     1 
ATOM   1112 O O     . GLY A 1 175 ? -10.018 -12.353 11.200  1.00 35.77 ? 315 GLY A O     1 
ATOM   1113 N N     . ARG A 1 176 ? -8.214  -13.563 10.570  1.00 33.14 ? 316 ARG A N     1 
ATOM   1114 C CA    . ARG A 1 176 ? -7.308  -12.418 10.554  1.00 32.33 ? 316 ARG A CA    1 
ATOM   1115 C C     . ARG A 1 176 ? -6.887  -12.134 9.123   1.00 31.72 ? 316 ARG A C     1 
ATOM   1116 O O     . ARG A 1 176 ? -7.737  -11.901 8.270   1.00 31.76 ? 316 ARG A O     1 
ATOM   1117 C CB    . ARG A 1 176 ? -6.099  -12.706 11.434  1.00 31.05 ? 316 ARG A CB    1 
ATOM   1118 C CG    . ARG A 1 176 ? -6.486  -12.795 12.886  1.00 31.32 ? 316 ARG A CG    1 
ATOM   1119 C CD    . ARG A 1 176 ? -5.547  -13.676 13.658  1.00 31.83 ? 316 ARG A CD    1 
ATOM   1120 N NE    . ARG A 1 176 ? -5.962  -13.756 15.054  1.00 34.19 ? 316 ARG A NE    1 
ATOM   1121 C CZ    . ARG A 1 176 ? -5.283  -14.394 15.999  1.00 34.02 ? 316 ARG A CZ    1 
ATOM   1122 N NH1   . ARG A 1 176 ? -4.147  -15.016 15.690  1.00 33.43 ? 316 ARG A NH1   1 
ATOM   1123 N NH2   . ARG A 1 176 ? -5.734  -14.397 17.247  1.00 30.89 ? 316 ARG A NH2   1 
ATOM   1124 N N     . PHE A 1 177 ? -5.587  -12.140 8.850   1.00 31.85 ? 317 PHE A N     1 
ATOM   1125 C CA    . PHE A 1 177 ? -5.142  -11.903 7.486   1.00 32.71 ? 317 PHE A CA    1 
ATOM   1126 C C     . PHE A 1 177 ? -5.005  -13.252 6.794   1.00 33.91 ? 317 PHE A C     1 
ATOM   1127 O O     . PHE A 1 177 ? -3.907  -13.724 6.478   1.00 32.38 ? 317 PHE A O     1 
ATOM   1128 C CB    . PHE A 1 177 ? -3.833  -11.113 7.477   1.00 32.17 ? 317 PHE A CB    1 
ATOM   1129 C CG    . PHE A 1 177 ? -3.968  -9.748  8.078   1.00 29.50 ? 317 PHE A CG    1 
ATOM   1130 C CD1   . PHE A 1 177 ? -3.678  -9.531  9.417   1.00 29.42 ? 317 PHE A CD1   1 
ATOM   1131 C CD2   . PHE A 1 177 ? -4.470  -8.692  7.325   1.00 29.79 ? 317 PHE A CD2   1 
ATOM   1132 C CE1   . PHE A 1 177 ? -3.894  -8.272  10.006  1.00 29.89 ? 317 PHE A CE1   1 
ATOM   1133 C CE2   . PHE A 1 177 ? -4.690  -7.433  7.905   1.00 30.17 ? 317 PHE A CE2   1 
ATOM   1134 C CZ    . PHE A 1 177 ? -4.402  -7.228  9.247   1.00 27.22 ? 317 PHE A CZ    1 
ATOM   1135 N N     . ASP A 1 178 ? -6.167  -13.865 6.584   1.00 36.64 ? 318 ASP A N     1 
ATOM   1136 C CA    . ASP A 1 178 ? -6.291  -15.166 5.941   1.00 38.74 ? 318 ASP A CA    1 
ATOM   1137 C C     . ASP A 1 178 ? -6.751  -14.948 4.511   1.00 39.85 ? 318 ASP A C     1 
ATOM   1138 O O     . ASP A 1 178 ? -7.801  -15.418 4.094   1.00 40.67 ? 318 ASP A O     1 
ATOM   1139 C CB    . ASP A 1 178 ? -7.296  -16.039 6.706   1.00 38.73 ? 318 ASP A CB    1 
ATOM   1140 C CG    . ASP A 1 178 ? -8.714  -15.451 6.729   1.00 39.00 ? 318 ASP A CG    1 
ATOM   1141 O OD1   . ASP A 1 178 ? -8.889  -14.237 6.464   1.00 39.00 ? 318 ASP A OD1   1 
ATOM   1142 O OD2   . ASP A 1 178 ? -9.656  -16.220 7.034   1.00 37.87 ? 318 ASP A OD2   1 
ATOM   1143 N N     . ARG A 1 179 ? -5.937  -14.199 3.780   1.00 40.96 ? 319 ARG A N     1 
ATOM   1144 C CA    . ARG A 1 179 ? -6.167  -13.868 2.381   1.00 41.87 ? 319 ARG A CA    1 
ATOM   1145 C C     . ARG A 1 179 ? -4.990  -12.980 2.004   1.00 42.38 ? 319 ARG A C     1 
ATOM   1146 O O     . ARG A 1 179 ? -4.673  -12.014 2.709   1.00 42.58 ? 319 ARG A O     1 
ATOM   1147 C CB    . ARG A 1 179 ? -7.490  -13.123 2.202   1.00 41.74 ? 319 ARG A CB    1 
ATOM   1148 N N     . GLN A 1 180 ? -4.318  -13.320 0.915   1.00 43.00 ? 320 GLN A N     1 
ATOM   1149 C CA    . GLN A 1 180 ? -3.165  -12.542 0.500   1.00 44.93 ? 320 GLN A CA    1 
ATOM   1150 C C     . GLN A 1 180 ? -3.133  -12.326 -0.990  1.00 44.68 ? 320 GLN A C     1 
ATOM   1151 O O     . GLN A 1 180 ? -3.568  -13.173 -1.767  1.00 45.66 ? 320 GLN A O     1 
ATOM   1152 C CB    . GLN A 1 180 ? -1.889  -13.239 0.946   1.00 47.20 ? 320 GLN A CB    1 
ATOM   1153 C CG    . GLN A 1 180 ? -1.888  -13.507 2.425   1.00 52.57 ? 320 GLN A CG    1 
ATOM   1154 C CD    . GLN A 1 180 ? -0.986  -14.638 2.794   1.00 54.70 ? 320 GLN A CD    1 
ATOM   1155 O OE1   . GLN A 1 180 ? -1.112  -15.214 3.877   1.00 57.74 ? 320 GLN A OE1   1 
ATOM   1156 N NE2   . GLN A 1 180 ? -0.056  -14.971 1.899   1.00 56.68 ? 320 GLN A NE2   1 
ATOM   1157 N N     . ILE A 1 181 ? -2.613  -11.178 -1.386  1.00 42.86 ? 321 ILE A N     1 
ATOM   1158 C CA    . ILE A 1 181 ? -2.531  -10.862 -2.789  1.00 40.62 ? 321 ILE A CA    1 
ATOM   1159 C C     . ILE A 1 181 ? -1.128  -10.416 -3.114  1.00 40.23 ? 321 ILE A C     1 
ATOM   1160 O O     . ILE A 1 181 ? -0.651  -9.405  -2.603  1.00 40.61 ? 321 ILE A O     1 
ATOM   1161 C CB    . ILE A 1 181 ? -3.525  -9.766  -3.144  1.00 39.50 ? 321 ILE A CB    1 
ATOM   1162 C CG1   . ILE A 1 181 ? -4.934  -10.224 -2.746  1.00 37.04 ? 321 ILE A CG1   1 
ATOM   1163 C CG2   . ILE A 1 181 ? -3.428  -9.452  -4.622  1.00 40.51 ? 321 ILE A CG2   1 
ATOM   1164 C CD1   . ILE A 1 181 ? -6.015  -9.212  -3.005  1.00 38.31 ? 321 ILE A CD1   1 
ATOM   1165 N N     . ALA A 1 182 ? -0.453  -11.199 -3.943  1.00 40.60 ? 322 ALA A N     1 
ATOM   1166 C CA    . ALA A 1 182 ? 0.901   -10.858 -4.341  1.00 40.82 ? 322 ALA A CA    1 
ATOM   1167 C C     . ALA A 1 182 ? 0.812   -9.675  -5.290  1.00 41.60 ? 322 ALA A C     1 
ATOM   1168 O O     . ALA A 1 182 ? -0.140  -9.551  -6.067  1.00 40.83 ? 322 ALA A O     1 
ATOM   1169 C CB    . ALA A 1 182 ? 1.573   -12.040 -5.034  1.00 38.68 ? 322 ALA A CB    1 
ATOM   1170 N N     . ILE A 1 183 ? 1.800   -8.793  -5.206  1.00 42.49 ? 323 ILE A N     1 
ATOM   1171 C CA    . ILE A 1 183 ? 1.841   -7.621  -6.063  1.00 43.22 ? 323 ILE A CA    1 
ATOM   1172 C C     . ILE A 1 183 ? 3.254   -7.454  -6.600  1.00 45.56 ? 323 ILE A C     1 
ATOM   1173 O O     . ILE A 1 183 ? 4.210   -7.372  -5.828  1.00 47.39 ? 323 ILE A O     1 
ATOM   1174 C CB    . ILE A 1 183 ? 1.411   -6.371  -5.292  1.00 39.56 ? 323 ILE A CB    1 
ATOM   1175 C CG1   . ILE A 1 183 ? -0.014  -6.573  -4.770  1.00 39.11 ? 323 ILE A CG1   1 
ATOM   1176 C CG2   . ILE A 1 183 ? 1.454   -5.164  -6.201  1.00 39.53 ? 323 ILE A CG2   1 
ATOM   1177 C CD1   . ILE A 1 183 ? -0.581  -5.385  -4.041  1.00 38.98 ? 323 ILE A CD1   1 
ATOM   1178 N N     . ASP A 1 184 ? 3.381   -7.418  -7.924  1.00 45.50 ? 324 ASP A N     1 
ATOM   1179 C CA    . ASP A 1 184 ? 4.687   -7.286  -8.562  1.00 46.37 ? 324 ASP A CA    1 
ATOM   1180 C C     . ASP A 1 184 ? 5.015   -5.858  -8.954  1.00 44.57 ? 324 ASP A C     1 
ATOM   1181 O O     . ASP A 1 184 ? 4.171   -4.965  -8.843  1.00 44.77 ? 324 ASP A O     1 
ATOM   1182 C CB    . ASP A 1 184 ? 4.770   -8.178  -9.809  1.00 49.66 ? 324 ASP A CB    1 
ATOM   1183 C CG    . ASP A 1 184 ? 3.439   -8.816  -10.162 1.00 54.67 ? 324 ASP A CG    1 
ATOM   1184 O OD1   . ASP A 1 184 ? 2.475   -8.083  -10.485 1.00 54.25 ? 324 ASP A OD1   1 
ATOM   1185 O OD2   . ASP A 1 184 ? 3.358   -10.060 -10.105 1.00 57.41 ? 324 ASP A OD2   1 
ATOM   1186 N N     . ALA A 1 185 ? 6.257   -5.662  -9.399  1.00 42.74 ? 325 ALA A N     1 
ATOM   1187 C CA    . ALA A 1 185 ? 6.737   -4.365  -9.842  1.00 40.13 ? 325 ALA A CA    1 
ATOM   1188 C C     . ALA A 1 185 ? 5.723   -3.857  -10.861 1.00 39.75 ? 325 ALA A C     1 
ATOM   1189 O O     . ALA A 1 185 ? 5.169   -4.637  -11.639 1.00 39.25 ? 325 ALA A O     1 
ATOM   1190 C CB    . ALA A 1 185 ? 8.101   -4.510  -10.478 1.00 39.85 ? 325 ALA A CB    1 
ATOM   1191 N N     . PRO A 1 186 ? 5.472   -2.538  -10.875 1.00 39.81 ? 326 PRO A N     1 
ATOM   1192 C CA    . PRO A 1 186 ? 4.514   -1.899  -11.788 1.00 38.96 ? 326 PRO A CA    1 
ATOM   1193 C C     . PRO A 1 186 ? 4.764   -2.122  -13.275 1.00 38.09 ? 326 PRO A C     1 
ATOM   1194 O O     . PRO A 1 186 ? 5.911   -2.322  -13.698 1.00 37.40 ? 326 PRO A O     1 
ATOM   1195 C CB    . PRO A 1 186 ? 4.598   -0.428  -11.388 1.00 39.95 ? 326 PRO A CB    1 
ATOM   1196 C CG    . PRO A 1 186 ? 6.029   -0.292  -10.935 1.00 39.78 ? 326 PRO A CG    1 
ATOM   1197 C CD    . PRO A 1 186 ? 6.227   -1.528  -10.110 1.00 38.57 ? 326 PRO A CD    1 
ATOM   1198 N N     . ASP A 1 187 ? 3.683   -2.090  -14.060 1.00 36.91 ? 327 ASP A N     1 
ATOM   1199 C CA    . ASP A 1 187 ? 3.771   -2.278  -15.511 1.00 36.55 ? 327 ASP A CA    1 
ATOM   1200 C C     . ASP A 1 187 ? 4.284   -0.999  -16.188 1.00 34.98 ? 327 ASP A C     1 
ATOM   1201 O O     . ASP A 1 187 ? 4.596   -0.019  -15.511 1.00 35.36 ? 327 ASP A O     1 
ATOM   1202 C CB    . ASP A 1 187 ? 2.406   -2.696  -16.099 1.00 37.98 ? 327 ASP A CB    1 
ATOM   1203 C CG    . ASP A 1 187 ? 1.378   -1.564  -16.109 1.00 43.28 ? 327 ASP A CG    1 
ATOM   1204 O OD1   . ASP A 1 187 ? 0.328   -1.731  -16.767 1.00 44.48 ? 327 ASP A OD1   1 
ATOM   1205 O OD2   . ASP A 1 187 ? 1.602   -0.512  -15.465 1.00 45.79 ? 327 ASP A OD2   1 
ATOM   1206 N N     . VAL A 1 188 ? 4.374   -1.000  -17.516 1.00 32.40 ? 328 VAL A N     1 
ATOM   1207 C CA    . VAL A 1 188 ? 4.885   0.177   -18.216 1.00 30.30 ? 328 VAL A CA    1 
ATOM   1208 C C     . VAL A 1 188 ? 4.147   1.467   -17.855 1.00 30.54 ? 328 VAL A C     1 
ATOM   1209 O O     . VAL A 1 188 ? 4.775   2.501   -17.639 1.00 29.65 ? 328 VAL A O     1 
ATOM   1210 C CB    . VAL A 1 188 ? 4.867   -0.017  -19.752 1.00 27.22 ? 328 VAL A CB    1 
ATOM   1211 C CG1   . VAL A 1 188 ? 3.457   0.139   -20.310 1.00 23.25 ? 328 VAL A CG1   1 
ATOM   1212 C CG2   . VAL A 1 188 ? 5.812   0.957   -20.381 1.00 23.84 ? 328 VAL A CG2   1 
ATOM   1213 N N     . LYS A 1 189 ? 2.820   1.411   -17.775 1.00 32.18 ? 329 LYS A N     1 
ATOM   1214 C CA    . LYS A 1 189 ? 2.037   2.594   -17.428 1.00 32.31 ? 329 LYS A CA    1 
ATOM   1215 C C     . LYS A 1 189 ? 2.301   3.002   -15.972 1.00 33.14 ? 329 LYS A C     1 
ATOM   1216 O O     . LYS A 1 189 ? 2.470   4.186   -15.659 1.00 33.60 ? 329 LYS A O     1 
ATOM   1217 C CB    . LYS A 1 189 ? 0.543   2.319   -17.639 1.00 31.06 ? 329 LYS A CB    1 
ATOM   1218 C CG    . LYS A 1 189 ? -0.361  3.529   -17.419 1.00 31.69 ? 329 LYS A CG    1 
ATOM   1219 C CD    . LYS A 1 189 ? 0.077   4.716   -18.270 1.00 32.89 ? 329 LYS A CD    1 
ATOM   1220 C CE    . LYS A 1 189 ? -0.847  5.919   -18.102 1.00 31.83 ? 329 LYS A CE    1 
ATOM   1221 N NZ    . LYS A 1 189 ? -0.325  7.118   -18.832 1.00 31.83 ? 329 LYS A NZ    1 
ATOM   1222 N N     . GLY A 1 190 ? 2.340   2.011   -15.086 1.00 32.22 ? 330 GLY A N     1 
ATOM   1223 C CA    . GLY A 1 190 ? 2.590   2.288   -13.687 1.00 29.54 ? 330 GLY A CA    1 
ATOM   1224 C C     . GLY A 1 190 ? 3.952   2.907   -13.477 1.00 30.55 ? 330 GLY A C     1 
ATOM   1225 O O     . GLY A 1 190 ? 4.126   3.716   -12.569 1.00 32.53 ? 330 GLY A O     1 
ATOM   1226 N N     . ARG A 1 191 ? 4.927   2.522   -14.300 1.00 30.98 ? 331 ARG A N     1 
ATOM   1227 C CA    . ARG A 1 191 ? 6.276   3.081   -14.187 1.00 30.44 ? 331 ARG A CA    1 
ATOM   1228 C C     . ARG A 1 191 ? 6.255   4.528   -14.671 1.00 30.19 ? 331 ARG A C     1 
ATOM   1229 O O     . ARG A 1 191 ? 6.824   5.414   -14.030 1.00 31.16 ? 331 ARG A O     1 
ATOM   1230 C CB    . ARG A 1 191 ? 7.292   2.264   -15.006 1.00 29.04 ? 331 ARG A CB    1 
ATOM   1231 C CG    . ARG A 1 191 ? 7.538   0.863   -14.463 1.00 26.67 ? 331 ARG A CG    1 
ATOM   1232 C CD    . ARG A 1 191 ? 8.877   0.276   -14.930 1.00 27.18 ? 331 ARG A CD    1 
ATOM   1233 N NE    . ARG A 1 191 ? 8.942   -0.026  -16.360 1.00 25.99 ? 331 ARG A NE    1 
ATOM   1234 C CZ    . ARG A 1 191 ? 8.322   -1.040  -16.956 1.00 24.57 ? 331 ARG A CZ    1 
ATOM   1235 N NH1   . ARG A 1 191 ? 7.570   -1.868  -16.254 1.00 28.06 ? 331 ARG A NH1   1 
ATOM   1236 N NH2   . ARG A 1 191 ? 8.463   -1.239  -18.260 1.00 26.16 ? 331 ARG A NH2   1 
ATOM   1237 N N     . GLU A 1 192 ? 5.584   4.763   -15.795 1.00 29.69 ? 332 GLU A N     1 
ATOM   1238 C CA    . GLU A 1 192 ? 5.469   6.105   -16.353 1.00 29.83 ? 332 GLU A CA    1 
ATOM   1239 C C     . GLU A 1 192 ? 4.837   7.064   -15.338 1.00 30.25 ? 332 GLU A C     1 
ATOM   1240 O O     . GLU A 1 192 ? 5.282   8.201   -15.175 1.00 28.30 ? 332 GLU A O     1 
ATOM   1241 C CB    . GLU A 1 192 ? 4.614   6.081   -17.623 1.00 30.58 ? 332 GLU A CB    1 
ATOM   1242 C CG    . GLU A 1 192 ? 4.582   7.414   -18.350 1.00 34.21 ? 332 GLU A CG    1 
ATOM   1243 C CD    . GLU A 1 192 ? 3.186   7.867   -18.714 1.00 36.34 ? 332 GLU A CD    1 
ATOM   1244 O OE1   . GLU A 1 192 ? 2.333   8.014   -17.811 1.00 37.38 ? 332 GLU A OE1   1 
ATOM   1245 O OE2   . GLU A 1 192 ? 2.942   8.090   -19.915 1.00 38.98 ? 332 GLU A OE2   1 
ATOM   1246 N N     . GLN A 1 193 ? 3.806   6.600   -14.643 1.00 31.44 ? 333 GLN A N     1 
ATOM   1247 C CA    . GLN A 1 193 ? 3.132   7.445   -13.666 1.00 34.60 ? 333 GLN A CA    1 
ATOM   1248 C C     . GLN A 1 193 ? 4.025   7.860   -12.507 1.00 32.52 ? 333 GLN A C     1 
ATOM   1249 O O     . GLN A 1 193 ? 3.947   8.989   -12.033 1.00 33.71 ? 333 GLN A O     1 
ATOM   1250 C CB    . GLN A 1 193 ? 1.880   6.746   -13.137 1.00 36.82 ? 333 GLN A CB    1 
ATOM   1251 C CG    . GLN A 1 193 ? 0.870   6.462   -14.221 1.00 45.04 ? 333 GLN A CG    1 
ATOM   1252 C CD    . GLN A 1 193 ? -0.422  5.908   -13.675 1.00 49.65 ? 333 GLN A CD    1 
ATOM   1253 O OE1   . GLN A 1 193 ? -0.436  4.868   -13.016 1.00 50.70 ? 333 GLN A OE1   1 
ATOM   1254 N NE2   . GLN A 1 193 ? -1.525  6.602   -13.950 1.00 51.68 ? 333 GLN A NE2   1 
ATOM   1255 N N     . ILE A 1 194 ? 4.877   6.956   -12.043 1.00 29.85 ? 334 ILE A N     1 
ATOM   1256 C CA    . ILE A 1 194 ? 5.755   7.297   -10.939 1.00 28.40 ? 334 ILE A CA    1 
ATOM   1257 C C     . ILE A 1 194 ? 6.808   8.280   -11.433 1.00 29.67 ? 334 ILE A C     1 
ATOM   1258 O O     . ILE A 1 194 ? 7.087   9.284   -10.773 1.00 29.78 ? 334 ILE A O     1 
ATOM   1259 C CB    . ILE A 1 194 ? 6.437   6.051   -10.366 1.00 26.17 ? 334 ILE A CB    1 
ATOM   1260 C CG1   . ILE A 1 194 ? 5.380   5.000   -10.013 1.00 24.80 ? 334 ILE A CG1   1 
ATOM   1261 C CG2   . ILE A 1 194 ? 7.227   6.424   -9.131  1.00 24.45 ? 334 ILE A CG2   1 
ATOM   1262 C CD1   . ILE A 1 194 ? 5.944   3.715   -9.477  1.00 25.61 ? 334 ILE A CD1   1 
ATOM   1263 N N     . LEU A 1 195 ? 7.375   7.994   -12.605 1.00 29.04 ? 335 LEU A N     1 
ATOM   1264 C CA    . LEU A 1 195 ? 8.386   8.864   -13.190 1.00 29.09 ? 335 LEU A CA    1 
ATOM   1265 C C     . LEU A 1 195 ? 7.820   10.263  -13.360 1.00 30.78 ? 335 LEU A C     1 
ATOM   1266 O O     . LEU A 1 195 ? 8.487   11.240  -13.029 1.00 30.57 ? 335 LEU A O     1 
ATOM   1267 C CB    . LEU A 1 195 ? 8.865   8.324   -14.545 1.00 25.51 ? 335 LEU A CB    1 
ATOM   1268 C CG    . LEU A 1 195 ? 9.889   7.174   -14.540 1.00 23.00 ? 335 LEU A CG    1 
ATOM   1269 C CD1   . LEU A 1 195 ? 10.122  6.673   -15.960 1.00 19.24 ? 335 LEU A CD1   1 
ATOM   1270 C CD2   . LEU A 1 195 ? 11.203  7.646   -13.930 1.00 19.05 ? 335 LEU A CD2   1 
ATOM   1271 N N     . ARG A 1 196 ? 6.589   10.356  -13.861 1.00 33.13 ? 336 ARG A N     1 
ATOM   1272 C CA    . ARG A 1 196 ? 5.933   11.649  -14.070 1.00 35.67 ? 336 ARG A CA    1 
ATOM   1273 C C     . ARG A 1 196 ? 5.750   12.423  -12.768 1.00 36.60 ? 336 ARG A C     1 
ATOM   1274 O O     . ARG A 1 196 ? 5.935   13.643  -12.737 1.00 38.08 ? 336 ARG A O     1 
ATOM   1275 C CB    . ARG A 1 196 ? 4.570   11.468  -14.744 1.00 38.65 ? 336 ARG A CB    1 
ATOM   1276 C CG    . ARG A 1 196 ? 4.636   11.245  -16.253 1.00 40.58 ? 336 ARG A CG    1 
ATOM   1277 C CD    . ARG A 1 196 ? 4.436   12.540  -17.037 1.00 43.59 ? 336 ARG A CD    1 
ATOM   1278 N NE    . ARG A 1 196 ? 4.959   12.458  -18.404 1.00 48.85 ? 336 ARG A NE    1 
ATOM   1279 C CZ    . ARG A 1 196 ? 4.699   11.471  -19.262 1.00 50.12 ? 336 ARG A CZ    1 
ATOM   1280 N NH1   . ARG A 1 196 ? 3.915   10.463  -18.897 1.00 51.25 ? 336 ARG A NH1   1 
ATOM   1281 N NH2   . ARG A 1 196 ? 5.230   11.486  -20.485 1.00 47.83 ? 336 ARG A NH2   1 
ATOM   1282 N N     . ILE A 1 197 ? 5.391   11.728  -11.696 1.00 35.49 ? 337 ILE A N     1 
ATOM   1283 C CA    . ILE A 1 197 ? 5.206   12.401  -10.422 1.00 36.31 ? 337 ILE A CA    1 
ATOM   1284 C C     . ILE A 1 197 ? 6.544   12.948  -9.934  1.00 37.61 ? 337 ILE A C     1 
ATOM   1285 O O     . ILE A 1 197 ? 6.689   14.141  -9.692  1.00 38.90 ? 337 ILE A O     1 
ATOM   1286 C CB    . ILE A 1 197 ? 4.693   11.454  -9.338  1.00 38.01 ? 337 ILE A CB    1 
ATOM   1287 C CG1   . ILE A 1 197 ? 3.378   10.807  -9.757  1.00 36.63 ? 337 ILE A CG1   1 
ATOM   1288 C CG2   . ILE A 1 197 ? 4.503   12.228  -8.054  1.00 40.02 ? 337 ILE A CG2   1 
ATOM   1289 C CD1   . ILE A 1 197 ? 2.963   9.687   -8.835  1.00 36.50 ? 337 ILE A CD1   1 
ATOM   1290 N N     . HIS A 1 198 ? 7.519   12.056  -9.787  1.00 39.65 ? 338 HIS A N     1 
ATOM   1291 C CA    . HIS A 1 198 ? 8.851   12.425  -9.320  1.00 39.20 ? 338 HIS A CA    1 
ATOM   1292 C C     . HIS A 1 198 ? 9.600   13.350  -10.253 1.00 36.85 ? 338 HIS A C     1 
ATOM   1293 O O     . HIS A 1 198 ? 10.529  14.031  -9.835  1.00 36.69 ? 338 HIS A O     1 
ATOM   1294 C CB    . HIS A 1 198 ? 9.674   11.165  -9.049  1.00 40.60 ? 338 HIS A CB    1 
ATOM   1295 C CG    . HIS A 1 198 ? 9.168   10.375  -7.884  1.00 45.53 ? 338 HIS A CG    1 
ATOM   1296 N ND1   . HIS A 1 198 ? 9.138   10.884  -6.602  1.00 45.83 ? 338 HIS A ND1   1 
ATOM   1297 C CD2   . HIS A 1 198 ? 8.602   9.147   -7.814  1.00 47.99 ? 338 HIS A CD2   1 
ATOM   1298 C CE1   . HIS A 1 198 ? 8.571   10.005  -5.796  1.00 47.17 ? 338 HIS A CE1   1 
ATOM   1299 N NE2   . HIS A 1 198 ? 8.237   8.942   -6.505  1.00 48.18 ? 338 HIS A NE2   1 
ATOM   1300 N N     . ALA A 1 199 ? 9.205   13.382  -11.518 1.00 36.87 ? 339 ALA A N     1 
ATOM   1301 C CA    . ALA A 1 199 ? 9.863   14.266  -12.465 1.00 38.86 ? 339 ALA A CA    1 
ATOM   1302 C C     . ALA A 1 199 ? 9.421   15.690  -12.163 1.00 39.47 ? 339 ALA A C     1 
ATOM   1303 O O     . ALA A 1 199 ? 10.067  16.647  -12.579 1.00 39.87 ? 339 ALA A O     1 
ATOM   1304 C CB    . ALA A 1 199 ? 9.492   13.894  -13.891 1.00 37.81 ? 339 ALA A CB    1 
ATOM   1305 N N     . ARG A 1 200 ? 8.318   15.822  -11.429 1.00 40.51 ? 340 ARG A N     1 
ATOM   1306 C CA    . ARG A 1 200 ? 7.788   17.139  -11.079 1.00 42.49 ? 340 ARG A CA    1 
ATOM   1307 C C     . ARG A 1 200 ? 8.763   17.858  -10.163 1.00 42.79 ? 340 ARG A C     1 
ATOM   1308 O O     . ARG A 1 200 ? 9.056   17.379  -9.071  1.00 43.21 ? 340 ARG A O     1 
ATOM   1309 C CB    . ARG A 1 200 ? 6.417   16.998  -10.395 1.00 41.95 ? 340 ARG A CB    1 
ATOM   1310 N N     . GLY A 1 201 ? 9.261   19.006  -10.612 1.00 43.62 ? 341 GLY A N     1 
ATOM   1311 C CA    . GLY A 1 201 ? 10.215  19.757  -9.818  1.00 44.20 ? 341 GLY A CA    1 
ATOM   1312 C C     . GLY A 1 201 ? 11.595  19.723  -10.449 1.00 46.84 ? 341 GLY A C     1 
ATOM   1313 O O     . GLY A 1 201 ? 12.528  20.379  -9.982  1.00 49.53 ? 341 GLY A O     1 
ATOM   1314 N N     . LYS A 1 202 ? 11.727  18.948  -11.519 1.00 46.93 ? 342 LYS A N     1 
ATOM   1315 C CA    . LYS A 1 202 ? 12.990  18.828  -12.233 1.00 45.65 ? 342 LYS A CA    1 
ATOM   1316 C C     . LYS A 1 202 ? 12.894  19.477  -13.611 1.00 44.20 ? 342 LYS A C     1 
ATOM   1317 O O     . LYS A 1 202 ? 11.869  19.375  -14.285 1.00 44.86 ? 342 LYS A O     1 
ATOM   1318 C CB    . LYS A 1 202 ? 13.374  17.350  -12.370 1.00 47.43 ? 342 LYS A CB    1 
ATOM   1319 C CG    . LYS A 1 202 ? 13.559  16.657  -11.026 1.00 45.15 ? 342 LYS A CG    1 
ATOM   1320 C CD    . LYS A 1 202 ? 14.192  15.286  -11.163 1.00 45.32 ? 342 LYS A CD    1 
ATOM   1321 C CE    . LYS A 1 202 ? 14.832  14.856  -9.852  1.00 43.42 ? 342 LYS A CE    1 
ATOM   1322 N NZ    . LYS A 1 202 ? 13.885  14.946  -8.710  1.00 41.36 ? 342 LYS A NZ    1 
ATOM   1323 N N     . PRO A 1 203 ? 13.963  20.171  -14.034 1.00 42.28 ? 343 PRO A N     1 
ATOM   1324 C CA    . PRO A 1 203 ? 14.062  20.864  -15.322 1.00 39.94 ? 343 PRO A CA    1 
ATOM   1325 C C     . PRO A 1 203 ? 14.414  19.877  -16.414 1.00 38.63 ? 343 PRO A C     1 
ATOM   1326 O O     . PRO A 1 203 ? 15.582  19.688  -16.739 1.00 39.36 ? 343 PRO A O     1 
ATOM   1327 C CB    . PRO A 1 203 ? 15.199  21.862  -15.105 1.00 41.76 ? 343 PRO A CB    1 
ATOM   1328 C CG    . PRO A 1 203 ? 15.375  21.916  -13.607 1.00 44.01 ? 343 PRO A CG    1 
ATOM   1329 C CD    . PRO A 1 203 ? 15.115  20.511  -13.188 1.00 42.91 ? 343 PRO A CD    1 
ATOM   1330 N N     . LEU A 1 204 ? 13.407  19.242  -16.988 1.00 36.87 ? 344 LEU A N     1 
ATOM   1331 C CA    . LEU A 1 204 ? 13.671  18.277  -18.031 1.00 35.62 ? 344 LEU A CA    1 
ATOM   1332 C C     . LEU A 1 204 ? 13.983  19.016  -19.322 1.00 35.88 ? 344 LEU A C     1 
ATOM   1333 O O     . LEU A 1 204 ? 13.551  20.147  -19.516 1.00 37.11 ? 344 LEU A O     1 
ATOM   1334 C CB    . LEU A 1 204 ? 12.466  17.342  -18.186 1.00 32.49 ? 344 LEU A CB    1 
ATOM   1335 C CG    . LEU A 1 204 ? 12.172  16.501  -16.928 1.00 28.87 ? 344 LEU A CG    1 
ATOM   1336 C CD1   . LEU A 1 204 ? 10.906  15.688  -17.118 1.00 25.03 ? 344 LEU A CD1   1 
ATOM   1337 C CD2   . LEU A 1 204 ? 13.365  15.584  -16.628 1.00 26.53 ? 344 LEU A CD2   1 
ATOM   1338 N N     . ALA A 1 205 ? 14.780  18.398  -20.181 1.00 35.30 ? 345 ALA A N     1 
ATOM   1339 C CA    . ALA A 1 205 ? 15.126  19.009  -21.450 1.00 34.33 ? 345 ALA A CA    1 
ATOM   1340 C C     . ALA A 1 205 ? 14.075  18.549  -22.457 1.00 36.51 ? 345 ALA A C     1 
ATOM   1341 O O     . ALA A 1 205 ? 13.211  17.732  -22.137 1.00 37.24 ? 345 ALA A O     1 
ATOM   1342 C CB    . ALA A 1 205 ? 16.520  18.570  -21.883 1.00 32.46 ? 345 ALA A CB    1 
ATOM   1343 N N     . GLU A 1 206 ? 14.148  19.066  -23.675 1.00 37.28 ? 346 GLU A N     1 
ATOM   1344 C CA    . GLU A 1 206 ? 13.181  18.711  -24.698 1.00 34.07 ? 346 GLU A CA    1 
ATOM   1345 C C     . GLU A 1 206 ? 13.308  17.255  -25.163 1.00 33.60 ? 346 GLU A C     1 
ATOM   1346 O O     . GLU A 1 206 ? 12.303  16.618  -25.487 1.00 33.89 ? 346 GLU A O     1 
ATOM   1347 C CB    . GLU A 1 206 ? 13.320  19.667  -25.884 1.00 36.13 ? 346 GLU A CB    1 
ATOM   1348 N N     . ASP A 1 207 ? 14.534  16.728  -25.188 1.00 32.18 ? 347 ASP A N     1 
ATOM   1349 C CA    . ASP A 1 207 ? 14.756  15.355  -25.636 1.00 30.19 ? 347 ASP A CA    1 
ATOM   1350 C C     . ASP A 1 207 ? 14.258  14.282  -24.662 1.00 31.07 ? 347 ASP A C     1 
ATOM   1351 O O     . ASP A 1 207 ? 14.188  13.105  -25.015 1.00 31.58 ? 347 ASP A O     1 
ATOM   1352 C CB    . ASP A 1 207 ? 16.239  15.118  -25.932 1.00 28.55 ? 347 ASP A CB    1 
ATOM   1353 C CG    . ASP A 1 207 ? 17.129  15.357  -24.725 1.00 32.54 ? 347 ASP A CG    1 
ATOM   1354 O OD1   . ASP A 1 207 ? 16.748  14.962  -23.608 1.00 36.13 ? 347 ASP A OD1   1 
ATOM   1355 O OD2   . ASP A 1 207 ? 18.228  15.926  -24.885 1.00 33.68 ? 347 ASP A OD2   1 
ATOM   1356 N N     . VAL A 1 208 ? 13.898  14.681  -23.446 1.00 29.73 ? 348 VAL A N     1 
ATOM   1357 C CA    . VAL A 1 208 ? 13.436  13.718  -22.455 1.00 29.81 ? 348 VAL A CA    1 
ATOM   1358 C C     . VAL A 1 208 ? 12.113  13.080  -22.839 1.00 30.35 ? 348 VAL A C     1 
ATOM   1359 O O     . VAL A 1 208 ? 11.116  13.771  -23.038 1.00 34.79 ? 348 VAL A O     1 
ATOM   1360 C CB    . VAL A 1 208 ? 13.273  14.370  -21.071 1.00 30.33 ? 348 VAL A CB    1 
ATOM   1361 C CG1   . VAL A 1 208 ? 12.749  13.351  -20.077 1.00 30.03 ? 348 VAL A CG1   1 
ATOM   1362 C CG2   . VAL A 1 208 ? 14.598  14.919  -20.600 1.00 30.32 ? 348 VAL A CG2   1 
ATOM   1363 N N     . ASP A 1 209 ? 12.111  11.752  -22.924 1.00 28.79 ? 349 ASP A N     1 
ATOM   1364 C CA    . ASP A 1 209 ? 10.918  10.981  -23.279 1.00 24.86 ? 349 ASP A CA    1 
ATOM   1365 C C     . ASP A 1 209 ? 10.593  10.050  -22.095 1.00 24.63 ? 349 ASP A C     1 
ATOM   1366 O O     . ASP A 1 209 ? 11.089  8.920   -22.007 1.00 24.83 ? 349 ASP A O     1 
ATOM   1367 C CB    . ASP A 1 209 ? 11.218  10.192  -24.558 1.00 24.15 ? 349 ASP A CB    1 
ATOM   1368 C CG    . ASP A 1 209 ? 10.014  9.448   -25.101 1.00 26.15 ? 349 ASP A CG    1 
ATOM   1369 O OD1   . ASP A 1 209 ? 10.095  9.005   -26.278 1.00 26.57 ? 349 ASP A OD1   1 
ATOM   1370 O OD2   . ASP A 1 209 ? 9.008   9.292   -24.369 1.00 26.70 ? 349 ASP A OD2   1 
ATOM   1371 N N     . LEU A 1 210 ? 9.770   10.540  -21.172 1.00 19.82 ? 350 LEU A N     1 
ATOM   1372 C CA    . LEU A 1 210 ? 9.421   9.759   -19.999 1.00 17.73 ? 350 LEU A CA    1 
ATOM   1373 C C     . LEU A 1 210 ? 8.688   8.457   -20.306 1.00 18.45 ? 350 LEU A C     1 
ATOM   1374 O O     . LEU A 1 210 ? 8.752   7.503   -19.532 1.00 18.36 ? 350 LEU A O     1 
ATOM   1375 C CB    . LEU A 1 210 ? 8.616   10.619  -19.036 1.00 16.94 ? 350 LEU A CB    1 
ATOM   1376 C CG    . LEU A 1 210 ? 9.334   11.154  -17.784 1.00 18.68 ? 350 LEU A CG    1 
ATOM   1377 C CD1   . LEU A 1 210 ? 10.727  11.661  -18.105 1.00 13.57 ? 350 LEU A CD1   1 
ATOM   1378 C CD2   . LEU A 1 210 ? 8.477   12.259  -17.168 1.00 15.36 ? 350 LEU A CD2   1 
ATOM   1379 N N     . ALA A 1 211 ? 8.001   8.405   -21.439 1.00 19.30 ? 351 ALA A N     1 
ATOM   1380 C CA    . ALA A 1 211 ? 7.297   7.190   -21.821 1.00 18.85 ? 351 ALA A CA    1 
ATOM   1381 C C     . ALA A 1 211 ? 8.343   6.151   -22.163 1.00 20.64 ? 351 ALA A C     1 
ATOM   1382 O O     . ALA A 1 211 ? 8.209   4.971   -21.829 1.00 21.58 ? 351 ALA A O     1 
ATOM   1383 C CB    . ALA A 1 211 ? 6.415   7.444   -23.028 1.00 17.19 ? 351 ALA A CB    1 
ATOM   1384 N N     . LEU A 1 212 ? 9.397   6.599   -22.836 1.00 22.47 ? 352 LEU A N     1 
ATOM   1385 C CA    . LEU A 1 212 ? 10.461  5.700   -23.239 1.00 23.28 ? 352 LEU A CA    1 
ATOM   1386 C C     . LEU A 1 212 ? 11.225  5.202   -22.031 1.00 23.98 ? 352 LEU A C     1 
ATOM   1387 O O     . LEU A 1 212 ? 11.611  4.033   -21.989 1.00 24.01 ? 352 LEU A O     1 
ATOM   1388 C CB    . LEU A 1 212 ? 11.413  6.396   -24.207 1.00 23.53 ? 352 LEU A CB    1 
ATOM   1389 C CG    . LEU A 1 212 ? 12.526  5.526   -24.804 1.00 24.74 ? 352 LEU A CG    1 
ATOM   1390 C CD1   . LEU A 1 212 ? 11.938  4.526   -25.784 1.00 20.37 ? 352 LEU A CD1   1 
ATOM   1391 C CD2   . LEU A 1 212 ? 13.532  6.421   -25.506 1.00 20.21 ? 352 LEU A CD2   1 
ATOM   1392 N N     . LEU A 1 213 ? 11.452  6.082   -21.054 1.00 25.54 ? 353 LEU A N     1 
ATOM   1393 C CA    . LEU A 1 213 ? 12.174  5.692   -19.840 1.00 25.32 ? 353 LEU A CA    1 
ATOM   1394 C C     . LEU A 1 213 ? 11.356  4.603   -19.184 1.00 24.58 ? 353 LEU A C     1 
ATOM   1395 O O     . LEU A 1 213 ? 11.899  3.673   -18.608 1.00 23.90 ? 353 LEU A O     1 
ATOM   1396 C CB    . LEU A 1 213 ? 12.310  6.863   -18.858 1.00 24.28 ? 353 LEU A CB    1 
ATOM   1397 C CG    . LEU A 1 213 ? 13.692  7.060   -18.213 1.00 23.49 ? 353 LEU A CG    1 
ATOM   1398 C CD1   . LEU A 1 213 ? 13.568  8.050   -17.062 1.00 25.28 ? 353 LEU A CD1   1 
ATOM   1399 C CD2   . LEU A 1 213 ? 14.265  5.739   -17.725 1.00 20.33 ? 353 LEU A CD2   1 
ATOM   1400 N N     . ALA A 1 214 ? 10.037  4.750   -19.283 1.00 26.42 ? 354 ALA A N     1 
ATOM   1401 C CA    . ALA A 1 214 ? 9.089   3.795   -18.726 1.00 28.31 ? 354 ALA A CA    1 
ATOM   1402 C C     . ALA A 1 214 ? 9.220   2.447   -19.437 1.00 29.15 ? 354 ALA A C     1 
ATOM   1403 O O     . ALA A 1 214 ? 9.167   1.402   -18.798 1.00 31.73 ? 354 ALA A O     1 
ATOM   1404 C CB    . ALA A 1 214 ? 7.666   4.330   -18.864 1.00 24.39 ? 354 ALA A CB    1 
ATOM   1405 N N     . LYS A 1 215 ? 9.409   2.475   -20.755 1.00 30.90 ? 355 LYS A N     1 
ATOM   1406 C CA    . LYS A 1 215 ? 9.553   1.252   -21.550 1.00 32.09 ? 355 LYS A CA    1 
ATOM   1407 C C     . LYS A 1 215 ? 10.849  0.489   -21.313 1.00 33.35 ? 355 LYS A C     1 
ATOM   1408 O O     . LYS A 1 215 ? 10.872  -0.739  -21.379 1.00 35.57 ? 355 LYS A O     1 
ATOM   1409 C CB    . LYS A 1 215 ? 9.490   1.564   -23.043 1.00 28.86 ? 355 LYS A CB    1 
ATOM   1410 C CG    . LYS A 1 215 ? 8.132   1.917   -23.592 1.00 32.67 ? 355 LYS A CG    1 
ATOM   1411 C CD    . LYS A 1 215 ? 8.259   2.270   -25.075 1.00 34.05 ? 355 LYS A CD    1 
ATOM   1412 C CE    . LYS A 1 215 ? 8.929   1.148   -25.869 1.00 33.79 ? 355 LYS A CE    1 
ATOM   1413 N NZ    . LYS A 1 215 ? 8.062   -0.064  -26.013 1.00 35.12 ? 355 LYS A NZ    1 
ATOM   1414 N N     . ARG A 1 216 ? 11.928  1.208   -21.048 1.00 34.45 ? 356 ARG A N     1 
ATOM   1415 C CA    . ARG A 1 216 ? 13.210  0.554   -20.864 1.00 35.96 ? 356 ARG A CA    1 
ATOM   1416 C C     . ARG A 1 216 ? 13.700  0.366   -19.434 1.00 35.57 ? 356 ARG A C     1 
ATOM   1417 O O     . ARG A 1 216 ? 14.906  0.242   -19.192 1.00 36.44 ? 356 ARG A O     1 
ATOM   1418 C CB    . ARG A 1 216 ? 14.262  1.276   -21.711 1.00 38.98 ? 356 ARG A CB    1 
ATOM   1419 C CG    . ARG A 1 216 ? 13.836  1.394   -23.170 1.00 40.75 ? 356 ARG A CG    1 
ATOM   1420 C CD    . ARG A 1 216 ? 14.952  1.873   -24.075 1.00 42.75 ? 356 ARG A CD    1 
ATOM   1421 N NE    . ARG A 1 216 ? 15.974  0.853   -24.285 1.00 42.01 ? 356 ARG A NE    1 
ATOM   1422 C CZ    . ARG A 1 216 ? 16.827  0.865   -25.305 1.00 41.93 ? 356 ARG A CZ    1 
ATOM   1423 N NH1   . ARG A 1 216 ? 16.763  1.847   -26.197 1.00 42.75 ? 356 ARG A NH1   1 
ATOM   1424 N NH2   . ARG A 1 216 ? 17.737  -0.098  -25.432 1.00 38.96 ? 356 ARG A NH2   1 
ATOM   1425 N N     . THR A 1 217 ? 12.763  0.337   -18.491 1.00 31.71 ? 357 THR A N     1 
ATOM   1426 C CA    . THR A 1 217 ? 13.113  0.102   -17.097 1.00 29.39 ? 357 THR A CA    1 
ATOM   1427 C C     . THR A 1 217 ? 12.201  -0.993  -16.542 1.00 31.83 ? 357 THR A C     1 
ATOM   1428 O O     . THR A 1 217 ? 11.675  -0.874  -15.434 1.00 32.23 ? 357 THR A O     1 
ATOM   1429 C CB    . THR A 1 217 ? 12.957  1.359   -16.224 1.00 25.99 ? 357 THR A CB    1 
ATOM   1430 O OG1   . THR A 1 217 ? 11.633  1.873   -16.370 1.00 26.55 ? 357 THR A OG1   1 
ATOM   1431 C CG2   . THR A 1 217 ? 13.965  2.422   -16.609 1.00 20.95 ? 357 THR A CG2   1 
ATOM   1432 N N     . PRO A 1 218 ? 11.989  -2.076  -17.315 1.00 32.96 ? 358 PRO A N     1 
ATOM   1433 C CA    . PRO A 1 218 ? 11.124  -3.136  -16.795 1.00 33.25 ? 358 PRO A CA    1 
ATOM   1434 C C     . PRO A 1 218 ? 11.741  -3.734  -15.529 1.00 34.07 ? 358 PRO A C     1 
ATOM   1435 O O     . PRO A 1 218 ? 12.947  -3.967  -15.465 1.00 34.38 ? 358 PRO A O     1 
ATOM   1436 C CB    . PRO A 1 218 ? 11.070  -4.129  -17.956 1.00 31.09 ? 358 PRO A CB    1 
ATOM   1437 C CG    . PRO A 1 218 ? 12.402  -3.976  -18.587 1.00 32.18 ? 358 PRO A CG    1 
ATOM   1438 C CD    . PRO A 1 218 ? 12.591  -2.481  -18.600 1.00 32.53 ? 358 PRO A CD    1 
ATOM   1439 N N     . GLY A 1 219 ? 10.915  -3.964  -14.516 1.00 35.56 ? 359 GLY A N     1 
ATOM   1440 C CA    . GLY A 1 219 ? 11.421  -4.526  -13.279 1.00 34.84 ? 359 GLY A CA    1 
ATOM   1441 C C     . GLY A 1 219 ? 11.656  -3.475  -12.216 1.00 35.03 ? 359 GLY A C     1 
ATOM   1442 O O     . GLY A 1 219 ? 11.614  -3.765  -11.026 1.00 38.95 ? 359 GLY A O     1 
ATOM   1443 N N     . PHE A 1 220 ? 11.909  -2.246  -12.638 1.00 33.82 ? 360 PHE A N     1 
ATOM   1444 C CA    . PHE A 1 220 ? 12.139  -1.164  -11.693 1.00 32.13 ? 360 PHE A CA    1 
ATOM   1445 C C     . PHE A 1 220 ? 10.947  -0.966  -10.751 1.00 32.93 ? 360 PHE A C     1 
ATOM   1446 O O     . PHE A 1 220 ? 9.797   -1.246  -11.102 1.00 32.84 ? 360 PHE A O     1 
ATOM   1447 C CB    . PHE A 1 220 ? 12.434  0.132   -12.450 1.00 29.46 ? 360 PHE A CB    1 
ATOM   1448 C CG    . PHE A 1 220 ? 13.829  0.208   -12.991 1.00 26.70 ? 360 PHE A CG    1 
ATOM   1449 C CD1   . PHE A 1 220 ? 14.339  -0.814  -13.789 1.00 25.13 ? 360 PHE A CD1   1 
ATOM   1450 C CD2   . PHE A 1 220 ? 14.643  1.296   -12.691 1.00 27.72 ? 360 PHE A CD2   1 
ATOM   1451 C CE1   . PHE A 1 220 ? 15.637  -0.754  -14.276 1.00 22.39 ? 360 PHE A CE1   1 
ATOM   1452 C CE2   . PHE A 1 220 ? 15.944  1.367   -13.173 1.00 23.84 ? 360 PHE A CE2   1 
ATOM   1453 C CZ    . PHE A 1 220 ? 16.441  0.337   -13.967 1.00 24.04 ? 360 PHE A CZ    1 
ATOM   1454 N N     . VAL A 1 221 ? 11.246  -0.488  -9.549  1.00 32.55 ? 361 VAL A N     1 
ATOM   1455 C CA    . VAL A 1 221 ? 10.248  -0.240  -8.517  1.00 29.89 ? 361 VAL A CA    1 
ATOM   1456 C C     . VAL A 1 221 ? 10.391  1.218   -8.083  1.00 32.06 ? 361 VAL A C     1 
ATOM   1457 O O     . VAL A 1 221 ? 11.403  1.871   -8.388  1.00 29.69 ? 361 VAL A O     1 
ATOM   1458 C CB    . VAL A 1 221 ? 10.476  -1.169  -7.290  1.00 28.63 ? 361 VAL A CB    1 
ATOM   1459 C CG1   . VAL A 1 221 ? 10.515  -2.616  -7.738  1.00 25.69 ? 361 VAL A CG1   1 
ATOM   1460 C CG2   . VAL A 1 221 ? 11.785  -0.805  -6.588  1.00 25.32 ? 361 VAL A CG2   1 
ATOM   1461 N N     . GLY A 1 222 ? 9.383   1.717   -7.373  1.00 32.43 ? 362 GLY A N     1 
ATOM   1462 C CA    . GLY A 1 222 ? 9.395   3.095   -6.909  1.00 35.29 ? 362 GLY A CA    1 
ATOM   1463 C C     . GLY A 1 222 ? 10.756  3.687   -6.576  1.00 36.63 ? 362 GLY A C     1 
ATOM   1464 O O     . GLY A 1 222 ? 11.089  4.789   -7.014  1.00 36.71 ? 362 GLY A O     1 
ATOM   1465 N N     . ALA A 1 223 ? 11.551  2.957   -5.805  1.00 38.34 ? 363 ALA A N     1 
ATOM   1466 C CA    . ALA A 1 223 ? 12.873  3.440   -5.409  1.00 39.41 ? 363 ALA A CA    1 
ATOM   1467 C C     . ALA A 1 223 ? 13.841  3.563   -6.578  1.00 38.58 ? 363 ALA A C     1 
ATOM   1468 O O     . ALA A 1 223 ? 14.525  4.576   -6.711  1.00 38.37 ? 363 ALA A O     1 
ATOM   1469 C CB    . ALA A 1 223 ? 13.460  2.525   -4.340  1.00 41.97 ? 363 ALA A CB    1 
ATOM   1470 N N     . ASP A 1 224 ? 13.905  2.533   -7.419  1.00 37.82 ? 364 ASP A N     1 
ATOM   1471 C CA    . ASP A 1 224 ? 14.798  2.551   -8.570  1.00 36.28 ? 364 ASP A CA    1 
ATOM   1472 C C     . ASP A 1 224 ? 14.539  3.801   -9.414  1.00 35.51 ? 364 ASP A C     1 
ATOM   1473 O O     . ASP A 1 224 ? 15.475  4.456   -9.867  1.00 36.07 ? 364 ASP A O     1 
ATOM   1474 C CB    . ASP A 1 224 ? 14.591  1.304   -9.435  1.00 37.82 ? 364 ASP A CB    1 
ATOM   1475 C CG    . ASP A 1 224 ? 14.662  0.008   -8.635  1.00 42.74 ? 364 ASP A CG    1 
ATOM   1476 O OD1   . ASP A 1 224 ? 15.652  -0.194  -7.906  1.00 45.06 ? 364 ASP A OD1   1 
ATOM   1477 O OD2   . ASP A 1 224 ? 13.733  -0.823  -8.743  1.00 45.88 ? 364 ASP A OD2   1 
ATOM   1478 N N     . LEU A 1 225 ? 13.266  4.135   -9.611  1.00 32.90 ? 365 LEU A N     1 
ATOM   1479 C CA    . LEU A 1 225 ? 12.904  5.296   -10.418 1.00 31.34 ? 365 LEU A CA    1 
ATOM   1480 C C     . LEU A 1 225 ? 13.099  6.618   -9.695  1.00 31.78 ? 365 LEU A C     1 
ATOM   1481 O O     . LEU A 1 225 ? 13.651  7.560   -10.258 1.00 33.36 ? 365 LEU A O     1 
ATOM   1482 C CB    . LEU A 1 225 ? 11.457  5.177   -10.882 1.00 29.88 ? 365 LEU A CB    1 
ATOM   1483 C CG    . LEU A 1 225 ? 11.166  3.888   -11.641 1.00 27.81 ? 365 LEU A CG    1 
ATOM   1484 C CD1   . LEU A 1 225 ? 9.681   3.745   -11.763 1.00 27.54 ? 365 LEU A CD1   1 
ATOM   1485 C CD2   . LEU A 1 225 ? 11.842  3.885   -13.011 1.00 27.27 ? 365 LEU A CD2   1 
ATOM   1486 N N     . GLU A 1 226 ? 12.634  6.707   -8.457  1.00 31.67 ? 366 GLU A N     1 
ATOM   1487 C CA    . GLU A 1 226 ? 12.809  7.939   -7.709  1.00 34.47 ? 366 GLU A CA    1 
ATOM   1488 C C     . GLU A 1 226 ? 14.305  8.278   -7.653  1.00 37.04 ? 366 GLU A C     1 
ATOM   1489 O O     . GLU A 1 226 ? 14.692  9.439   -7.782  1.00 38.36 ? 366 GLU A O     1 
ATOM   1490 C CB    . GLU A 1 226 ? 12.244  7.790   -6.305  1.00 33.70 ? 366 GLU A CB    1 
ATOM   1491 N N     . ASN A 1 227 ? 15.146  7.263   -7.483  1.00 38.96 ? 367 ASN A N     1 
ATOM   1492 C CA    . ASN A 1 227 ? 16.586  7.482   -7.416  1.00 40.72 ? 367 ASN A CA    1 
ATOM   1493 C C     . ASN A 1 227 ? 17.197  7.892   -8.747  1.00 39.86 ? 367 ASN A C     1 
ATOM   1494 O O     . ASN A 1 227 ? 17.923  8.886   -8.826  1.00 38.80 ? 367 ASN A O     1 
ATOM   1495 C CB    . ASN A 1 227 ? 17.291  6.227   -6.896  1.00 45.05 ? 367 ASN A CB    1 
ATOM   1496 C CG    . ASN A 1 227 ? 17.245  6.124   -5.386  1.00 50.07 ? 367 ASN A CG    1 
ATOM   1497 O OD1   . ASN A 1 227 ? 16.268  5.643   -4.808  1.00 54.66 ? 367 ASN A OD1   1 
ATOM   1498 N ND2   . ASN A 1 227 ? 18.299  6.601   -4.733  1.00 51.08 ? 367 ASN A ND2   1 
ATOM   1499 N N     . LEU A 1 228 ? 16.911  7.102   -9.778  1.00 39.73 ? 368 LEU A N     1 
ATOM   1500 C CA    . LEU A 1 228 ? 17.396  7.350   -11.132 1.00 37.63 ? 368 LEU A CA    1 
ATOM   1501 C C     . LEU A 1 228 ? 17.189  8.825   -11.466 1.00 36.43 ? 368 LEU A C     1 
ATOM   1502 O O     . LEU A 1 228 ? 18.108  9.508   -11.915 1.00 37.54 ? 368 LEU A O     1 
ATOM   1503 C CB    . LEU A 1 228 ? 16.620  6.465   -12.113 1.00 37.37 ? 368 LEU A CB    1 
ATOM   1504 C CG    . LEU A 1 228 ? 16.939  6.471   -13.612 1.00 38.35 ? 368 LEU A CG    1 
ATOM   1505 C CD1   . LEU A 1 228 ? 16.183  5.337   -14.281 1.00 36.97 ? 368 LEU A CD1   1 
ATOM   1506 C CD2   . LEU A 1 228 ? 16.560  7.800   -14.236 1.00 34.83 ? 368 LEU A CD2   1 
ATOM   1507 N N     . LEU A 1 229 ? 15.975  9.315   -11.232 1.00 35.55 ? 369 LEU A N     1 
ATOM   1508 C CA    . LEU A 1 229 ? 15.661  10.709  -11.501 1.00 33.21 ? 369 LEU A CA    1 
ATOM   1509 C C     . LEU A 1 229 ? 16.575  11.632  -10.726 1.00 32.49 ? 369 LEU A C     1 
ATOM   1510 O O     . LEU A 1 229 ? 17.055  12.622  -11.268 1.00 32.90 ? 369 LEU A O     1 
ATOM   1511 C CB    . LEU A 1 229 ? 14.204  11.026  -11.144 1.00 31.06 ? 369 LEU A CB    1 
ATOM   1512 C CG    . LEU A 1 229 ? 13.185  10.842  -12.264 1.00 28.32 ? 369 LEU A CG    1 
ATOM   1513 C CD1   . LEU A 1 229 ? 11.821  11.315  -11.810 1.00 28.51 ? 369 LEU A CD1   1 
ATOM   1514 C CD2   . LEU A 1 229 ? 13.636  11.646  -13.478 1.00 29.29 ? 369 LEU A CD2   1 
ATOM   1515 N N     . ASN A 1 230 ? 16.816  11.317  -9.457  1.00 33.34 ? 370 ASN A N     1 
ATOM   1516 C CA    . ASN A 1 230 ? 17.679  12.169  -8.653  1.00 32.66 ? 370 ASN A CA    1 
ATOM   1517 C C     . ASN A 1 230 ? 19.102  12.144  -9.188  1.00 33.66 ? 370 ASN A C     1 
ATOM   1518 O O     . ASN A 1 230 ? 19.700  13.189  -9.428  1.00 33.66 ? 370 ASN A O     1 
ATOM   1519 C CB    . ASN A 1 230 ? 17.680  11.736  -7.198  1.00 31.79 ? 370 ASN A CB    1 
ATOM   1520 C CG    . ASN A 1 230 ? 18.440  12.711  -6.316  1.00 34.69 ? 370 ASN A CG    1 
ATOM   1521 O OD1   . ASN A 1 230 ? 18.050  13.874  -6.182  1.00 34.08 ? 370 ASN A OD1   1 
ATOM   1522 N ND2   . ASN A 1 230 ? 19.537  12.250  -5.720  1.00 34.74 ? 370 ASN A ND2   1 
ATOM   1523 N N     . GLU A 1 231 ? 19.648  10.951  -9.381  1.00 34.11 ? 371 GLU A N     1 
ATOM   1524 C CA    . GLU A 1 231 ? 20.996  10.858  -9.898  1.00 35.63 ? 371 GLU A CA    1 
ATOM   1525 C C     . GLU A 1 231 ? 21.109  11.571  -11.240 1.00 36.09 ? 371 GLU A C     1 
ATOM   1526 O O     . GLU A 1 231 ? 22.107  12.241  -11.510 1.00 36.00 ? 371 GLU A O     1 
ATOM   1527 C CB    . GLU A 1 231 ? 21.424  9.395   -10.000 1.00 36.64 ? 371 GLU A CB    1 
ATOM   1528 C CG    . GLU A 1 231 ? 21.697  8.778   -8.629  1.00 43.26 ? 371 GLU A CG    1 
ATOM   1529 C CD    . GLU A 1 231 ? 22.730  9.570   -7.802  1.00 47.94 ? 371 GLU A CD    1 
ATOM   1530 O OE1   . GLU A 1 231 ? 22.785  9.375   -6.561  1.00 48.54 ? 371 GLU A OE1   1 
ATOM   1531 O OE2   . GLU A 1 231 ? 23.492  10.382  -8.390  1.00 50.40 ? 371 GLU A OE2   1 
ATOM   1532 N N     . ALA A 1 232 ? 20.089  11.449  -12.082 1.00 35.95 ? 372 ALA A N     1 
ATOM   1533 C CA    . ALA A 1 232 ? 20.124  12.137  -13.370 1.00 36.70 ? 372 ALA A CA    1 
ATOM   1534 C C     . ALA A 1 232 ? 20.173  13.653  -13.117 1.00 36.83 ? 372 ALA A C     1 
ATOM   1535 O O     . ALA A 1 232 ? 20.726  14.403  -13.915 1.00 34.75 ? 372 ALA A O     1 
ATOM   1536 C CB    . ALA A 1 232 ? 18.893  11.770  -14.204 1.00 33.65 ? 372 ALA A CB    1 
ATOM   1537 N N     . ALA A 1 233 ? 19.600  14.080  -11.990 1.00 38.53 ? 373 ALA A N     1 
ATOM   1538 C CA    . ALA A 1 233 ? 19.556  15.490  -11.589 1.00 37.56 ? 373 ALA A CA    1 
ATOM   1539 C C     . ALA A 1 233 ? 20.911  15.985  -11.104 1.00 38.62 ? 373 ALA A C     1 
ATOM   1540 O O     . ALA A 1 233 ? 21.244  17.150  -11.297 1.00 39.22 ? 373 ALA A O     1 
ATOM   1541 C CB    . ALA A 1 233 ? 18.518  15.689  -10.490 1.00 35.30 ? 373 ALA A CB    1 
ATOM   1542 N N     . LEU A 1 234 ? 21.679  15.100  -10.466 1.00 40.13 ? 374 LEU A N     1 
ATOM   1543 C CA    . LEU A 1 234 ? 23.015  15.430  -9.958  1.00 40.79 ? 374 LEU A CA    1 
ATOM   1544 C C     . LEU A 1 234 ? 24.054  15.547  -11.079 1.00 41.04 ? 374 LEU A C     1 
ATOM   1545 O O     . LEU A 1 234 ? 24.874  16.465  -11.067 1.00 40.83 ? 374 LEU A O     1 
ATOM   1546 C CB    . LEU A 1 234 ? 23.491  14.374  -8.958  1.00 41.34 ? 374 LEU A CB    1 
ATOM   1547 C CG    . LEU A 1 234 ? 22.794  14.278  -7.602  1.00 41.34 ? 374 LEU A CG    1 
ATOM   1548 C CD1   . LEU A 1 234 ? 23.311  13.046  -6.875  1.00 39.68 ? 374 LEU A CD1   1 
ATOM   1549 C CD2   . LEU A 1 234 ? 23.043  15.543  -6.788  1.00 39.48 ? 374 LEU A CD2   1 
ATOM   1550 N N     . LEU A 1 235 ? 24.032  14.616  -12.031 1.00 40.73 ? 375 LEU A N     1 
ATOM   1551 C CA    . LEU A 1 235 ? 24.977  14.668  -13.145 1.00 42.17 ? 375 LEU A CA    1 
ATOM   1552 C C     . LEU A 1 235 ? 24.769  15.999  -13.851 1.00 44.11 ? 375 LEU A C     1 
ATOM   1553 O O     . LEU A 1 235 ? 25.716  16.605  -14.349 1.00 46.14 ? 375 LEU A O     1 
ATOM   1554 C CB    . LEU A 1 235 ? 24.745  13.505  -14.121 1.00 39.29 ? 375 LEU A CB    1 
ATOM   1555 N N     . ALA A 1 236 ? 23.519  16.455  -13.875 1.00 45.05 ? 376 ALA A N     1 
ATOM   1556 C CA    . ALA A 1 236 ? 23.175  17.722  -14.505 1.00 45.34 ? 376 ALA A CA    1 
ATOM   1557 C C     . ALA A 1 236 ? 23.801  18.889  -13.753 1.00 45.56 ? 376 ALA A C     1 
ATOM   1558 O O     . ALA A 1 236 ? 24.569  19.657  -14.330 1.00 46.17 ? 376 ALA A O     1 
ATOM   1559 C CB    . ALA A 1 236 ? 21.662  17.892  -14.563 1.00 44.76 ? 376 ALA A CB    1 
ATOM   1560 N N     . ALA A 1 237 ? 23.478  19.025  -12.470 1.00 46.40 ? 377 ALA A N     1 
ATOM   1561 C CA    . ALA A 1 237 ? 24.030  20.117  -11.669 1.00 50.04 ? 377 ALA A CA    1 
ATOM   1562 C C     . ALA A 1 237 ? 25.549  19.978  -11.484 1.00 53.00 ? 377 ALA A C     1 
ATOM   1563 O O     . ALA A 1 237 ? 26.279  20.974  -11.522 1.00 51.38 ? 377 ALA A O     1 
ATOM   1564 C CB    . ALA A 1 237 ? 23.341  20.178  -10.320 1.00 50.35 ? 377 ALA A CB    1 
ATOM   1565 N N     . ARG A 1 238 ? 26.017  18.747  -11.289 1.00 56.33 ? 378 ARG A N     1 
ATOM   1566 C CA    . ARG A 1 238 ? 27.444  18.493  -11.113 1.00 59.18 ? 378 ARG A CA    1 
ATOM   1567 C C     . ARG A 1 238 ? 28.231  18.871  -12.367 1.00 60.66 ? 378 ARG A C     1 
ATOM   1568 O O     . ARG A 1 238 ? 29.442  19.081  -12.302 1.00 61.74 ? 378 ARG A O     1 
ATOM   1569 C CB    . ARG A 1 238 ? 27.681  17.025  -10.735 1.00 60.14 ? 378 ARG A CB    1 
ATOM   1570 C CG    . ARG A 1 238 ? 28.751  16.290  -11.530 1.00 60.50 ? 378 ARG A CG    1 
ATOM   1571 C CD    . ARG A 1 238 ? 29.137  15.007  -10.807 1.00 64.16 ? 378 ARG A CD    1 
ATOM   1572 N NE    . ARG A 1 238 ? 27.983  14.360  -10.178 1.00 66.60 ? 378 ARG A NE    1 
ATOM   1573 C CZ    . ARG A 1 238 ? 28.049  13.248  -9.449  1.00 67.31 ? 378 ARG A CZ    1 
ATOM   1574 N NH1   . ARG A 1 238 ? 26.947  12.730  -8.915  1.00 66.72 ? 378 ARG A NH1   1 
ATOM   1575 N NH2   . ARG A 1 238 ? 29.218  12.651  -9.254  1.00 68.15 ? 378 ARG A NH2   1 
ATOM   1576 N N     . GLU A 1 239 ? 27.553  18.946  -13.507 1.00 61.13 ? 379 GLU A N     1 
ATOM   1577 C CA    . GLU A 1 239 ? 28.210  19.354  -14.744 1.00 61.52 ? 379 GLU A CA    1 
ATOM   1578 C C     . GLU A 1 239 ? 27.756  20.778  -15.047 1.00 62.93 ? 379 GLU A C     1 
ATOM   1579 O O     . GLU A 1 239 ? 28.010  21.314  -16.128 1.00 62.98 ? 379 GLU A O     1 
ATOM   1580 C CB    . GLU A 1 239 ? 27.839  18.439  -15.904 1.00 60.67 ? 379 GLU A CB    1 
ATOM   1581 C CG    . GLU A 1 239 ? 28.407  17.047  -15.780 1.00 62.48 ? 379 GLU A CG    1 
ATOM   1582 C CD    . GLU A 1 239 ? 28.239  16.228  -17.049 1.00 64.63 ? 379 GLU A CD    1 
ATOM   1583 O OE1   . GLU A 1 239 ? 28.610  15.032  -17.029 1.00 64.19 ? 379 GLU A OE1   1 
ATOM   1584 O OE2   . GLU A 1 239 ? 27.745  16.773  -18.067 1.00 63.98 ? 379 GLU A OE2   1 
ATOM   1585 N N     . GLY A 1 240 ? 27.069  21.376  -14.073 1.00 62.90 ? 380 GLY A N     1 
ATOM   1586 C CA    . GLY A 1 240 ? 26.590  22.737  -14.211 1.00 62.34 ? 380 GLY A CA    1 
ATOM   1587 C C     . GLY A 1 240 ? 25.449  22.953  -15.187 1.00 61.12 ? 380 GLY A C     1 
ATOM   1588 O O     . GLY A 1 240 ? 24.921  24.063  -15.263 1.00 62.98 ? 380 GLY A O     1 
ATOM   1589 N N     . ARG A 1 241 ? 25.069  21.918  -15.934 1.00 58.77 ? 381 ARG A N     1 
ATOM   1590 C CA    . ARG A 1 241 ? 23.977  22.039  -16.902 1.00 56.02 ? 381 ARG A CA    1 
ATOM   1591 C C     . ARG A 1 241 ? 22.706  22.507  -16.187 1.00 54.05 ? 381 ARG A C     1 
ATOM   1592 O O     . ARG A 1 241 ? 22.494  22.189  -15.015 1.00 53.05 ? 381 ARG A O     1 
ATOM   1593 C CB    . ARG A 1 241 ? 23.737  20.700  -17.602 1.00 56.21 ? 381 ARG A CB    1 
ATOM   1594 N N     . ARG A 1 242 ? 21.875  23.269  -16.893 1.00 51.76 ? 382 ARG A N     1 
ATOM   1595 C CA    . ARG A 1 242 ? 20.639  23.796  -16.317 1.00 50.49 ? 382 ARG A CA    1 
ATOM   1596 C C     . ARG A 1 242 ? 19.411  22.956  -16.656 1.00 49.82 ? 382 ARG A C     1 
ATOM   1597 O O     . ARG A 1 242 ? 18.278  23.356  -16.378 1.00 50.50 ? 382 ARG A O     1 
ATOM   1598 C CB    . ARG A 1 242 ? 20.426  25.234  -16.775 1.00 49.45 ? 382 ARG A CB    1 
ATOM   1599 N N     . LYS A 1 243 ? 19.636  21.787  -17.249 1.00 48.78 ? 383 LYS A N     1 
ATOM   1600 C CA    . LYS A 1 243 ? 18.537  20.907  -17.621 1.00 46.03 ? 383 LYS A CA    1 
ATOM   1601 C C     . LYS A 1 243 ? 18.972  19.460  -17.789 1.00 45.20 ? 383 LYS A C     1 
ATOM   1602 O O     . LYS A 1 243 ? 20.009  19.178  -18.397 1.00 45.73 ? 383 LYS A O     1 
ATOM   1603 C CB    . LYS A 1 243 ? 17.886  21.403  -18.918 1.00 45.03 ? 383 LYS A CB    1 
ATOM   1604 C CG    . LYS A 1 243 ? 16.603  22.196  -18.704 1.00 45.46 ? 383 LYS A CG    1 
ATOM   1605 C CD    . LYS A 1 243 ? 16.218  22.999  -19.937 1.00 46.36 ? 383 LYS A CD    1 
ATOM   1606 C CE    . LYS A 1 243 ? 14.808  23.563  -19.802 1.00 48.10 ? 383 LYS A CE    1 
ATOM   1607 N NZ    . LYS A 1 243 ? 14.567  24.230  -18.488 1.00 48.51 ? 383 LYS A NZ    1 
ATOM   1608 N N     . ILE A 1 244 ? 18.172  18.550  -17.235 1.00 43.10 ? 384 ILE A N     1 
ATOM   1609 C CA    . ILE A 1 244 ? 18.430  17.118  -17.326 1.00 40.87 ? 384 ILE A CA    1 
ATOM   1610 C C     . ILE A 1 244 ? 18.063  16.636  -18.724 1.00 40.58 ? 384 ILE A C     1 
ATOM   1611 O O     . ILE A 1 244 ? 16.926  16.800  -19.171 1.00 40.80 ? 384 ILE A O     1 
ATOM   1612 C CB    . ILE A 1 244 ? 17.567  16.330  -16.340 1.00 41.35 ? 384 ILE A CB    1 
ATOM   1613 C CG1   . ILE A 1 244 ? 17.817  16.831  -14.918 1.00 40.57 ? 384 ILE A CG1   1 
ATOM   1614 C CG2   . ILE A 1 244 ? 17.844  14.831  -16.500 1.00 38.77 ? 384 ILE A CG2   1 
ATOM   1615 C CD1   . ILE A 1 244 ? 16.927  16.179  -13.880 1.00 41.14 ? 384 ILE A CD1   1 
ATOM   1616 N N     . THR A 1 245 ? 19.023  16.033  -19.405 1.00 38.60 ? 385 THR A N     1 
ATOM   1617 C CA    . THR A 1 245 ? 18.800  15.533  -20.748 1.00 37.44 ? 385 THR A CA    1 
ATOM   1618 C C     . THR A 1 245 ? 18.410  14.065  -20.680 1.00 38.22 ? 385 THR A C     1 
ATOM   1619 O O     . THR A 1 245 ? 18.490  13.444  -19.623 1.00 39.91 ? 385 THR A O     1 
ATOM   1620 C CB    . THR A 1 245 ? 20.076  15.663  -21.592 1.00 35.66 ? 385 THR A CB    1 
ATOM   1621 O OG1   . THR A 1 245 ? 21.108  14.851  -21.024 1.00 34.12 ? 385 THR A OG1   1 
ATOM   1622 C CG2   . THR A 1 245 ? 20.550  17.095  -21.616 1.00 35.99 ? 385 THR A CG2   1 
ATOM   1623 N N     . MET A 1 246 ? 17.987  13.507  -21.805 1.00 37.89 ? 386 MET A N     1 
ATOM   1624 C CA    . MET A 1 246 ? 17.622  12.101  -21.842 1.00 37.72 ? 386 MET A CA    1 
ATOM   1625 C C     . MET A 1 246 ? 18.887  11.293  -21.532 1.00 38.93 ? 386 MET A C     1 
ATOM   1626 O O     . MET A 1 246 ? 18.821  10.208  -20.957 1.00 39.45 ? 386 MET A O     1 
ATOM   1627 C CB    . MET A 1 246 ? 17.086  11.728  -23.227 1.00 36.45 ? 386 MET A CB    1 
ATOM   1628 C CG    . MET A 1 246 ? 16.601  10.299  -23.345 1.00 33.61 ? 386 MET A CG    1 
ATOM   1629 S SD    . MET A 1 246 ? 15.164  10.017  -22.312 1.00 31.93 ? 386 MET A SD    1 
ATOM   1630 C CE    . MET A 1 246 ? 14.971  8.227   -22.482 1.00 34.73 ? 386 MET A CE    1 
ATOM   1631 N N     . LYS A 1 247 ? 20.039  11.837  -21.920 1.00 39.30 ? 387 LYS A N     1 
ATOM   1632 C CA    . LYS A 1 247 ? 21.321  11.185  -21.677 1.00 39.19 ? 387 LYS A CA    1 
ATOM   1633 C C     . LYS A 1 247 ? 21.520  10.937  -20.197 1.00 37.32 ? 387 LYS A C     1 
ATOM   1634 O O     . LYS A 1 247 ? 21.712  9.797   -19.761 1.00 34.57 ? 387 LYS A O     1 
ATOM   1635 C CB    . LYS A 1 247 ? 22.467  12.053  -22.184 1.00 43.52 ? 387 LYS A CB    1 
ATOM   1636 C CG    . LYS A 1 247 ? 23.056  11.583  -23.499 1.00 50.35 ? 387 LYS A CG    1 
ATOM   1637 C CD    . LYS A 1 247 ? 23.658  10.190  -23.377 1.00 55.65 ? 387 LYS A CD    1 
ATOM   1638 C CE    . LYS A 1 247 ? 24.408  9.825   -24.648 1.00 60.88 ? 387 LYS A CE    1 
ATOM   1639 N NZ    . LYS A 1 247 ? 25.446  10.860  -24.981 1.00 63.89 ? 387 LYS A NZ    1 
ATOM   1640 N N     . ASP A 1 248 ? 21.488  12.014  -19.425 1.00 35.59 ? 388 ASP A N     1 
ATOM   1641 C CA    . ASP A 1 248 ? 21.651  11.909  -17.987 1.00 35.42 ? 388 ASP A CA    1 
ATOM   1642 C C     . ASP A 1 248 ? 20.770  10.778  -17.472 1.00 34.24 ? 388 ASP A C     1 
ATOM   1643 O O     . ASP A 1 248 ? 21.237  9.883   -16.780 1.00 36.04 ? 388 ASP A O     1 
ATOM   1644 C CB    . ASP A 1 248 ? 21.265  13.227  -17.318 1.00 34.95 ? 388 ASP A CB    1 
ATOM   1645 C CG    . ASP A 1 248 ? 21.975  14.414  -17.931 1.00 35.19 ? 388 ASP A CG    1 
ATOM   1646 O OD1   . ASP A 1 248 ? 23.151  14.258  -18.333 1.00 35.87 ? 388 ASP A OD1   1 
ATOM   1647 O OD2   . ASP A 1 248 ? 21.363  15.503  -18.000 1.00 36.87 ? 388 ASP A OD2   1 
ATOM   1648 N N     . LEU A 1 249 ? 19.494  10.820  -17.833 1.00 34.36 ? 389 LEU A N     1 
ATOM   1649 C CA    . LEU A 1 249 ? 18.540  9.805   -17.423 1.00 33.73 ? 389 LEU A CA    1 
ATOM   1650 C C     . LEU A 1 249 ? 19.041  8.404   -17.764 1.00 35.85 ? 389 LEU A C     1 
ATOM   1651 O O     . LEU A 1 249 ? 19.066  7.521   -16.906 1.00 35.04 ? 389 LEU A O     1 
ATOM   1652 C CB    . LEU A 1 249 ? 17.192  10.076  -18.092 1.00 31.41 ? 389 LEU A CB    1 
ATOM   1653 C CG    . LEU A 1 249 ? 16.444  11.296  -17.546 1.00 28.05 ? 389 LEU A CG    1 
ATOM   1654 C CD1   . LEU A 1 249 ? 15.299  11.664  -18.444 1.00 27.96 ? 389 LEU A CD1   1 
ATOM   1655 C CD2   . LEU A 1 249 ? 15.935  10.979  -16.161 1.00 31.03 ? 389 LEU A CD2   1 
ATOM   1656 N N     . GLU A 1 250 ? 19.448  8.205   -19.011 1.00 38.44 ? 390 GLU A N     1 
ATOM   1657 C CA    . GLU A 1 250 ? 19.950  6.906   -19.440 1.00 42.66 ? 390 GLU A CA    1 
ATOM   1658 C C     . GLU A 1 250 ? 21.201  6.503   -18.660 1.00 44.10 ? 390 GLU A C     1 
ATOM   1659 O O     . GLU A 1 250 ? 21.338  5.352   -18.240 1.00 46.63 ? 390 GLU A O     1 
ATOM   1660 C CB    . GLU A 1 250 ? 20.243  6.930   -20.938 1.00 45.12 ? 390 GLU A CB    1 
ATOM   1661 C CG    . GLU A 1 250 ? 19.007  7.212   -21.783 1.00 49.43 ? 390 GLU A CG    1 
ATOM   1662 C CD    . GLU A 1 250 ? 19.294  7.306   -23.273 1.00 50.35 ? 390 GLU A CD    1 
ATOM   1663 O OE1   . GLU A 1 250 ? 18.378  7.696   -24.033 1.00 51.14 ? 390 GLU A OE1   1 
ATOM   1664 O OE2   . GLU A 1 250 ? 20.428  6.988   -23.688 1.00 49.82 ? 390 GLU A OE2   1 
ATOM   1665 N N     . GLU A 1 251 ? 22.107  7.455   -18.457 1.00 43.85 ? 391 GLU A N     1 
ATOM   1666 C CA    . GLU A 1 251 ? 23.334  7.185   -17.716 1.00 41.78 ? 391 GLU A CA    1 
ATOM   1667 C C     . GLU A 1 251 ? 23.020  6.877   -16.252 1.00 40.64 ? 391 GLU A C     1 
ATOM   1668 O O     . GLU A 1 251 ? 23.431  5.843   -15.739 1.00 42.13 ? 391 GLU A O     1 
ATOM   1669 C CB    . GLU A 1 251 ? 24.291  8.382   -17.818 1.00 41.62 ? 391 GLU A CB    1 
ATOM   1670 N N     . ALA A 1 252 ? 22.284  7.765   -15.590 1.00 39.10 ? 392 ALA A N     1 
ATOM   1671 C CA    . ALA A 1 252 ? 21.925  7.592   -14.186 1.00 41.52 ? 392 ALA A CA    1 
ATOM   1672 C C     . ALA A 1 252 ? 21.496  6.167   -13.849 1.00 44.43 ? 392 ALA A C     1 
ATOM   1673 O O     . ALA A 1 252 ? 21.792  5.648   -12.772 1.00 45.10 ? 392 ALA A O     1 
ATOM   1674 C CB    . ALA A 1 252 ? 20.811  8.561   -13.811 1.00 40.08 ? 392 ALA A CB    1 
ATOM   1675 N N     . ALA A 1 253 ? 20.807  5.540   -14.792 1.00 46.80 ? 393 ALA A N     1 
ATOM   1676 C CA    . ALA A 1 253 ? 20.305  4.183   -14.631 1.00 47.08 ? 393 ALA A CA    1 
ATOM   1677 C C     . ALA A 1 253 ? 21.377  3.097   -14.469 1.00 47.21 ? 393 ALA A C     1 
ATOM   1678 O O     . ALA A 1 253 ? 21.206  2.178   -13.685 1.00 49.15 ? 393 ALA A O     1 
ATOM   1679 C CB    . ALA A 1 253 ? 19.388  3.845   -15.826 1.00 49.70 ? 393 ALA A CB    1 
ATOM   1680 N N     . SER A 1 254 A 22.478  3.193   -15.207 1.00 47.71 ? 393 SER A N     1 
ATOM   1681 C CA    . SER A 1 254 A 23.521  2.171   -15.138 1.00 46.75 ? 393 SER A CA    1 
ATOM   1682 C C     . SER A 1 254 A 24.633  2.442   -14.123 1.00 46.22 ? 393 SER A C     1 
ATOM   1683 O O     . SER A 1 254 A 25.815  2.287   -14.500 1.00 45.38 ? 393 SER A O     1 
ATOM   1684 C CB    . SER A 1 254 A 24.138  1.980   -16.527 1.00 48.65 ? 393 SER A CB    1 
ATOM   1685 O OG    . SER A 1 254 A 24.694  3.193   -17.012 1.00 48.79 ? 393 SER A OG    1 
ATOM   1686 O OXT   . SER A 1 254 A 24.318  2.786   -12.963 1.00 39.64 ? 393 SER A OXT   1 
HETATM 1687 P PB    . ADP B 2 .   ? 4.416   0.382   -1.663  1.00 58.27 ? 1   ADP A PB    1 
HETATM 1688 O O1B   . ADP B 2 .   ? 3.676   -0.142  -0.439  1.00 60.65 ? 1   ADP A O1B   1 
HETATM 1689 O O2B   . ADP B 2 .   ? 5.513   1.327   -1.371  1.00 62.42 ? 1   ADP A O2B   1 
HETATM 1690 O O3B   . ADP B 2 .   ? 4.854   -0.813  -2.549  1.00 59.38 ? 1   ADP A O3B   1 
HETATM 1691 P PA    . ADP B 2 .   ? 2.816   2.648   -2.593  1.00 69.07 ? 1   ADP A PA    1 
HETATM 1692 O O1A   . ADP B 2 .   ? 2.427   2.891   -1.180  1.00 72.20 ? 1   ADP A O1A   1 
HETATM 1693 O O2A   . ADP B 2 .   ? 1.835   2.848   -3.667  1.00 71.07 ? 1   ADP A O2A   1 
HETATM 1694 O O3A   . ADP B 2 .   ? 3.398   1.120   -2.610  1.00 64.95 ? 1   ADP A O3A   1 
HETATM 1695 O "O5'" . ADP B 2 .   ? 4.102   3.565   -2.831  1.00 68.60 ? 1   ADP A "O5'" 1 
HETATM 1696 C "C5'" . ADP B 2 .   ? 4.715   3.615   -4.137  1.00 74.07 ? 1   ADP A "C5'" 1 
HETATM 1697 C "C4'" . ADP B 2 .   ? 4.370   4.918   -4.864  1.00 77.35 ? 1   ADP A "C4'" 1 
HETATM 1698 O "O4'" . ADP B 2 .   ? 4.527   4.647   -6.316  1.00 77.65 ? 1   ADP A "O4'" 1 
HETATM 1699 C "C3'" . ADP B 2 .   ? 2.914   5.429   -4.732  1.00 79.18 ? 1   ADP A "C3'" 1 
HETATM 1700 O "O3'" . ADP B 2 .   ? 2.809   6.487   -3.749  1.00 81.15 ? 1   ADP A "O3'" 1 
HETATM 1701 C "C2'" . ADP B 2 .   ? 2.490   5.951   -6.165  1.00 79.05 ? 1   ADP A "C2'" 1 
HETATM 1702 O "O2'" . ADP B 2 .   ? 2.606   7.405   -6.298  1.00 79.61 ? 1   ADP A "O2'" 1 
HETATM 1703 C "C1'" . ADP B 2 .   ? 3.474   5.232   -7.106  1.00 78.84 ? 1   ADP A "C1'" 1 
HETATM 1704 N N9    . ADP B 2 .   ? 2.789   4.122   -7.921  1.00 78.58 ? 1   ADP A N9    1 
HETATM 1705 C C8    . ADP B 2 .   ? 3.061   2.820   -7.894  1.00 77.42 ? 1   ADP A C8    1 
HETATM 1706 N N7    . ADP B 2 .   ? 2.319   2.141   -8.686  1.00 77.53 ? 1   ADP A N7    1 
HETATM 1707 C C5    . ADP B 2 .   ? 1.481   3.076   -9.290  1.00 77.09 ? 1   ADP A C5    1 
HETATM 1708 C C6    . ADP B 2 .   ? 0.415   3.008   -10.271 1.00 76.05 ? 1   ADP A C6    1 
HETATM 1709 N N6    . ADP B 2 .   ? 0.007   1.831   -10.844 1.00 73.43 ? 1   ADP A N6    1 
HETATM 1710 N N1    . ADP B 2 .   ? -0.199  4.176   -10.632 1.00 76.76 ? 1   ADP A N1    1 
HETATM 1711 C C2    . ADP B 2 .   ? 0.188   5.332   -10.079 1.00 77.49 ? 1   ADP A C2    1 
HETATM 1712 N N3    . ADP B 2 .   ? 1.163   5.491   -9.163  1.00 77.58 ? 1   ADP A N3    1 
HETATM 1713 C C4    . ADP B 2 .   ? 1.771   4.320   -8.810  1.00 78.17 ? 1   ADP A C4    1 
HETATM 1714 O O     . HOH C 3 .   ? 8.811   1.987   26.214  1.00 23.73 ? 401 HOH A O     1 
HETATM 1715 O O     . HOH C 3 .   ? 4.548   0.471   21.618  1.00 16.34 ? 402 HOH A O     1 
HETATM 1716 O O     . HOH C 3 .   ? 9.924   16.406  -24.009 1.00 14.67 ? 403 HOH A O     1 
HETATM 1717 O O     . HOH C 3 .   ? 12.384  9.782   -27.862 1.00 12.63 ? 404 HOH A O     1 
HETATM 1718 O O     . HOH C 3 .   ? -19.302 5.302   6.799   1.00 28.67 ? 405 HOH A O     1 
HETATM 1719 O O     . HOH C 3 .   ? 13.148  7.280   14.662  1.00 29.23 ? 406 HOH A O     1 
HETATM 1720 O O     . HOH C 3 .   ? 0.928   5.226   12.332  1.00 24.56 ? 407 HOH A O     1 
HETATM 1721 O O     . HOH C 3 .   ? -4.510  -18.642 18.788  1.00 63.58 ? 408 HOH A O     1 
HETATM 1722 O O     . HOH C 3 .   ? 15.971  25.028  -15.382 1.00 21.99 ? 409 HOH A O     1 
HETATM 1723 O O     . HOH C 3 .   ? 15.323  6.980   -2.357  1.00 27.83 ? 410 HOH A O     1 
HETATM 1724 O O     . HOH C 3 .   ? -14.851 -15.298 -0.020  1.00 38.70 ? 411 HOH A O     1 
HETATM 1725 O O     . HOH C 3 .   ? -1.993  -0.647  26.723  1.00 26.05 ? 412 HOH A O     1 
HETATM 1726 O O     . HOH C 3 .   ? -14.568 2.107   -11.843 1.00 39.13 ? 413 HOH A O     1 
HETATM 1727 O O     . HOH C 3 .   ? 14.616  8.954   -0.715  1.00 31.68 ? 414 HOH A O     1 
HETATM 1728 O O     . HOH C 3 .   ? 6.571   -1.688  0.967   1.00 37.42 ? 415 HOH A O     1 
HETATM 1729 O O     . HOH C 3 .   ? -0.236  4.674   5.180   1.00 29.84 ? 416 HOH A O     1 
HETATM 1730 O O     . HOH C 3 .   ? 1.531   5.011   7.122   1.00 49.18 ? 417 HOH A O     1 
HETATM 1731 O O     . HOH C 3 .   ? -10.326 9.003   5.617   1.00 28.43 ? 418 HOH A O     1 
HETATM 1732 O O     . HOH C 3 .   ? -6.857  7.873   8.747   1.00 21.15 ? 419 HOH A O     1 
HETATM 1733 O O     . HOH C 3 .   ? -1.223  5.802   14.022  1.00 31.45 ? 420 HOH A O     1 
HETATM 1734 O O     . HOH C 3 .   ? -12.348 -5.413  17.556  1.00 38.63 ? 421 HOH A O     1 
HETATM 1735 O O     . HOH C 3 .   ? 10.401  -11.528 16.402  1.00 37.95 ? 422 HOH A O     1 
HETATM 1736 O O     . HOH C 3 .   ? -7.531  -18.078 15.070  1.00 15.66 ? 423 HOH A O     1 
HETATM 1737 O O     . HOH C 3 .   ? -10.027 -17.275 15.467  1.00 25.15 ? 424 HOH A O     1 
HETATM 1738 O O     . HOH C 3 .   ? 2.118   -5.434  -12.545 1.00 25.33 ? 425 HOH A O     1 
HETATM 1739 O O     . HOH C 3 .   ? 7.015   -6.525  -13.844 1.00 27.84 ? 426 HOH A O     1 
HETATM 1740 O O     . HOH C 3 .   ? 0.690   9.126   -15.697 1.00 43.99 ? 427 HOH A O     1 
HETATM 1741 O O     . HOH C 3 .   ? 20.559  -0.795  -12.161 1.00 56.97 ? 428 HOH A O     1 
HETATM 1742 O O     . HOH C 3 .   ? 18.666  3.174   -10.429 1.00 30.44 ? 429 HOH A O     1 
HETATM 1743 O O     . HOH C 3 .   ? 12.776  0.891   24.709  1.00 41.58 ? 430 HOH A O     1 
HETATM 1744 O O     . HOH C 3 .   ? 14.929  3.710   22.696  1.00 39.99 ? 431 HOH A O     1 
HETATM 1745 O O     . HOH C 3 .   ? 13.948  4.814   24.872  1.00 47.29 ? 432 HOH A O     1 
HETATM 1746 O O     . HOH C 3 .   ? -3.040  -16.340 18.464  1.00 35.69 ? 433 HOH A O     1 
HETATM 1747 O O     . HOH C 3 .   ? 1.417   -13.996 22.423  1.00 43.50 ? 434 HOH A O     1 
HETATM 1748 O O     . HOH C 3 .   ? 6.110   0.953   1.454   1.00 14.31 ? 435 HOH A O     1 
# 
